data_5WTJ
#
_entry.id   5WTJ
#
_cell.length_a   91.658
_cell.length_b   94.231
_cell.length_c   338.218
_cell.angle_alpha   90.00
_cell.angle_beta   90.00
_cell.angle_gamma   90.00
#
_symmetry.space_group_name_H-M   'P 21 21 21'
#
loop_
_entity.id
_entity.type
_entity.pdbx_description
1 polymer 'CRISPR-associated endoribonuclease C2c2'
2 water water
#
_entity_poly.entity_id   1
_entity_poly.type   'polypeptide(L)'
_entity_poly.pdbx_seq_one_letter_code
;(MSE)GNLFGHKRWYEVRDKKDFKIKRKVKVKRNYDGNKYILNINENNNKEKIDNNKFIRKYINYKKNDNILKEFTRKFH
AGNILFKLKGKEGIIRIENNDDFLETEEVVLYIEAYGKSEKLKALGITKKKIIDEAIRQGITKDDKKIEIKRQENEEEIE
IDIRDEYTNKTLNDCSIILRIIENDELETKKSIYEIFKNIN(MSE)SLYKIIEKIIENETEKVFENRYYEEHLREKLLKD
DKIDVILTNF(MSE)EIREKIKSNLEILGFVKFYLNVGGDKKKSKNKK(MSE)LVEKILNINVDLTVEDIADFVIKELEF
WNITKRIEKVKKVNNEFLEKRRNRTYIKSYVLLDKHEKFKIERENKKDKIVKFFVENIKNNSIKEKIEKILAEFKIDELI
KKLEKELKKGNCDTEIFGIFKKHYKVNFDSKKFSKKSDEEKELYKIIYRYLKGRIEKILVNEQKVRLKK(MSE)EKIEIE
KILNESILSEKILKRVKQYTLEHI(MSE)YLGKLRHNDID(MSE)TTVNTDDFSRLHAKEELDLELITFFASTN(MSE)E
LNKIFSRENINNDENIDFFGGDREKNYVLDKKILNSKIKIIRDLDFIDNKNNITNNFIRKFTKIGTNERNRILHAISKER
DLQGTQDDYNKVINIIQNLKISDEEVSKALNLDVVFKDKKNIITKINDIKISEENNNDIKYLPSFSKVLPEILNLYRNNP
KNEPFDTIETEKIVLNALIYVNKELYKKLILEDDLEENESKNIFLQELKKTLGNIDEIDENIIENYYKNAQISASKGNNK
AIKKYQKKVIECYIGYLRKNYEELFDFSDFK(MSE)NIQEIKKQIKDINDNKTYERITVKTSDKTIVINDDFEYIISIFA
LLNSNAVINKIRNRFFATSVWLNTSEYQNIIDILDEI(MSE)QLNTLRNECITENWNLNLEEFIQK(MSE)KEIEKDFDD
FKIQTKKEIFNNYYEDIKNNILTEFKDDINGCDVLEKKLEKIVIFDDETKFEIDKKSNILQDEQRKLSNINKKDLKKKVD
QYIKDKDQEIKSKILCRIIFNSDFLKKYKKEIDNLIED(MSE)ESENENKFQEIYYPKERKNELYIYKKNLFLNIGNPNF
DKIYGLISNDIK(MSE)ADAKFLFNIDGKNIRKNKISEIDAILKNLNDKLNGYSKEYKEKYIKKLKENDDFFAKNIQNKN
YKSFEKDYNRVSEYKKIRDLVEFNYLNKIESYLIDINWKLAIQ(MSE)ARFERD(MSE)HYIVNGLRELGIIKLSGYNTG
ISRAYPKRNGSDGFYTTTAYYKFFDEESYKKFEKICYGFGIDLSENSEINKPENESIRNYISHFYIVRNPFADYSIAEQI
DRVSNLLSYSTRYNNSTYASVFEVFKKDVNLDYDELKKKFKLIGNNDILERL(MSE)KPKKVSVLELESYNSDYIKNLII
ELLTKIENTNDTLLEHHHHHH
;
_entity_poly.pdbx_strand_id   A,B
#
# COMPACT_ATOMS: atom_id res chain seq x y z
N LYS A 350 10.30 16.21 63.02
CA LYS A 350 8.92 16.52 62.71
C LYS A 350 8.38 17.55 63.67
N LYS A 351 8.09 18.76 63.21
CA LYS A 351 8.37 19.27 61.86
C LYS A 351 7.53 18.73 60.73
N ASP A 352 7.58 17.42 60.51
CA ASP A 352 6.85 16.85 59.41
C ASP A 352 5.38 17.10 59.65
N LYS A 353 4.97 17.04 60.89
CA LYS A 353 3.63 17.44 61.30
C LYS A 353 3.30 18.93 61.19
N ILE A 354 4.22 19.79 61.60
CA ILE A 354 3.95 21.22 61.70
C ILE A 354 3.62 21.82 60.35
N VAL A 355 4.14 21.19 59.32
CA VAL A 355 3.73 21.46 57.95
C VAL A 355 2.29 21.03 57.73
N LYS A 356 1.93 19.84 58.23
CA LYS A 356 0.58 19.31 58.02
C LYS A 356 -0.47 20.22 58.66
N PHE A 357 -0.16 20.77 59.82
CA PHE A 357 -1.10 21.65 60.46
C PHE A 357 -1.34 22.84 59.56
N PHE A 358 -0.27 23.38 58.98
CA PHE A 358 -0.39 24.59 58.20
C PHE A 358 -1.26 24.40 56.99
N VAL A 359 -1.11 23.27 56.34
CA VAL A 359 -1.88 23.04 55.13
C VAL A 359 -3.36 23.04 55.44
N GLU A 360 -3.75 22.42 56.54
CA GLU A 360 -5.17 22.37 56.87
C GLU A 360 -5.70 23.78 57.05
N ASN A 361 -4.93 24.60 57.76
CA ASN A 361 -5.25 26.01 57.84
C ASN A 361 -5.09 26.79 56.55
N ILE A 362 -4.05 26.51 55.78
CA ILE A 362 -3.78 27.26 54.57
C ILE A 362 -4.92 27.07 53.60
N LYS A 363 -5.40 25.86 53.45
CA LYS A 363 -6.54 25.59 52.58
C LYS A 363 -7.80 26.26 53.10
N ASN A 364 -7.97 26.25 54.42
CA ASN A 364 -9.19 26.72 55.06
C ASN A 364 -9.24 28.22 55.28
N ASN A 365 -8.20 28.93 54.90
CA ASN A 365 -8.17 30.37 55.05
C ASN A 365 -8.34 30.82 56.48
N SER A 366 -7.72 30.09 57.38
CA SER A 366 -7.72 30.37 58.81
C SER A 366 -6.36 30.75 59.38
N ILE A 367 -5.25 30.43 58.69
CA ILE A 367 -3.96 30.95 59.10
C ILE A 367 -3.95 32.47 59.08
N LYS A 368 -4.62 33.06 58.10
CA LYS A 368 -4.60 34.50 57.95
C LYS A 368 -5.17 35.23 59.12
N GLU A 369 -6.33 34.79 59.57
CA GLU A 369 -6.90 35.32 60.78
C GLU A 369 -6.00 35.01 61.95
N LYS A 370 -5.41 33.82 61.95
CA LYS A 370 -4.62 33.36 63.09
C LYS A 370 -3.27 34.06 63.16
N ILE A 371 -2.74 34.37 61.99
CA ILE A 371 -1.57 35.21 61.83
C ILE A 371 -1.79 36.66 62.25
N GLU A 372 -2.94 37.20 61.87
CA GLU A 372 -3.32 38.57 62.23
C GLU A 372 -3.49 38.77 63.71
N LYS A 373 -4.04 37.77 64.38
CA LYS A 373 -4.29 37.89 65.81
C LYS A 373 -3.02 37.74 66.63
N ILE A 374 -2.14 36.82 66.23
CA ILE A 374 -0.82 36.67 66.84
C ILE A 374 -0.01 37.97 66.74
N LEU A 375 -0.34 38.83 65.77
CA LEU A 375 0.31 40.13 65.65
C LEU A 375 -0.26 41.14 66.64
N ALA A 376 -1.58 41.10 66.89
CA ALA A 376 -2.16 42.02 67.86
C ALA A 376 -1.66 41.74 69.26
N GLU A 377 -1.41 40.46 69.57
CA GLU A 377 -0.90 40.08 70.88
C GLU A 377 0.57 40.44 71.05
N PHE A 378 1.25 40.85 69.98
CA PHE A 378 2.70 40.93 69.97
C PHE A 378 3.37 41.99 70.87
N LYS A 379 2.91 43.24 70.95
CA LYS A 379 1.82 43.84 70.18
C LYS A 379 2.43 44.85 69.20
N ILE A 380 2.03 44.75 67.93
CA ILE A 380 2.77 45.42 66.86
C ILE A 380 2.61 46.92 66.91
N ASP A 381 1.43 47.42 67.23
CA ASP A 381 1.19 48.86 67.19
C ASP A 381 2.08 49.58 68.18
N GLU A 382 2.29 48.96 69.33
CA GLU A 382 2.95 49.59 70.46
C GLU A 382 4.38 50.02 70.18
N LEU A 383 5.13 49.19 69.47
CA LEU A 383 6.57 49.41 69.37
C LEU A 383 6.97 50.72 68.72
N ILE A 384 6.32 51.08 67.62
CA ILE A 384 6.79 52.23 66.86
C ILE A 384 6.70 53.46 67.74
N LYS A 385 5.61 53.60 68.49
CA LYS A 385 5.49 54.74 69.38
C LYS A 385 6.65 54.62 70.35
N LYS A 386 7.00 53.39 70.69
CA LYS A 386 8.08 53.13 71.62
C LYS A 386 9.46 53.63 71.16
N LEU A 387 9.81 53.40 69.90
CA LEU A 387 11.10 53.90 69.41
C LEU A 387 11.13 54.68 68.10
N GLU A 388 10.00 54.78 67.42
CA GLU A 388 9.96 55.08 65.98
C GLU A 388 10.55 56.38 65.49
N LYS A 389 10.37 57.46 66.23
CA LYS A 389 10.63 58.76 65.65
C LYS A 389 12.11 59.04 65.64
N GLU A 390 12.83 58.26 64.85
CA GLU A 390 14.20 58.61 64.50
C GLU A 390 15.29 57.89 65.30
N LEU A 391 14.89 57.26 66.40
CA LEU A 391 15.67 56.23 67.07
C LEU A 391 16.62 56.84 68.07
N LYS A 392 16.97 58.13 67.92
CA LYS A 392 17.34 58.93 69.12
C LYS A 392 18.18 60.26 69.09
N LYS A 393 19.48 60.24 68.82
CA LYS A 393 20.22 61.46 68.59
C LYS A 393 20.26 61.83 67.12
N GLY A 394 20.52 60.87 66.23
CA GLY A 394 21.18 59.61 66.54
C GLY A 394 22.66 59.86 66.76
N ASN A 395 23.33 58.99 67.53
CA ASN A 395 22.75 57.73 67.97
C ASN A 395 22.38 56.92 66.74
N CYS A 396 21.18 56.33 66.72
CA CYS A 396 20.79 55.46 65.63
C CYS A 396 21.56 54.15 65.74
N ASP A 397 22.19 53.95 66.90
CA ASP A 397 22.93 52.74 67.17
C ASP A 397 21.94 51.62 67.25
N THR A 398 22.24 50.50 66.64
CA THR A 398 21.39 49.36 66.78
C THR A 398 21.39 48.92 68.23
N GLU A 399 22.54 49.02 68.88
CA GLU A 399 22.68 48.45 70.22
C GLU A 399 21.45 48.71 71.08
N ILE A 400 20.81 49.84 70.85
CA ILE A 400 19.75 50.24 71.73
C ILE A 400 18.67 49.16 71.70
N PHE A 401 18.44 48.60 70.51
CA PHE A 401 17.65 47.40 70.39
C PHE A 401 18.51 46.20 70.82
N GLY A 402 17.91 45.17 71.40
CA GLY A 402 16.51 44.90 71.16
C GLY A 402 15.60 45.36 72.28
N ILE A 403 14.84 46.40 71.98
CA ILE A 403 13.72 46.79 72.80
C ILE A 403 12.71 45.64 72.74
N PHE A 404 12.85 44.83 71.70
CA PHE A 404 11.90 43.81 71.33
C PHE A 404 11.76 42.80 72.46
N LYS A 405 12.88 42.43 73.07
CA LYS A 405 12.85 41.47 74.16
C LYS A 405 11.99 42.12 75.21
N LYS A 406 12.16 43.43 75.36
CA LYS A 406 11.29 44.19 76.23
C LYS A 406 9.90 44.10 75.67
N HIS A 407 9.78 44.17 74.36
CA HIS A 407 8.47 44.03 73.74
C HIS A 407 7.87 42.65 73.94
N TYR A 408 8.69 41.60 73.79
CA TYR A 408 8.16 40.24 73.83
C TYR A 408 8.41 39.45 75.11
N LYS A 409 9.38 39.86 75.92
CA LYS A 409 9.77 39.03 77.06
C LYS A 409 8.76 38.80 78.19
N VAL A 410 8.00 39.81 78.65
CA VAL A 410 8.02 41.22 78.25
C VAL A 410 7.01 41.52 77.14
N ASN A 411 6.40 40.45 76.65
CA ASN A 411 5.17 40.52 75.87
C ASN A 411 3.94 41.07 76.60
N PHE A 412 3.72 40.71 77.88
CA PHE A 412 4.74 40.17 78.79
C PHE A 412 4.89 38.66 78.71
N ASP A 413 5.83 38.23 77.87
CA ASP A 413 6.23 36.82 77.79
C ASP A 413 5.21 36.05 76.97
N SER A 414 4.19 36.75 76.49
CA SER A 414 3.11 36.09 75.80
C SER A 414 2.57 35.00 76.72
N LYS A 415 2.55 35.29 78.02
CA LYS A 415 2.15 34.32 79.02
C LYS A 415 3.28 33.32 79.25
N LYS A 416 3.03 32.30 80.04
CA LYS A 416 4.01 31.24 80.26
C LYS A 416 4.15 30.38 79.01
N PHE A 417 5.32 29.79 78.81
CA PHE A 417 5.50 28.94 77.64
C PHE A 417 4.30 28.02 77.67
N SER A 418 3.84 27.63 76.48
CA SER A 418 2.57 26.92 76.30
C SER A 418 1.53 28.01 76.34
N LYS A 419 0.25 27.66 76.24
CA LYS A 419 -0.23 26.29 76.20
C LYS A 419 -0.51 25.88 74.76
N LYS A 420 -0.01 26.69 73.84
CA LYS A 420 -0.33 26.57 72.43
C LYS A 420 0.12 25.25 71.85
N SER A 421 1.07 24.61 72.51
CA SER A 421 1.63 23.33 72.09
C SER A 421 2.68 23.61 71.05
N ASP A 422 3.26 22.55 70.49
CA ASP A 422 4.40 22.79 69.62
C ASP A 422 4.02 23.68 68.45
N GLU A 423 2.82 23.45 67.92
CA GLU A 423 2.38 24.05 66.67
C GLU A 423 2.21 25.57 66.53
N GLU A 424 1.70 26.29 67.54
CA GLU A 424 1.55 27.72 67.36
C GLU A 424 2.81 28.49 67.73
N LYS A 425 3.72 27.88 68.49
CA LYS A 425 4.97 28.55 68.82
C LYS A 425 5.79 28.84 67.57
N GLU A 426 5.63 28.01 66.53
CA GLU A 426 6.38 28.24 65.30
C GLU A 426 5.91 29.50 64.59
N LEU A 427 4.60 29.78 64.61
CA LEU A 427 4.10 31.01 64.04
C LEU A 427 4.69 32.23 64.73
N TYR A 428 4.71 32.22 66.06
CA TYR A 428 5.37 33.30 66.80
C TYR A 428 6.86 33.31 66.52
N LYS A 429 7.45 32.15 66.22
CA LYS A 429 8.89 32.06 66.02
C LYS A 429 9.29 32.63 64.67
N ILE A 430 8.51 32.36 63.62
CA ILE A 430 8.80 32.94 62.31
C ILE A 430 8.35 34.39 62.23
N ILE A 431 7.36 34.79 63.03
CA ILE A 431 6.97 36.19 63.07
C ILE A 431 8.05 37.02 63.75
N TYR A 432 8.52 36.56 64.91
CA TYR A 432 9.70 37.21 65.51
C TYR A 432 10.83 37.24 64.50
N ARG A 433 11.03 36.16 63.74
CA ARG A 433 12.06 36.15 62.71
C ARG A 433 11.79 37.23 61.66
N TYR A 434 10.55 37.34 61.20
CA TYR A 434 10.25 38.34 60.18
C TYR A 434 10.17 39.74 60.75
N LEU A 435 9.68 39.91 61.99
CA LEU A 435 9.67 41.24 62.57
C LEU A 435 11.09 41.74 62.79
N LYS A 436 12.02 40.84 63.09
CA LYS A 436 13.44 41.20 63.02
C LYS A 436 13.79 41.68 61.62
N GLY A 437 13.26 41.01 60.58
CA GLY A 437 13.55 41.42 59.22
C GLY A 437 13.08 42.82 58.92
N ARG A 438 11.85 43.15 59.32
CA ARG A 438 11.38 44.53 59.22
C ARG A 438 12.26 45.47 60.02
N ILE A 439 12.66 45.04 61.22
CA ILE A 439 13.59 45.83 62.02
C ILE A 439 14.99 45.77 61.43
N GLU A 440 15.32 44.69 60.72
CA GLU A 440 16.54 44.68 59.93
C GLU A 440 16.44 45.66 58.76
N LYS A 441 15.23 45.88 58.24
CA LYS A 441 15.04 46.89 57.21
C LYS A 441 14.98 48.30 57.79
N ILE A 442 14.50 48.43 59.04
CA ILE A 442 14.38 49.75 59.65
C ILE A 442 15.71 50.49 59.59
N LEU A 443 16.79 49.82 59.99
CA LEU A 443 18.11 50.45 60.05
C LEU A 443 18.79 50.53 58.70
N VAL A 444 18.08 50.34 57.60
CA VAL A 444 18.65 50.67 56.30
C VAL A 444 18.45 52.16 56.01
N ASN A 445 17.54 52.83 56.72
CA ASN A 445 17.43 54.28 56.60
C ASN A 445 18.56 54.98 57.33
N GLU A 446 19.01 54.41 58.45
CA GLU A 446 19.97 55.11 59.32
C GLU A 446 21.30 55.33 58.63
N GLN A 447 21.61 54.57 57.59
CA GLN A 447 22.87 54.68 56.87
C GLN A 447 22.71 55.25 55.47
N LYS A 448 21.54 55.76 55.13
CA LYS A 448 21.33 56.38 53.82
C LYS A 448 20.77 57.80 53.94
N ILE A 457 18.40 56.63 49.79
CA ILE A 457 17.97 57.40 50.95
C ILE A 457 16.51 57.11 51.29
N GLU A 458 16.17 55.85 51.52
CA GLU A 458 14.87 55.51 52.11
C GLU A 458 14.52 56.45 53.27
N ILE A 459 13.29 56.33 53.79
CA ILE A 459 12.80 57.25 54.82
C ILE A 459 13.00 56.74 56.23
N GLU A 460 12.13 55.84 56.70
CA GLU A 460 12.25 55.23 58.04
C GLU A 460 10.96 54.61 58.54
N LYS A 461 9.87 55.05 57.95
CA LYS A 461 8.54 55.01 58.51
C LYS A 461 7.98 53.80 59.28
N ILE A 462 7.25 52.91 58.61
CA ILE A 462 6.39 51.96 59.30
C ILE A 462 6.46 50.46 59.02
N LEU A 463 5.79 49.76 59.93
CA LEU A 463 5.37 48.40 59.71
C LEU A 463 3.91 48.24 60.13
N ASN A 464 2.99 48.81 59.36
CA ASN A 464 1.59 48.83 59.70
C ASN A 464 1.10 47.40 59.63
N GLU A 465 0.19 47.06 60.52
CA GLU A 465 -0.20 45.67 60.70
C GLU A 465 -0.78 45.13 59.40
N SER A 466 -1.50 45.96 58.67
CA SER A 466 -2.15 45.49 57.48
C SER A 466 -1.10 44.95 56.52
N ILE A 467 0.01 45.67 56.39
CA ILE A 467 1.11 45.18 55.56
C ILE A 467 1.78 43.93 56.10
N LEU A 468 2.02 43.91 57.40
CA LEU A 468 2.87 42.90 57.97
C LEU A 468 2.34 41.49 57.82
N SER A 469 1.05 41.32 58.02
CA SER A 469 0.45 40.01 57.85
C SER A 469 0.60 39.57 56.42
N GLU A 470 0.44 40.51 55.50
CA GLU A 470 0.52 40.17 54.09
C GLU A 470 1.90 39.65 53.73
N LYS A 471 2.93 40.28 54.25
CA LYS A 471 4.29 39.79 54.10
C LYS A 471 4.51 38.49 54.84
N ILE A 472 3.96 38.40 56.03
CA ILE A 472 4.06 37.23 56.89
C ILE A 472 3.38 36.00 56.33
N LEU A 473 2.26 36.19 55.65
CA LEU A 473 1.54 35.06 55.14
C LEU A 473 2.44 34.32 54.20
N LYS A 474 3.17 35.05 53.38
CA LYS A 474 4.06 34.43 52.41
C LYS A 474 5.20 33.66 53.05
N ARG A 475 5.79 34.21 54.10
CA ARG A 475 6.89 33.55 54.77
C ARG A 475 6.40 32.23 55.31
N VAL A 476 5.22 32.21 55.91
CA VAL A 476 4.63 30.95 56.35
C VAL A 476 4.43 30.02 55.16
N LYS A 477 3.87 30.54 54.07
CA LYS A 477 3.60 29.70 52.91
C LYS A 477 4.88 29.19 52.26
N GLN A 478 5.91 30.04 52.22
CA GLN A 478 7.22 29.59 51.76
C GLN A 478 7.77 28.50 52.67
N TYR A 479 7.60 28.67 53.98
CA TYR A 479 8.13 27.72 54.97
C TYR A 479 7.69 26.30 54.67
N THR A 480 6.38 26.10 54.51
CA THR A 480 5.86 24.75 54.34
C THR A 480 6.08 24.24 52.91
N LEU A 481 5.97 25.12 51.91
CA LEU A 481 6.15 24.67 50.53
C LEU A 481 7.57 24.21 50.27
N GLU A 482 8.56 24.88 50.89
CA GLU A 482 9.94 24.45 50.73
C GLU A 482 10.16 23.05 51.27
N HIS A 483 9.60 22.76 52.45
CA HIS A 483 9.76 21.43 53.02
C HIS A 483 9.03 20.38 52.21
N ILE A 484 7.83 20.70 51.70
CA ILE A 484 7.10 19.74 50.89
C ILE A 484 7.94 19.31 49.70
N MSE A 485 8.50 20.28 48.98
CA MSE A 485 9.34 19.98 47.82
C MSE A 485 10.63 19.30 48.24
O MSE A 485 11.19 18.51 47.47
CB MSE A 485 9.63 21.26 47.05
CG MSE A 485 8.39 21.89 46.43
SE MSE A 485 8.82 23.52 45.46
CE MSE A 485 7.32 23.52 44.23
N TYR A 486 11.11 19.59 49.45
CA TYR A 486 12.30 18.91 49.95
C TYR A 486 12.05 17.42 50.12
N LEU A 487 10.94 17.07 50.78
CA LEU A 487 10.55 15.66 50.83
C LEU A 487 10.19 15.16 49.44
N GLY A 488 9.59 16.01 48.61
CA GLY A 488 9.33 15.62 47.24
C GLY A 488 10.60 15.35 46.46
N LYS A 489 11.55 16.28 46.50
CA LYS A 489 12.81 16.10 45.78
C LYS A 489 13.49 14.80 46.18
N LEU A 490 13.46 14.46 47.46
CA LEU A 490 14.13 13.25 47.93
C LEU A 490 13.42 12.03 47.36
N ARG A 491 12.16 11.83 47.76
CA ARG A 491 11.41 10.66 47.33
C ARG A 491 11.43 10.50 45.82
N HIS A 492 11.24 11.60 45.08
CA HIS A 492 11.20 11.51 43.62
C HIS A 492 12.39 10.74 43.06
N ASN A 493 13.59 11.13 43.49
CA ASN A 493 14.85 10.51 43.06
C ASN A 493 15.38 9.34 43.89
N ASP A 494 14.66 8.89 44.91
CA ASP A 494 15.09 7.72 45.68
C ASP A 494 16.14 8.05 46.76
N ILE A 495 16.39 9.33 46.99
CA ILE A 495 17.40 9.73 47.95
C ILE A 495 16.97 9.29 49.34
N ASP A 496 17.92 9.07 50.23
CA ASP A 496 17.59 8.66 51.60
C ASP A 496 17.85 9.77 52.61
N MSE A 497 16.81 10.13 53.36
CA MSE A 497 16.87 11.20 54.34
C MSE A 497 17.78 10.84 55.51
O MSE A 497 18.44 11.70 56.10
CB MSE A 497 15.46 11.53 54.85
CG MSE A 497 15.41 12.36 56.14
SE MSE A 497 13.81 13.46 56.30
CE MSE A 497 14.58 14.97 57.29
N THR A 498 17.82 9.55 55.84
CA THR A 498 18.61 9.07 56.97
C THR A 498 20.08 9.39 56.78
N THR A 499 20.64 8.97 55.64
CA THR A 499 22.01 9.29 55.30
C THR A 499 22.10 9.99 53.95
N VAL A 500 22.37 11.29 53.94
CA VAL A 500 22.50 12.04 52.70
C VAL A 500 23.67 12.99 52.78
N ASN A 501 24.57 12.95 51.81
CA ASN A 501 25.90 13.50 51.98
C ASN A 501 26.24 14.99 52.20
N THR A 502 25.65 15.90 51.43
CA THR A 502 26.07 17.32 51.29
C THR A 502 27.06 17.50 50.15
N ASP A 503 27.67 16.39 49.75
CA ASP A 503 28.16 16.13 48.40
C ASP A 503 27.07 15.56 47.50
N ASP A 504 26.34 14.55 47.97
CA ASP A 504 25.34 13.91 47.12
C ASP A 504 24.28 14.89 46.65
N PHE A 505 24.12 16.03 47.34
CA PHE A 505 23.28 17.10 46.82
C PHE A 505 23.95 17.80 45.64
N SER A 506 25.17 18.31 45.86
CA SER A 506 25.88 19.02 44.79
C SER A 506 26.22 18.15 43.60
N ARG A 507 26.14 16.83 43.74
CA ARG A 507 26.19 15.91 42.61
C ARG A 507 24.82 15.70 41.98
N LEU A 508 23.75 16.03 42.71
CA LEU A 508 22.36 16.02 42.24
C LEU A 508 21.95 17.35 41.66
N HIS A 509 22.41 18.46 42.26
CA HIS A 509 22.09 19.78 41.72
C HIS A 509 22.57 19.93 40.29
N ALA A 510 23.60 19.18 39.89
CA ALA A 510 24.12 19.25 38.53
C ALA A 510 23.34 18.37 37.56
N LYS A 511 22.65 17.34 38.06
CA LYS A 511 21.71 16.62 37.22
C LYS A 511 20.38 17.33 37.16
N GLU A 512 19.89 17.82 38.30
CA GLU A 512 18.64 18.55 38.26
C GLU A 512 18.76 19.82 37.44
N GLU A 513 19.91 20.48 37.51
CA GLU A 513 20.23 21.61 36.63
C GLU A 513 20.36 21.25 35.16
N LEU A 514 20.98 20.12 34.88
CA LEU A 514 21.12 19.63 33.51
C LEU A 514 19.81 19.24 32.90
N ASP A 515 18.96 18.64 33.69
CA ASP A 515 17.79 18.00 33.15
C ASP A 515 16.94 19.04 32.45
N LEU A 516 16.88 20.25 32.94
CA LEU A 516 16.12 21.30 32.25
C LEU A 516 16.65 21.64 30.86
N GLU A 517 17.96 21.72 30.70
CA GLU A 517 18.52 22.02 29.40
C GLU A 517 18.25 20.91 28.43
N LEU A 518 18.25 19.68 28.92
CA LEU A 518 17.83 18.52 28.14
C LEU A 518 16.35 18.46 27.80
N ILE A 519 15.50 18.77 28.76
CA ILE A 519 14.07 18.67 28.53
C ILE A 519 13.62 19.65 27.49
N THR A 520 14.20 20.84 27.50
CA THR A 520 13.98 21.87 26.51
C THR A 520 14.55 21.46 25.15
N PHE A 521 15.67 20.74 25.16
CA PHE A 521 16.19 20.16 23.92
C PHE A 521 15.16 19.22 23.30
N PHE A 522 14.40 18.50 24.14
CA PHE A 522 13.25 17.76 23.62
C PHE A 522 12.19 18.70 23.09
N ALA A 523 11.93 19.80 23.80
CA ALA A 523 10.89 20.73 23.39
C ALA A 523 11.24 21.44 22.10
N SER A 524 12.50 21.84 21.94
CA SER A 524 12.90 22.56 20.72
C SER A 524 12.92 21.61 19.52
N THR A 525 13.33 20.37 19.72
CA THR A 525 13.28 19.39 18.64
C THR A 525 11.85 19.12 18.21
N ASN A 526 10.98 18.81 19.18
CA ASN A 526 9.54 18.71 19.01
C ASN A 526 9.01 19.83 18.12
N MSE A 527 9.53 21.04 18.28
CA MSE A 527 9.17 22.16 17.41
C MSE A 527 9.66 21.92 16.00
O MSE A 527 8.94 22.16 15.03
CB MSE A 527 9.76 23.47 17.94
CG MSE A 527 9.50 24.67 17.06
SE MSE A 527 10.94 25.00 15.80
CE MSE A 527 12.30 25.54 17.06
N GLU A 528 10.90 21.45 15.88
CA GLU A 528 11.51 21.32 14.55
C GLU A 528 10.81 20.28 13.72
N LEU A 529 10.15 19.30 14.35
CA LEU A 529 9.42 18.30 13.59
C LEU A 529 8.03 18.80 13.21
N ASN A 530 7.42 19.65 14.03
CA ASN A 530 6.18 20.30 13.63
C ASN A 530 6.38 21.24 12.45
N LYS A 531 7.61 21.69 12.21
CA LYS A 531 7.84 22.50 11.04
C LYS A 531 7.78 21.66 9.76
N ILE A 532 7.83 20.34 9.90
CA ILE A 532 7.91 19.46 8.73
C ILE A 532 6.86 18.35 8.82
N PHE A 533 6.01 18.38 9.85
CA PHE A 533 4.95 17.39 9.98
C PHE A 533 3.70 18.05 10.55
N SER A 534 2.57 17.39 10.39
CA SER A 534 1.34 17.90 10.98
C SER A 534 0.27 16.81 11.12
N ARG A 535 -0.73 17.06 11.93
CA ARG A 535 -1.72 16.04 12.24
C ARG A 535 -2.42 15.62 10.96
N GLU A 536 -2.66 14.33 10.78
CA GLU A 536 -3.42 13.84 9.64
C GLU A 536 -4.85 14.29 9.70
N ASN A 537 -5.41 14.26 10.90
CA ASN A 537 -6.79 14.62 11.13
C ASN A 537 -6.93 15.43 12.41
N ILE A 538 -8.00 16.19 12.52
CA ILE A 538 -8.14 17.18 13.57
C ILE A 538 -8.14 16.65 15.00
N ASN A 539 -7.56 17.45 15.90
CA ASN A 539 -7.53 17.19 17.34
C ASN A 539 -7.74 18.46 18.16
N ASN A 540 -7.96 18.31 19.44
CA ASN A 540 -8.23 19.46 20.29
C ASN A 540 -7.06 20.41 20.24
N ASP A 541 -5.83 19.87 20.27
CA ASP A 541 -4.64 20.69 20.19
C ASP A 541 -3.84 20.27 18.96
N GLU A 542 -3.47 21.25 18.16
CA GLU A 542 -2.98 20.99 16.81
C GLU A 542 -1.50 20.70 16.70
N ASN A 543 -0.75 20.90 17.76
CA ASN A 543 0.67 20.67 17.69
C ASN A 543 0.98 19.33 18.27
N ILE A 544 1.58 18.48 17.45
CA ILE A 544 1.77 17.08 17.79
C ILE A 544 2.76 17.08 18.89
N ASP A 545 2.76 16.04 19.70
CA ASP A 545 3.75 15.93 20.73
C ASP A 545 4.37 14.56 20.68
N PHE A 546 5.21 14.30 19.68
CA PHE A 546 5.96 13.04 19.68
C PHE A 546 6.84 13.15 20.90
N PHE A 547 7.07 12.07 21.60
CA PHE A 547 7.64 12.10 22.96
C PHE A 547 6.53 12.33 23.99
N GLY A 548 5.30 12.36 23.50
CA GLY A 548 4.13 12.49 24.35
C GLY A 548 3.88 11.33 25.28
N GLY A 549 4.02 10.09 24.81
CA GLY A 549 4.39 9.79 23.44
C GLY A 549 3.39 10.27 22.40
N ASP A 550 2.11 10.12 22.68
CA ASP A 550 1.06 10.58 21.78
C ASP A 550 1.08 9.97 20.38
N ARG A 551 1.55 8.72 20.33
CA ARG A 551 1.81 8.00 19.11
C ARG A 551 0.52 7.81 18.38
N GLU A 552 0.53 8.07 17.09
CA GLU A 552 -0.71 8.17 16.38
C GLU A 552 -0.51 8.12 14.90
N LYS A 553 -1.63 8.10 14.20
CA LYS A 553 -1.70 8.35 12.79
C LYS A 553 -1.76 9.87 12.49
N ASN A 554 -1.47 10.25 11.25
CA ASN A 554 -0.73 9.41 10.34
C ASN A 554 0.69 9.29 10.86
N TYR A 555 1.28 10.42 11.23
CA TYR A 555 0.89 11.75 10.75
C TYR A 555 1.35 11.96 9.32
N VAL A 556 1.23 13.19 8.81
CA VAL A 556 1.51 13.44 7.39
C VAL A 556 2.32 14.69 7.07
N LEU A 557 2.94 14.70 5.90
CA LEU A 557 3.93 15.71 5.51
C LEU A 557 3.38 17.10 5.23
N ASP A 558 4.27 18.08 5.32
CA ASP A 558 3.89 19.49 5.29
C ASP A 558 4.68 20.39 4.32
N LYS A 559 4.35 20.33 3.04
CA LYS A 559 4.83 21.32 2.07
C LYS A 559 6.20 21.03 1.45
N LYS A 560 6.87 19.99 1.91
CA LYS A 560 8.09 19.54 1.25
C LYS A 560 9.18 20.62 1.07
N ILE A 561 9.36 21.48 2.06
CA ILE A 561 10.51 22.36 2.09
C ILE A 561 10.45 23.03 3.45
N LEU A 562 11.56 23.56 3.96
CA LEU A 562 12.85 23.54 3.30
C LEU A 562 13.47 22.17 3.29
N ASN A 563 14.10 21.81 2.18
CA ASN A 563 14.74 20.50 2.08
C ASN A 563 16.12 20.56 2.69
N SER A 564 16.18 20.86 3.98
CA SER A 564 17.42 20.67 4.72
C SER A 564 17.15 19.65 5.78
N LYS A 565 16.07 19.87 6.49
CA LYS A 565 15.58 18.91 7.45
C LYS A 565 15.13 17.63 6.80
N ILE A 566 14.50 17.73 5.63
CA ILE A 566 13.83 16.57 5.05
C ILE A 566 14.84 15.61 4.44
N LYS A 567 15.99 16.10 3.99
CA LYS A 567 17.04 15.20 3.56
C LYS A 567 17.55 14.37 4.74
N ILE A 568 17.70 15.01 5.90
CA ILE A 568 18.03 14.28 7.12
C ILE A 568 16.96 13.24 7.41
N ILE A 569 15.68 13.65 7.31
CA ILE A 569 14.60 12.76 7.72
C ILE A 569 14.38 11.65 6.70
N ARG A 570 14.83 11.82 5.45
CA ARG A 570 14.85 10.71 4.51
C ARG A 570 16.16 9.94 4.56
N ASP A 571 17.22 10.55 5.07
CA ASP A 571 18.49 9.85 5.16
C ASP A 571 18.38 8.67 6.12
N LEU A 572 18.10 8.97 7.38
CA LEU A 572 17.45 8.01 8.24
C LEU A 572 16.13 7.62 7.60
N ASP A 573 15.80 6.33 7.63
CA ASP A 573 14.62 5.84 6.92
C ASP A 573 13.37 6.25 7.70
N PHE A 574 13.13 7.55 7.73
CA PHE A 574 11.93 8.06 8.37
C PHE A 574 10.89 8.43 7.33
N ILE A 575 11.18 8.13 6.09
CA ILE A 575 10.25 8.39 5.05
C ILE A 575 10.50 7.34 4.00
N ASP A 576 9.44 6.88 3.38
CA ASP A 576 9.57 6.00 2.25
C ASP A 576 9.36 7.05 1.22
N ASN A 577 10.32 7.17 0.33
CA ASN A 577 10.29 8.26 -0.56
C ASN A 577 9.22 8.14 -1.58
N LYS A 578 8.02 7.99 -1.05
CA LYS A 578 6.77 8.37 -1.62
C LYS A 578 6.26 9.34 -0.59
N ASN A 579 7.10 9.67 0.39
CA ASN A 579 6.72 10.66 1.34
C ASN A 579 5.56 10.21 2.15
N ASN A 580 5.75 9.08 2.81
CA ASN A 580 4.77 8.57 3.71
C ASN A 580 5.50 8.05 4.91
N ILE A 581 5.28 8.68 6.01
CA ILE A 581 6.16 8.47 7.14
C ILE A 581 6.38 6.97 7.31
N THR A 582 7.63 6.57 7.50
CA THR A 582 7.95 5.15 7.59
C THR A 582 7.42 4.56 8.88
N ASN A 583 7.68 3.27 9.03
CA ASN A 583 7.32 2.57 10.25
C ASN A 583 8.37 2.76 11.33
N ASN A 584 9.62 3.03 10.93
CA ASN A 584 10.69 3.18 11.92
C ASN A 584 10.49 4.43 12.76
N PHE A 585 10.01 5.50 12.14
CA PHE A 585 9.71 6.75 12.85
C PHE A 585 8.95 6.51 14.14
N ILE A 586 7.78 5.86 14.03
CA ILE A 586 6.96 5.65 15.21
C ILE A 586 7.47 4.47 16.03
N ARG A 587 8.14 3.51 15.38
CA ARG A 587 8.59 2.33 16.11
C ARG A 587 9.87 2.61 16.90
N LYS A 588 10.73 3.49 16.41
CA LYS A 588 11.98 3.79 17.09
C LYS A 588 12.04 5.23 17.59
N PHE A 589 12.27 6.17 16.66
CA PHE A 589 12.46 7.58 17.00
C PHE A 589 11.54 8.07 18.10
N THR A 590 10.23 8.06 17.85
CA THR A 590 9.29 8.48 18.87
C THR A 590 9.38 7.57 20.09
N LYS A 591 9.30 6.26 19.88
CA LYS A 591 9.20 5.33 21.01
C LYS A 591 10.46 5.35 21.87
N ILE A 592 11.60 5.70 21.31
CA ILE A 592 12.80 5.91 22.12
C ILE A 592 12.72 7.23 22.86
N GLY A 593 12.51 8.32 22.13
CA GLY A 593 12.45 9.64 22.76
C GLY A 593 11.39 9.72 23.82
N THR A 594 10.26 9.06 23.62
CA THR A 594 9.23 9.03 24.65
C THR A 594 9.71 8.28 25.88
N ASN A 595 10.52 7.25 25.69
CA ASN A 595 11.11 6.54 26.82
C ASN A 595 12.23 7.36 27.45
N GLU A 596 13.10 7.92 26.62
CA GLU A 596 14.24 8.66 27.14
C GLU A 596 13.82 9.99 27.76
N ARG A 597 12.80 10.65 27.19
CA ARG A 597 12.29 11.86 27.80
C ARG A 597 11.63 11.56 29.13
N ASN A 598 11.07 10.36 29.29
CA ASN A 598 10.45 9.98 30.55
C ASN A 598 11.52 9.64 31.60
N ARG A 599 12.66 9.14 31.17
CA ARG A 599 13.69 8.79 32.10
C ARG A 599 14.09 10.05 32.81
N ILE A 600 14.21 11.13 32.06
CA ILE A 600 14.58 12.41 32.63
C ILE A 600 13.54 13.09 33.53
N LEU A 601 12.28 13.17 33.10
CA LEU A 601 11.31 13.95 33.84
C LEU A 601 11.02 13.35 35.19
N HIS A 602 10.80 12.06 35.17
CA HIS A 602 10.78 11.25 36.36
C HIS A 602 12.25 11.08 36.58
N ALA A 603 12.67 10.62 37.74
CA ALA A 603 14.07 10.29 37.89
C ALA A 603 14.10 8.80 37.87
N ILE A 604 14.63 8.26 36.79
CA ILE A 604 14.69 6.83 36.63
C ILE A 604 16.15 6.47 36.64
N SER A 605 16.54 5.65 37.59
CA SER A 605 17.81 5.01 37.53
C SER A 605 17.36 3.60 37.37
N LYS A 606 17.74 3.00 36.26
CA LYS A 606 17.35 1.64 36.00
C LYS A 606 18.00 1.27 34.71
N GLU A 607 18.07 -0.01 34.41
CA GLU A 607 18.71 -0.43 33.19
C GLU A 607 17.87 0.00 32.02
N ARG A 608 18.47 0.09 30.84
CA ARG A 608 18.00 0.97 29.81
C ARG A 608 16.81 0.36 29.11
N ASP A 609 15.70 0.30 29.84
CA ASP A 609 14.48 -0.28 29.32
C ASP A 609 14.82 -1.67 28.86
N LEU A 610 15.63 -2.33 29.67
CA LEU A 610 16.22 -3.59 29.31
C LEU A 610 17.03 -3.32 28.05
N GLN A 611 16.87 -4.13 27.02
CA GLN A 611 17.54 -3.83 25.76
C GLN A 611 16.74 -2.79 25.01
N GLY A 612 17.37 -2.09 24.08
CA GLY A 612 16.68 -1.13 23.26
C GLY A 612 17.16 -1.19 21.84
N THR A 613 16.34 -0.70 20.92
CA THR A 613 16.80 -0.48 19.56
C THR A 613 17.75 0.71 19.68
N GLN A 614 18.65 0.87 18.72
CA GLN A 614 18.90 -0.08 17.67
C GLN A 614 19.85 -1.18 18.09
N ASP A 615 19.88 -2.22 17.28
CA ASP A 615 20.75 -3.36 17.45
C ASP A 615 22.11 -3.08 16.85
N ASP A 616 22.47 -1.78 16.81
CA ASP A 616 23.67 -1.19 16.25
C ASP A 616 23.63 -1.15 14.73
N TYR A 617 22.61 -1.74 14.09
CA TYR A 617 22.42 -1.48 12.66
C TYR A 617 21.83 -0.10 12.43
N ASN A 618 21.12 0.45 13.41
CA ASN A 618 20.57 1.79 13.26
C ASN A 618 21.43 2.85 13.92
N LYS A 619 22.30 2.47 14.85
CA LYS A 619 23.39 3.37 15.23
C LYS A 619 24.16 3.78 13.98
N VAL A 620 24.43 2.82 13.09
CA VAL A 620 25.16 3.12 11.85
C VAL A 620 24.36 4.07 10.97
N ILE A 621 23.03 4.04 11.06
CA ILE A 621 22.21 4.95 10.26
C ILE A 621 22.51 6.40 10.62
N ASN A 622 22.82 6.66 11.90
CA ASN A 622 23.23 8.00 12.32
C ASN A 622 24.64 8.33 11.87
N ILE A 623 25.57 7.40 12.10
CA ILE A 623 26.99 7.66 11.82
C ILE A 623 27.20 7.96 10.35
N ILE A 624 26.53 7.21 9.47
CA ILE A 624 26.65 7.44 8.03
C ILE A 624 26.19 8.84 7.67
N GLN A 625 25.21 9.35 8.41
CA GLN A 625 24.77 10.73 8.24
C GLN A 625 25.86 11.71 8.61
N ASN A 626 26.52 11.49 9.74
CA ASN A 626 27.59 12.36 10.20
C ASN A 626 28.79 12.30 9.27
N LEU A 627 28.96 11.20 8.51
CA LEU A 627 29.99 11.16 7.49
C LEU A 627 29.60 12.01 6.28
N LYS A 628 28.43 11.74 5.70
CA LYS A 628 28.05 12.30 4.42
C LYS A 628 27.47 13.72 4.52
N ILE A 629 27.74 14.44 5.61
CA ILE A 629 27.48 15.88 5.65
C ILE A 629 28.76 16.69 5.61
N SER A 630 29.88 16.01 5.43
CA SER A 630 31.15 16.65 5.15
C SER A 630 31.40 16.73 3.65
N ASP A 631 32.51 17.36 3.29
CA ASP A 631 32.85 17.59 1.88
C ASP A 631 34.29 17.13 1.62
N GLU A 632 34.62 16.91 0.35
CA GLU A 632 35.89 16.31 0.02
C GLU A 632 36.97 17.18 0.59
N GLU A 633 38.01 16.52 1.05
CA GLU A 633 39.20 17.18 1.50
C GLU A 633 39.53 18.34 0.58
N VAL A 634 38.95 18.35 -0.61
CA VAL A 634 39.27 19.40 -1.57
C VAL A 634 38.06 20.10 -2.13
N SER A 635 36.86 19.63 -1.79
CA SER A 635 35.71 20.50 -1.95
C SER A 635 35.98 21.76 -1.14
N LYS A 636 36.82 21.63 -0.13
CA LYS A 636 37.09 22.63 0.87
C LYS A 636 38.41 23.36 0.65
N ALA A 637 38.47 24.27 -0.32
CA ALA A 637 39.64 25.12 -0.21
C ALA A 637 39.21 26.52 0.19
N LEU A 638 37.96 26.63 0.63
CA LEU A 638 37.40 27.92 1.05
C LEU A 638 38.19 28.42 2.23
N ASN A 639 38.82 27.50 2.93
CA ASN A 639 39.78 27.87 3.95
C ASN A 639 40.91 28.64 3.28
N LEU A 640 41.01 28.53 1.96
CA LEU A 640 42.05 29.22 1.23
C LEU A 640 43.41 28.75 1.66
N ASP A 641 43.52 27.44 1.82
CA ASP A 641 44.78 26.80 2.15
C ASP A 641 45.76 27.10 1.04
N VAL A 642 45.28 27.12 -0.19
CA VAL A 642 46.16 27.25 -1.34
C VAL A 642 46.91 28.57 -1.26
N VAL A 643 46.34 29.53 -0.54
CA VAL A 643 46.98 30.81 -0.30
C VAL A 643 48.17 30.73 0.65
N PHE A 644 48.33 29.62 1.37
CA PHE A 644 49.43 29.55 2.33
C PHE A 644 50.55 30.32 1.64
N LYS A 645 50.70 30.06 0.34
CA LYS A 645 51.36 30.93 -0.64
C LYS A 645 52.87 31.06 -0.53
N ASP A 646 53.34 31.61 0.58
CA ASP A 646 54.78 31.76 0.77
C ASP A 646 55.36 30.53 1.46
N LYS A 647 54.46 29.63 1.84
CA LYS A 647 54.77 28.31 2.36
C LYS A 647 53.51 27.53 2.08
N LYS A 648 53.55 26.21 2.20
CA LYS A 648 54.77 25.47 2.48
C LYS A 648 54.58 24.03 2.01
N ASN A 649 55.67 23.32 1.77
CA ASN A 649 55.50 21.91 1.44
C ASN A 649 54.88 21.21 2.63
N ILE A 650 54.99 21.84 3.79
CA ILE A 650 54.80 21.19 5.07
C ILE A 650 53.42 20.58 5.10
N ILE A 651 52.46 21.24 4.48
CA ILE A 651 51.12 20.68 4.42
C ILE A 651 51.25 19.35 3.72
N THR A 652 52.10 19.31 2.70
CA THR A 652 52.31 18.09 1.93
C THR A 652 52.86 17.00 2.82
N LYS A 653 53.72 17.39 3.75
CA LYS A 653 54.34 16.44 4.67
C LYS A 653 53.32 15.74 5.55
N ILE A 654 52.26 16.44 5.93
CA ILE A 654 51.30 15.84 6.84
C ILE A 654 50.64 14.57 6.29
N ASN A 655 50.26 14.59 5.02
CA ASN A 655 49.53 13.48 4.41
C ASN A 655 50.28 12.16 4.33
N ASP A 656 51.58 12.22 4.06
CA ASP A 656 52.34 11.08 3.60
C ASP A 656 52.31 9.92 4.58
N ILE A 657 52.39 10.21 5.87
CA ILE A 657 52.32 9.17 6.87
C ILE A 657 50.95 8.55 6.75
N LYS A 658 50.83 7.26 7.03
CA LYS A 658 49.58 6.56 6.76
C LYS A 658 49.02 5.82 7.97
N ILE A 659 47.73 5.54 7.94
CA ILE A 659 47.06 4.89 9.05
C ILE A 659 45.96 3.93 8.60
N SER A 660 45.47 3.09 9.51
CA SER A 660 44.40 2.16 9.19
C SER A 660 43.39 2.00 10.32
N GLU A 661 42.17 1.61 9.96
CA GLU A 661 41.13 1.26 10.91
C GLU A 661 41.39 -0.12 11.52
N GLU A 662 40.83 -0.34 12.71
CA GLU A 662 41.04 -1.56 13.48
C GLU A 662 39.84 -1.83 14.35
N ASN A 663 39.83 -2.98 15.03
CA ASN A 663 38.70 -3.36 15.84
C ASN A 663 38.41 -2.36 16.95
N ASN A 664 39.46 -1.89 17.62
CA ASN A 664 39.24 -1.06 18.80
C ASN A 664 40.45 -0.27 19.28
N ASN A 665 40.20 0.69 20.15
CA ASN A 665 41.24 1.39 20.90
C ASN A 665 42.35 2.10 20.13
N ASP A 666 41.99 2.74 19.02
CA ASP A 666 42.92 3.63 18.38
C ASP A 666 42.34 5.02 18.61
N ILE A 667 43.07 5.85 19.32
CA ILE A 667 42.65 7.23 19.59
C ILE A 667 41.31 7.31 20.32
N LYS A 668 41.00 6.32 21.14
CA LYS A 668 39.71 6.31 21.81
C LYS A 668 39.79 6.79 23.25
N TYR A 669 40.74 6.24 24.00
CA TYR A 669 40.92 6.61 25.41
C TYR A 669 41.37 8.03 25.69
N LEU A 670 42.28 8.51 24.87
CA LEU A 670 42.92 9.78 25.11
C LEU A 670 41.98 10.95 24.87
N PRO A 671 42.42 12.17 25.40
CA PRO A 671 41.36 13.18 25.46
C PRO A 671 40.86 13.57 24.09
N SER A 672 39.63 14.06 24.01
CA SER A 672 39.09 14.54 22.76
C SER A 672 39.84 15.81 22.42
N PHE A 673 39.78 16.20 21.16
CA PHE A 673 40.57 17.30 20.66
C PHE A 673 40.25 18.61 21.36
N SER A 674 38.98 18.86 21.59
CA SER A 674 38.57 20.13 22.17
C SER A 674 39.58 20.64 23.20
N LYS A 675 40.29 19.74 23.86
CA LYS A 675 41.13 20.14 24.98
C LYS A 675 42.50 20.62 24.51
N VAL A 676 43.05 20.02 23.45
CA VAL A 676 44.27 20.53 22.85
C VAL A 676 44.04 21.71 21.92
N LEU A 677 42.78 22.07 21.67
CA LEU A 677 42.50 23.19 20.78
C LEU A 677 43.10 24.51 21.28
N PRO A 678 42.93 24.90 22.55
CA PRO A 678 43.52 26.18 22.97
C PRO A 678 45.04 26.22 22.87
N GLU A 679 45.72 25.14 23.25
CA GLU A 679 47.18 25.19 23.33
C GLU A 679 47.82 25.21 21.94
N ILE A 680 47.26 24.46 21.00
CA ILE A 680 47.68 24.60 19.60
C ILE A 680 47.34 25.99 19.10
N LEU A 681 46.16 26.49 19.46
CA LEU A 681 45.85 27.91 19.23
C LEU A 681 46.80 28.81 19.99
N ASN A 682 47.21 28.40 21.19
CA ASN A 682 47.95 29.31 22.06
C ASN A 682 49.37 29.53 21.56
N LEU A 683 50.01 28.46 21.12
CA LEU A 683 51.42 28.48 20.74
C LEU A 683 51.73 29.40 19.57
N TYR A 684 50.89 29.41 18.55
CA TYR A 684 51.09 30.32 17.43
C TYR A 684 50.97 31.77 17.91
N ARG A 685 49.95 32.03 18.72
CA ARG A 685 49.76 33.32 19.36
C ARG A 685 50.84 33.65 20.39
N ASN A 686 51.26 32.62 21.13
CA ASN A 686 52.19 32.83 22.22
C ASN A 686 53.49 33.39 21.71
N ASN A 687 53.97 32.86 20.58
CA ASN A 687 55.18 33.40 19.99
C ASN A 687 54.89 34.82 19.57
N PRO A 688 55.96 35.72 19.74
CA PRO A 688 55.67 37.05 19.20
C PRO A 688 56.23 37.14 17.79
N LYS A 689 56.85 36.06 17.34
CA LYS A 689 57.56 36.07 16.08
C LYS A 689 56.74 36.76 15.00
N ASN A 690 55.42 36.59 15.03
CA ASN A 690 54.57 37.27 14.06
C ASN A 690 53.78 38.42 14.66
N GLU A 691 53.38 39.37 13.81
CA GLU A 691 52.81 40.64 14.26
C GLU A 691 51.36 40.84 13.82
N PRO A 692 50.65 41.71 14.52
CA PRO A 692 49.19 41.77 14.44
C PRO A 692 48.72 41.98 13.01
N PHE A 693 47.72 41.21 12.61
CA PHE A 693 47.18 41.29 11.26
C PHE A 693 46.22 42.45 11.14
N ASP A 694 45.92 42.81 9.88
CA ASP A 694 44.79 43.68 9.63
C ASP A 694 43.54 43.07 10.25
N THR A 695 42.64 43.94 10.72
CA THR A 695 41.50 43.50 11.52
C THR A 695 40.76 42.35 10.84
N ILE A 696 40.36 41.37 11.64
CA ILE A 696 39.77 40.14 11.12
C ILE A 696 38.36 39.84 11.59
N GLU A 697 37.38 39.67 10.69
CA GLU A 697 37.46 39.76 9.22
C GLU A 697 38.50 38.85 8.54
N THR A 698 39.64 39.42 8.16
CA THR A 698 40.63 38.71 7.38
C THR A 698 41.70 38.01 8.22
N GLU A 699 41.92 38.46 9.45
CA GLU A 699 42.79 37.71 10.35
C GLU A 699 42.25 36.29 10.57
N LYS A 700 40.93 36.16 10.68
CA LYS A 700 40.30 34.86 10.86
C LYS A 700 40.70 33.90 9.74
N ILE A 701 40.72 34.36 8.51
CA ILE A 701 40.89 33.42 7.43
C ILE A 701 42.20 32.67 7.57
N VAL A 702 43.24 33.36 8.03
CA VAL A 702 44.50 32.69 8.34
C VAL A 702 44.36 31.70 9.48
N LEU A 703 43.68 32.11 10.55
CA LEU A 703 43.52 31.27 11.73
C LEU A 703 42.69 30.02 11.44
N ASN A 704 41.62 30.18 10.69
CA ASN A 704 40.74 29.07 10.45
C ASN A 704 41.47 27.96 9.72
N ALA A 705 42.34 28.33 8.79
CA ALA A 705 43.13 27.33 8.11
C ALA A 705 44.03 26.67 9.13
N LEU A 706 44.59 27.44 10.04
CA LEU A 706 45.50 26.89 11.02
C LEU A 706 44.82 25.90 11.96
N ILE A 707 43.63 26.24 12.42
CA ILE A 707 42.88 25.35 13.28
C ILE A 707 42.49 24.09 12.55
N TYR A 708 42.08 24.22 11.30
CA TYR A 708 41.62 23.07 10.57
C TYR A 708 42.74 22.08 10.40
N VAL A 709 43.94 22.58 10.11
CA VAL A 709 45.02 21.68 9.81
C VAL A 709 45.33 20.80 10.99
N ASN A 710 45.38 21.38 12.19
CA ASN A 710 45.66 20.61 13.40
C ASN A 710 44.59 19.60 13.71
N LYS A 711 43.34 19.97 13.55
CA LYS A 711 42.26 19.02 13.76
C LYS A 711 42.53 17.72 13.02
N GLU A 712 43.04 17.83 11.79
CA GLU A 712 43.44 16.63 11.05
C GLU A 712 44.76 16.08 11.57
N LEU A 713 45.69 16.97 11.95
CA LEU A 713 47.02 16.53 12.37
C LEU A 713 46.94 15.66 13.62
N TYR A 714 46.16 16.11 14.61
CA TYR A 714 45.86 15.28 15.78
C TYR A 714 45.29 13.93 15.36
N LYS A 715 44.33 13.95 14.42
CA LYS A 715 43.66 12.72 14.02
C LYS A 715 44.64 11.73 13.39
N LYS A 716 45.57 12.22 12.57
CA LYS A 716 46.53 11.33 11.93
C LYS A 716 47.45 10.67 12.95
N LEU A 717 48.00 11.47 13.88
CA LEU A 717 49.11 11.02 14.71
C LEU A 717 48.76 9.77 15.52
N ILE A 718 47.52 9.67 16.00
CA ILE A 718 47.21 8.56 16.90
C ILE A 718 46.81 7.32 16.12
N LEU A 719 46.06 7.49 15.03
CA LEU A 719 45.82 6.35 14.16
C LEU A 719 47.08 5.88 13.46
N GLU A 720 48.19 6.58 13.61
CA GLU A 720 49.42 6.19 12.93
C GLU A 720 49.90 4.82 13.40
N ASP A 721 50.21 4.02 12.40
CA ASP A 721 50.90 2.75 12.45
C ASP A 721 52.37 3.08 12.54
N ASP A 722 53.20 2.09 12.84
CA ASP A 722 54.62 2.34 12.91
C ASP A 722 55.05 2.82 11.54
N LEU A 723 55.90 3.84 11.51
CA LEU A 723 56.25 4.45 10.24
C LEU A 723 57.67 4.06 9.87
N GLU A 724 57.82 3.44 8.70
CA GLU A 724 59.13 3.03 8.25
C GLU A 724 59.75 2.07 9.28
N GLU A 725 60.97 2.36 9.72
CA GLU A 725 61.66 1.56 10.73
C GLU A 725 61.36 2.05 12.15
N ASN A 726 60.48 3.04 12.25
CA ASN A 726 60.11 3.66 13.52
C ASN A 726 61.07 4.76 13.97
N GLU A 727 61.98 5.14 13.08
CA GLU A 727 62.99 6.16 13.37
C GLU A 727 63.14 7.11 12.18
N SER A 728 63.84 8.23 12.38
CA SER A 728 64.37 8.63 13.68
C SER A 728 63.43 9.11 14.81
N LYS A 729 62.55 10.05 14.49
CA LYS A 729 61.93 10.90 15.51
C LYS A 729 60.77 10.29 16.31
N ASN A 730 60.26 9.17 15.83
CA ASN A 730 59.24 8.43 16.57
C ASN A 730 57.88 8.79 16.12
N ILE A 731 57.02 7.83 15.88
CA ILE A 731 55.57 7.76 15.96
C ILE A 731 55.08 8.31 17.26
N PHE A 732 53.99 9.06 17.23
CA PHE A 732 53.65 9.81 18.44
C PHE A 732 53.37 8.94 19.65
N LEU A 733 52.82 7.73 19.58
CA LEU A 733 52.42 6.93 20.72
C LEU A 733 53.65 6.40 21.41
N GLN A 734 54.62 5.96 20.63
CA GLN A 734 55.80 5.38 21.22
C GLN A 734 56.35 6.37 22.21
N GLU A 735 56.33 7.63 21.83
CA GLU A 735 56.93 8.67 22.67
C GLU A 735 56.03 9.00 23.87
N LEU A 736 54.72 9.04 23.65
CA LEU A 736 53.78 9.13 24.77
C LEU A 736 53.99 7.99 25.76
N LYS A 737 53.93 6.75 25.26
CA LYS A 737 54.17 5.57 26.12
C LYS A 737 55.49 5.69 26.87
N LYS A 738 56.52 6.20 26.19
CA LYS A 738 57.82 6.35 26.83
C LYS A 738 57.78 7.36 27.97
N THR A 739 57.10 8.49 27.78
CA THR A 739 56.95 9.44 28.89
C THR A 739 56.20 8.81 30.05
N LEU A 740 55.13 8.05 29.77
CA LEU A 740 54.36 7.42 30.85
C LEU A 740 55.18 6.37 31.58
N GLY A 741 55.88 5.51 30.85
CA GLY A 741 56.73 4.53 31.49
C GLY A 741 58.04 5.14 31.99
N ASN A 742 58.67 4.41 32.90
CA ASN A 742 60.03 4.75 33.29
C ASN A 742 61.01 4.29 32.21
N ILE A 743 62.28 4.67 32.38
CA ILE A 743 63.29 4.35 31.38
C ILE A 743 63.34 2.85 31.15
N ASP A 744 63.50 2.45 29.89
CA ASP A 744 63.61 1.09 29.37
C ASP A 744 62.27 0.35 29.35
N GLU A 745 61.16 0.99 29.72
CA GLU A 745 59.85 0.33 29.76
C GLU A 745 58.94 0.76 28.62
N ILE A 746 59.50 1.37 27.57
CA ILE A 746 58.68 1.79 26.44
C ILE A 746 58.04 0.58 25.75
N ASP A 747 56.90 0.84 25.09
CA ASP A 747 56.02 -0.12 24.43
C ASP A 747 55.06 -0.76 25.43
N GLU A 748 54.32 -1.79 24.97
CA GLU A 748 53.18 -2.44 25.62
C GLU A 748 51.96 -1.50 25.61
N ASN A 749 50.84 -1.93 26.20
CA ASN A 749 49.58 -1.19 26.13
C ASN A 749 49.42 -0.24 27.32
N ILE A 750 50.29 0.77 27.37
CA ILE A 750 50.24 1.69 28.51
C ILE A 750 48.98 2.55 28.45
N ILE A 751 48.64 3.02 27.26
CA ILE A 751 47.48 3.90 27.11
C ILE A 751 46.15 3.24 27.44
N GLU A 752 45.96 2.01 26.98
CA GLU A 752 44.70 1.34 27.22
C GLU A 752 44.53 1.12 28.72
N ASN A 753 45.58 0.63 29.37
CA ASN A 753 45.58 0.44 30.82
C ASN A 753 45.58 1.71 31.66
N TYR A 754 46.35 2.70 31.23
CA TYR A 754 46.51 3.90 32.04
C TYR A 754 45.22 4.68 32.22
N TYR A 755 44.45 4.82 31.16
CA TYR A 755 43.18 5.49 31.30
C TYR A 755 42.31 4.68 32.22
N LYS A 756 42.28 3.37 32.04
CA LYS A 756 41.45 2.56 32.91
C LYS A 756 41.94 2.67 34.34
N ASN A 757 43.24 2.69 34.55
CA ASN A 757 43.74 2.83 35.89
C ASN A 757 43.20 4.12 36.48
N ALA A 758 43.21 5.17 35.67
CA ALA A 758 42.73 6.47 36.12
C ALA A 758 41.23 6.68 36.28
N GLN A 759 40.43 5.83 35.66
CA GLN A 759 39.00 5.82 35.92
C GLN A 759 38.80 5.15 37.26
N ILE A 760 39.58 4.12 37.51
CA ILE A 760 39.63 3.52 38.83
C ILE A 760 40.14 4.62 39.77
N SER A 761 41.15 5.35 39.32
CA SER A 761 41.65 6.46 40.11
C SER A 761 40.59 7.54 40.27
N ALA A 762 39.90 7.82 39.17
CA ALA A 762 38.78 8.76 39.15
C ALA A 762 37.61 8.29 39.99
N SER A 763 37.37 6.98 39.95
CA SER A 763 36.22 6.38 40.62
C SER A 763 36.28 6.60 42.11
N LYS A 764 37.48 6.57 42.67
CA LYS A 764 37.64 6.62 44.12
C LYS A 764 37.06 7.89 44.73
N GLY A 765 37.24 9.01 44.04
CA GLY A 765 36.62 10.25 44.44
C GLY A 765 37.51 11.47 44.32
N ASN A 766 38.84 11.30 44.38
CA ASN A 766 39.73 12.41 44.09
C ASN A 766 39.39 12.91 42.69
N ASN A 767 38.86 14.14 42.60
CA ASN A 767 38.17 14.57 41.39
C ASN A 767 39.11 15.07 40.31
N LYS A 768 40.38 15.30 40.64
CA LYS A 768 41.38 15.71 39.67
C LYS A 768 42.14 14.54 39.05
N ALA A 769 41.83 13.29 39.40
CA ALA A 769 42.56 12.15 38.87
C ALA A 769 42.40 12.04 37.36
N ILE A 770 41.16 11.88 36.90
CA ILE A 770 40.88 11.81 35.46
C ILE A 770 41.51 13.01 34.75
N LYS A 771 41.25 14.22 35.26
CA LYS A 771 41.75 15.42 34.62
C LYS A 771 43.28 15.43 34.57
N LYS A 772 43.94 14.83 35.57
CA LYS A 772 45.40 14.87 35.59
C LYS A 772 45.99 14.06 34.45
N TYR A 773 45.45 12.86 34.20
CA TYR A 773 45.92 12.07 33.06
C TYR A 773 45.76 12.85 31.75
N GLN A 774 44.58 13.44 31.55
CA GLN A 774 44.35 14.16 30.30
C GLN A 774 45.35 15.29 30.12
N LYS A 775 45.59 16.06 31.18
CA LYS A 775 46.55 17.14 31.10
C LYS A 775 47.94 16.60 30.79
N LYS A 776 48.19 15.35 31.12
CA LYS A 776 49.49 14.75 30.81
C LYS A 776 49.62 14.45 29.32
N VAL A 777 48.52 14.08 28.66
CA VAL A 777 48.59 13.80 27.23
C VAL A 777 48.66 15.08 26.42
N ILE A 778 47.85 16.09 26.77
CA ILE A 778 47.83 17.35 26.04
C ILE A 778 49.24 17.93 25.94
N GLU A 779 49.91 18.00 27.09
CA GLU A 779 51.23 18.60 27.19
C GLU A 779 52.24 17.85 26.36
N CYS A 780 52.15 16.53 26.31
CA CYS A 780 53.05 15.75 25.47
C CYS A 780 52.84 16.09 24.00
N TYR A 781 51.58 16.27 23.58
CA TYR A 781 51.31 16.62 22.19
C TYR A 781 51.96 17.95 21.83
N ILE A 782 51.76 18.98 22.65
CA ILE A 782 52.41 20.26 22.39
C ILE A 782 53.92 20.07 22.34
N GLY A 783 54.46 19.25 23.25
CA GLY A 783 55.85 18.86 23.13
C GLY A 783 56.11 18.06 21.87
N TYR A 784 55.20 17.16 21.52
CA TYR A 784 55.35 16.39 20.29
C TYR A 784 55.26 17.27 19.05
N LEU A 785 54.52 18.37 19.13
CA LEU A 785 54.33 19.25 17.98
C LEU A 785 55.47 20.24 17.79
N ARG A 786 56.04 20.74 18.89
CA ARG A 786 57.01 21.83 18.76
C ARG A 786 58.35 21.34 18.22
N LYS A 787 58.77 20.13 18.61
CA LYS A 787 60.04 19.62 18.11
C LYS A 787 59.94 19.23 16.64
N ASN A 788 58.89 18.48 16.28
CA ASN A 788 58.77 17.93 14.94
C ASN A 788 58.21 18.94 13.95
N TYR A 789 57.30 19.81 14.37
CA TYR A 789 56.62 20.74 13.48
C TYR A 789 56.72 22.17 13.99
N GLU A 790 57.90 22.59 14.43
CA GLU A 790 58.05 23.98 14.85
C GLU A 790 57.86 24.93 13.67
N GLU A 791 58.42 24.58 12.52
CA GLU A 791 58.32 25.44 11.34
C GLU A 791 56.88 25.71 10.97
N LEU A 792 55.97 24.78 11.24
CA LEU A 792 54.65 24.88 10.64
C LEU A 792 54.04 26.22 10.95
N PHE A 793 54.28 26.74 12.14
CA PHE A 793 53.66 27.99 12.54
C PHE A 793 54.49 29.19 12.09
N ASP A 794 55.55 28.93 11.33
CA ASP A 794 56.40 30.00 10.81
C ASP A 794 55.57 30.92 9.92
N PHE A 795 55.71 32.23 10.11
CA PHE A 795 54.92 33.18 9.34
C PHE A 795 55.69 34.34 8.68
N SER A 796 55.38 34.59 7.40
CA SER A 796 56.00 35.68 6.68
C SER A 796 55.64 37.00 7.35
N ASP A 797 54.37 37.16 7.70
CA ASP A 797 53.23 36.45 7.12
C ASP A 797 52.85 36.74 5.67
N PHE A 798 52.82 38.02 5.28
CA PHE A 798 52.24 38.32 3.99
C PHE A 798 51.55 39.68 3.99
N LYS A 799 50.92 40.06 2.89
CA LYS A 799 50.11 41.27 2.84
C LYS A 799 48.91 41.13 3.76
N MSE A 800 48.57 42.24 4.42
CA MSE A 800 47.58 42.31 5.48
C MSE A 800 46.20 41.87 5.07
O MSE A 800 45.51 41.13 5.78
CB MSE A 800 47.49 43.78 5.87
CG MSE A 800 47.78 44.04 7.36
SE MSE A 800 48.53 45.85 7.68
CE MSE A 800 47.86 46.17 9.52
N ASN A 801 45.76 42.37 3.93
CA ASN A 801 44.46 42.02 3.39
C ASN A 801 44.15 42.55 2.00
N ILE A 802 43.18 41.93 1.35
CA ILE A 802 42.69 42.40 0.08
C ILE A 802 43.76 42.25 -0.99
N GLN A 803 44.89 42.88 -0.75
CA GLN A 803 46.08 42.64 -1.55
C GLN A 803 46.46 41.21 -1.25
N GLU A 804 46.32 40.86 0.02
CA GLU A 804 46.34 39.47 0.42
C GLU A 804 45.15 38.78 -0.24
N ILE A 805 44.07 39.54 -0.35
CA ILE A 805 42.91 39.12 -1.11
C ILE A 805 43.42 38.87 -2.52
N LYS A 806 42.84 39.53 -3.51
CA LYS A 806 43.30 39.55 -4.88
C LYS A 806 43.67 38.17 -5.27
N LYS A 807 44.71 37.68 -4.61
CA LYS A 807 45.09 36.30 -4.74
C LYS A 807 43.88 35.48 -4.41
N GLN A 808 43.54 35.40 -3.13
CA GLN A 808 42.43 34.50 -2.90
C GLN A 808 41.51 34.54 -4.11
N ILE A 809 41.32 35.73 -4.65
CA ILE A 809 40.49 35.92 -5.83
C ILE A 809 41.07 35.20 -7.04
N LYS A 810 42.38 35.24 -7.19
CA LYS A 810 43.02 34.73 -8.39
C LYS A 810 42.78 33.24 -8.59
N ASP A 811 42.83 32.48 -7.52
CA ASP A 811 42.59 31.06 -7.64
C ASP A 811 41.19 30.87 -8.16
N ILE A 812 40.26 31.68 -7.63
CA ILE A 812 38.90 31.70 -8.11
C ILE A 812 38.90 32.25 -9.52
N ASN A 813 38.07 31.68 -10.38
CA ASN A 813 37.97 32.10 -11.77
C ASN A 813 39.09 31.46 -12.58
N ASP A 814 39.94 30.74 -11.87
CA ASP A 814 40.87 29.81 -12.46
C ASP A 814 40.20 28.45 -12.33
N ASN A 815 39.32 28.13 -13.27
CA ASN A 815 38.65 26.84 -13.31
C ASN A 815 39.67 25.74 -13.53
N LYS A 816 40.66 26.03 -14.36
CA LYS A 816 41.82 25.18 -14.47
C LYS A 816 42.49 25.33 -13.12
N THR A 817 43.26 24.34 -12.71
CA THR A 817 43.68 24.22 -11.34
C THR A 817 44.48 25.43 -10.87
N TYR A 818 44.35 25.74 -9.59
CA TYR A 818 44.99 26.90 -8.96
C TYR A 818 46.51 26.92 -8.95
N GLU A 819 47.17 25.78 -8.73
CA GLU A 819 46.51 24.50 -8.51
C GLU A 819 46.36 24.27 -7.02
N ARG A 820 45.13 24.02 -6.62
CA ARG A 820 44.80 23.92 -5.21
C ARG A 820 45.44 22.70 -4.53
N ILE A 821 45.98 22.95 -3.34
CA ILE A 821 46.49 21.91 -2.46
C ILE A 821 45.36 21.19 -1.75
N THR A 822 45.65 20.02 -1.20
CA THR A 822 44.64 19.27 -0.47
C THR A 822 45.24 18.55 0.74
N VAL A 823 44.41 18.21 1.72
CA VAL A 823 44.84 17.43 2.88
C VAL A 823 44.18 16.05 2.86
N LYS A 824 44.98 15.00 2.84
CA LYS A 824 44.41 13.66 2.61
C LYS A 824 43.36 13.38 3.67
N THR A 825 42.11 13.21 3.29
CA THR A 825 41.10 13.08 4.34
C THR A 825 40.65 11.65 4.64
N SER A 826 41.09 11.15 5.78
CA SER A 826 40.74 9.82 6.17
C SER A 826 39.26 9.96 6.39
N ASP A 827 38.62 8.94 6.97
CA ASP A 827 37.18 9.01 7.21
C ASP A 827 36.80 8.71 8.66
N LYS A 828 35.67 9.27 9.11
CA LYS A 828 35.35 9.37 10.53
C LYS A 828 34.91 8.09 11.21
N THR A 829 35.39 7.88 12.41
CA THR A 829 34.88 6.81 13.21
C THR A 829 34.19 7.46 14.36
N ILE A 830 32.92 7.72 14.16
CA ILE A 830 32.00 8.04 15.25
C ILE A 830 31.51 6.73 15.86
N VAL A 831 31.07 6.77 17.10
CA VAL A 831 30.50 5.59 17.76
C VAL A 831 29.44 6.03 18.76
N ILE A 832 28.32 5.30 18.77
CA ILE A 832 27.20 5.57 19.65
C ILE A 832 27.03 4.34 20.53
N ASN A 833 27.56 4.41 21.76
CA ASN A 833 27.50 3.26 22.66
C ASN A 833 26.12 3.09 23.27
N ASP A 834 25.43 4.19 23.57
CA ASP A 834 24.16 4.14 24.27
C ASP A 834 22.99 4.30 23.30
N ASP A 835 21.78 4.21 23.85
CA ASP A 835 20.62 4.77 23.18
C ASP A 835 20.48 6.26 23.49
N PHE A 836 21.02 6.69 24.63
CA PHE A 836 20.98 8.11 25.00
C PHE A 836 21.85 8.93 24.06
N GLU A 837 23.05 8.44 23.74
CA GLU A 837 23.88 9.12 22.75
C GLU A 837 23.28 9.05 21.35
N TYR A 838 22.25 8.23 21.16
CA TYR A 838 21.67 8.00 19.84
C TYR A 838 20.68 9.10 19.46
N ILE A 839 19.76 9.45 20.36
CA ILE A 839 18.78 10.48 20.01
C ILE A 839 19.39 11.87 20.08
N ILE A 840 20.26 12.12 21.06
CA ILE A 840 20.95 13.40 21.11
C ILE A 840 21.71 13.65 19.81
N SER A 841 22.20 12.58 19.18
CA SER A 841 22.85 12.75 17.88
C SER A 841 21.84 12.94 16.76
N ILE A 842 20.63 12.42 16.91
CA ILE A 842 19.57 12.74 15.96
C ILE A 842 19.05 14.15 16.20
N PHE A 843 18.84 14.51 17.47
CA PHE A 843 18.24 15.81 17.79
C PHE A 843 19.10 16.95 17.24
N ALA A 844 20.41 16.83 17.34
CA ALA A 844 21.30 17.86 16.81
C ALA A 844 21.25 17.89 15.28
N LEU A 845 21.00 16.75 14.64
CA LEU A 845 20.82 16.75 13.20
C LEU A 845 19.49 17.33 12.76
N LEU A 846 18.67 17.81 13.70
CA LEU A 846 17.42 18.48 13.39
C LEU A 846 17.28 19.86 14.01
N ASN A 847 18.27 20.33 14.77
CA ASN A 847 18.18 21.62 15.45
C ASN A 847 19.15 22.61 14.83
N SER A 848 19.20 23.80 15.43
CA SER A 848 20.13 24.85 15.02
C SER A 848 21.48 24.61 15.68
N ASN A 849 22.53 25.20 15.10
CA ASN A 849 23.80 25.23 15.80
C ASN A 849 23.67 25.99 17.10
N ALA A 850 22.84 27.04 17.11
CA ALA A 850 22.68 27.83 18.33
C ALA A 850 21.94 27.06 19.40
N VAL A 851 21.25 25.98 19.03
CA VAL A 851 20.53 25.14 19.97
C VAL A 851 21.37 23.96 20.44
N ILE A 852 22.18 23.39 19.54
CA ILE A 852 23.13 22.36 19.93
C ILE A 852 24.16 22.94 20.88
N ASN A 853 24.64 24.16 20.60
CA ASN A 853 25.69 24.74 21.42
C ASN A 853 25.24 24.99 22.84
N LYS A 854 23.95 25.24 23.06
CA LYS A 854 23.48 25.53 24.40
C LYS A 854 23.38 24.27 25.26
N ILE A 855 23.27 23.10 24.65
CA ILE A 855 23.20 21.86 25.43
C ILE A 855 24.59 21.24 25.48
N ARG A 856 25.38 21.44 24.43
CA ARG A 856 26.76 20.97 24.43
C ARG A 856 27.54 21.62 25.55
N ASN A 857 27.45 22.93 25.68
CA ASN A 857 28.13 23.63 26.77
C ASN A 857 27.57 23.27 28.13
N ARG A 858 26.37 22.67 28.19
CA ARG A 858 25.83 22.18 29.44
C ARG A 858 26.21 20.73 29.69
N PHE A 859 26.34 19.93 28.63
CA PHE A 859 27.00 18.63 28.78
C PHE A 859 28.42 18.81 29.29
N PHE A 860 29.15 19.78 28.75
CA PHE A 860 30.51 20.02 29.19
C PHE A 860 30.54 20.58 30.61
N ALA A 861 29.68 21.56 30.90
CA ALA A 861 29.67 22.17 32.22
C ALA A 861 29.25 21.18 33.30
N THR A 862 28.38 20.23 32.94
CA THR A 862 28.01 19.19 33.89
C THR A 862 29.10 18.13 34.03
N SER A 863 29.95 17.98 33.01
CA SER A 863 31.11 17.11 33.14
C SER A 863 32.05 17.62 34.23
N VAL A 864 32.42 18.90 34.16
CA VAL A 864 33.38 19.46 35.10
C VAL A 864 32.81 19.53 36.51
N TRP A 865 31.48 19.54 36.65
CA TRP A 865 30.87 19.64 37.97
C TRP A 865 30.95 18.30 38.70
N LEU A 866 30.56 17.22 38.04
CA LEU A 866 30.65 15.89 38.62
C LEU A 866 32.04 15.28 38.47
N ASN A 867 32.93 15.93 37.74
CA ASN A 867 34.30 15.47 37.54
C ASN A 867 34.32 14.08 36.92
N THR A 868 33.35 13.81 36.04
CA THR A 868 33.07 12.46 35.53
C THR A 868 33.39 12.00 34.10
N SER A 869 32.99 12.75 33.09
CA SER A 869 33.22 12.33 31.72
C SER A 869 32.36 11.21 31.10
N GLU A 870 31.17 10.93 31.62
CA GLU A 870 30.24 10.03 30.92
C GLU A 870 29.76 10.62 29.61
N TYR A 871 29.47 11.91 29.65
CA TYR A 871 29.00 12.70 28.53
C TYR A 871 30.11 13.17 27.60
N GLN A 872 31.34 12.68 27.76
CA GLN A 872 32.44 13.23 26.96
C GLN A 872 32.35 12.81 25.49
N ASN A 873 31.70 11.68 25.18
CA ASN A 873 31.64 11.26 23.79
C ASN A 873 30.52 11.97 23.03
N ILE A 874 29.35 12.12 23.65
CA ILE A 874 28.27 12.82 22.97
C ILE A 874 28.62 14.29 22.76
N ILE A 875 29.44 14.87 23.64
CA ILE A 875 29.98 16.21 23.40
C ILE A 875 30.73 16.24 22.07
N ASP A 876 31.66 15.31 21.90
CA ASP A 876 32.47 15.28 20.68
C ASP A 876 31.59 15.06 19.45
N ILE A 877 30.56 14.23 19.59
CA ILE A 877 29.60 14.07 18.50
C ILE A 877 28.87 15.38 18.26
N LEU A 878 28.49 16.08 19.34
CA LEU A 878 27.85 17.37 19.20
C LEU A 878 28.81 18.42 18.66
N ASP A 879 30.05 18.44 19.16
CA ASP A 879 31.08 19.29 18.57
C ASP A 879 31.37 18.89 17.13
N GLU A 880 31.13 17.62 16.79
CA GLU A 880 31.35 17.17 15.42
C GLU A 880 30.30 17.75 14.48
N ILE A 881 29.02 17.56 14.81
CA ILE A 881 27.96 17.99 13.92
C ILE A 881 28.00 19.49 13.71
N MSE A 882 28.34 20.24 14.74
CA MSE A 882 28.43 21.70 14.63
C MSE A 882 29.41 22.12 13.56
O MSE A 882 29.12 22.95 12.71
CB MSE A 882 28.85 22.30 15.98
CG MSE A 882 27.79 22.30 17.05
SE MSE A 882 28.10 23.71 18.34
CE MSE A 882 27.96 22.62 19.93
N GLN A 883 30.61 21.52 13.60
CA GLN A 883 31.68 21.97 12.72
C GLN A 883 31.43 21.56 11.27
N LEU A 884 30.67 20.49 11.04
CA LEU A 884 30.37 20.13 9.67
C LEU A 884 29.32 21.03 9.06
N ASN A 885 28.49 21.68 9.88
CA ASN A 885 27.48 22.61 9.36
C ASN A 885 28.13 23.93 8.95
N THR A 886 28.94 24.52 9.84
CA THR A 886 29.47 25.85 9.56
C THR A 886 30.41 25.84 8.37
N LEU A 887 31.16 24.78 8.19
CA LEU A 887 31.99 24.70 7.02
C LEU A 887 31.11 24.70 5.80
N ARG A 888 29.97 24.06 5.89
CA ARG A 888 29.06 23.96 4.76
C ARG A 888 28.27 25.19 4.55
N ASN A 889 28.20 26.06 5.53
CA ASN A 889 27.60 27.35 5.33
C ASN A 889 28.67 28.37 5.09
N GLU A 890 29.92 28.00 5.27
CA GLU A 890 31.02 28.90 5.05
C GLU A 890 31.68 28.57 3.78
N CYS A 891 31.70 27.31 3.45
CA CYS A 891 32.33 26.93 2.19
C CYS A 891 31.47 27.09 0.97
N ILE A 892 30.27 26.54 1.04
CA ILE A 892 29.40 26.56 -0.12
C ILE A 892 28.92 27.95 -0.45
N THR A 893 28.46 28.69 0.51
CA THR A 893 27.83 29.87 0.09
C THR A 893 28.80 30.83 -0.52
N GLU A 894 29.94 31.05 0.09
CA GLU A 894 30.68 32.28 -0.16
C GLU A 894 31.09 32.49 -1.56
N ASN A 895 32.31 32.12 -1.89
CA ASN A 895 32.70 32.05 -3.27
C ASN A 895 32.76 30.59 -3.62
N TRP A 896 31.63 29.94 -3.69
CA TRP A 896 31.56 28.58 -4.13
C TRP A 896 30.79 28.77 -5.33
N ASN A 897 29.60 28.21 -5.32
CA ASN A 897 28.70 28.38 -6.45
C ASN A 897 28.67 29.86 -6.74
N LEU A 898 28.64 30.64 -5.68
CA LEU A 898 28.86 32.07 -5.72
C LEU A 898 27.54 32.74 -5.98
N ASN A 899 27.36 33.93 -5.46
CA ASN A 899 26.13 34.64 -5.71
C ASN A 899 25.92 35.08 -7.16
N LEU A 900 26.99 35.50 -7.80
CA LEU A 900 26.92 36.45 -8.90
C LEU A 900 26.21 35.99 -10.17
N GLU A 901 25.80 37.01 -10.92
CA GLU A 901 24.81 37.02 -12.00
C GLU A 901 23.47 36.45 -11.54
N GLU A 902 22.81 37.13 -10.59
CA GLU A 902 21.67 36.53 -9.89
C GLU A 902 20.55 36.15 -10.85
N PHE A 903 20.11 37.10 -11.68
CA PHE A 903 19.06 36.81 -12.65
C PHE A 903 19.38 35.56 -13.46
N ILE A 904 20.67 35.35 -13.76
CA ILE A 904 21.09 34.18 -14.50
C ILE A 904 21.18 32.93 -13.61
N GLN A 905 21.73 33.07 -12.41
CA GLN A 905 21.86 31.91 -11.53
C GLN A 905 20.50 31.35 -11.14
N LYS A 906 19.53 32.22 -10.87
CA LYS A 906 18.18 31.77 -10.58
C LYS A 906 17.65 30.85 -11.68
N MSE A 907 18.04 31.11 -12.93
CA MSE A 907 17.65 30.23 -14.02
C MSE A 907 18.25 28.84 -13.86
O MSE A 907 17.57 27.83 -14.09
CB MSE A 907 18.10 30.82 -15.36
CG MSE A 907 17.37 32.12 -15.72
SE MSE A 907 15.47 31.95 -15.85
CE MSE A 907 15.39 30.84 -17.46
N LYS A 908 19.52 28.76 -13.47
CA LYS A 908 20.20 27.48 -13.36
C LYS A 908 19.55 26.59 -12.30
N GLU A 909 19.26 27.15 -11.12
CA GLU A 909 18.63 26.36 -10.07
C GLU A 909 17.20 25.98 -10.45
N ILE A 910 16.50 26.84 -11.17
CA ILE A 910 15.21 26.45 -11.74
C ILE A 910 15.37 25.22 -12.64
N GLU A 911 16.47 25.15 -13.39
CA GLU A 911 16.74 23.97 -14.19
C GLU A 911 17.11 22.77 -13.33
N LYS A 912 17.68 23.03 -12.16
CA LYS A 912 18.09 21.97 -11.26
C LYS A 912 16.91 21.25 -10.66
N ASP A 913 15.71 21.74 -10.92
CA ASP A 913 14.45 21.11 -10.44
C ASP A 913 13.89 19.98 -11.30
N PHE A 914 14.05 18.74 -10.82
CA PHE A 914 13.67 17.54 -11.56
C PHE A 914 14.07 16.18 -10.94
N ASP A 915 13.77 15.97 -9.67
CA ASP A 915 13.91 14.69 -8.97
C ASP A 915 15.25 14.41 -8.29
N ASP A 916 15.28 14.51 -6.96
CA ASP A 916 16.48 14.27 -6.17
C ASP A 916 15.91 13.92 -4.80
N PHE A 917 16.46 12.97 -4.04
CA PHE A 917 15.87 12.69 -2.72
C PHE A 917 16.82 12.60 -1.52
N LYS A 918 17.58 11.51 -1.44
CA LYS A 918 18.28 11.06 -0.23
C LYS A 918 19.67 10.53 -0.51
N ILE A 919 20.45 10.31 0.55
CA ILE A 919 21.80 9.77 0.38
C ILE A 919 21.72 8.28 0.11
N GLN A 920 22.59 7.81 -0.76
CA GLN A 920 22.27 6.63 -1.56
C GLN A 920 23.43 5.66 -1.63
N THR A 921 23.10 4.38 -1.47
CA THR A 921 24.09 3.34 -1.23
C THR A 921 24.89 3.05 -2.49
N LYS A 922 26.15 2.65 -2.30
CA LYS A 922 27.05 2.43 -3.42
C LYS A 922 26.51 1.36 -4.36
N LYS A 923 25.97 0.27 -3.81
CA LYS A 923 25.37 -0.74 -4.69
C LYS A 923 24.05 -0.26 -5.26
N GLU A 924 23.30 0.54 -4.50
CA GLU A 924 22.09 1.16 -5.04
C GLU A 924 22.44 2.16 -6.15
N ILE A 925 23.64 2.74 -6.12
CA ILE A 925 24.10 3.56 -7.23
C ILE A 925 24.45 2.69 -8.43
N PHE A 926 25.08 1.54 -8.18
CA PHE A 926 25.51 0.67 -9.26
C PHE A 926 24.32 0.20 -10.11
N ASN A 927 23.20 -0.13 -9.47
CA ASN A 927 22.03 -0.58 -10.22
C ASN A 927 21.40 0.56 -11.01
N ASN A 928 21.42 1.79 -10.47
CA ASN A 928 20.67 2.88 -11.08
C ASN A 928 21.37 3.45 -12.30
N TYR A 929 22.69 3.59 -12.24
CA TYR A 929 23.44 4.00 -13.43
C TYR A 929 24.14 2.80 -14.05
N TYR A 930 23.37 1.82 -14.54
CA TYR A 930 23.98 0.60 -15.01
C TYR A 930 24.57 0.78 -16.41
N GLU A 931 23.73 1.15 -17.38
CA GLU A 931 24.18 1.27 -18.76
C GLU A 931 25.35 2.23 -18.89
N ASP A 932 25.33 3.31 -18.13
CA ASP A 932 26.45 4.23 -18.12
C ASP A 932 27.74 3.62 -17.56
N ILE A 933 27.66 2.89 -16.46
CA ILE A 933 28.80 2.14 -15.94
C ILE A 933 29.19 1.03 -16.91
N LYS A 934 28.18 0.31 -17.43
CA LYS A 934 28.43 -0.72 -18.43
C LYS A 934 29.19 -0.14 -19.62
N ASN A 935 28.59 0.87 -20.27
CA ASN A 935 29.21 1.46 -21.45
C ASN A 935 30.59 2.03 -21.15
N ASN A 936 30.83 2.47 -19.91
CA ASN A 936 32.14 3.01 -19.56
C ASN A 936 33.19 1.92 -19.36
N ILE A 937 32.75 0.70 -19.03
CA ILE A 937 33.68 -0.42 -18.88
C ILE A 937 33.97 -1.03 -20.25
N LEU A 938 32.94 -1.18 -21.08
CA LEU A 938 33.13 -1.74 -22.42
C LEU A 938 34.05 -0.87 -23.25
N THR A 939 34.01 0.45 -23.05
CA THR A 939 34.92 1.36 -23.73
C THR A 939 36.30 1.37 -23.11
N GLU A 940 36.52 0.63 -22.02
CA GLU A 940 37.82 0.52 -21.39
C GLU A 940 38.46 -0.85 -21.57
N PHE A 941 37.74 -1.81 -22.14
CA PHE A 941 38.25 -3.15 -22.35
C PHE A 941 38.14 -3.49 -23.84
N LYS A 942 39.29 -3.49 -24.52
CA LYS A 942 39.35 -3.60 -25.98
C LYS A 942 39.19 -5.02 -26.50
N ASP A 943 39.50 -6.03 -25.68
CA ASP A 943 39.37 -7.41 -26.14
C ASP A 943 37.91 -7.79 -26.30
N ASP A 944 37.64 -8.59 -27.34
CA ASP A 944 36.29 -9.02 -27.66
C ASP A 944 35.80 -10.03 -26.62
N ILE A 945 36.54 -10.14 -25.51
CA ILE A 945 36.06 -10.91 -24.37
C ILE A 945 34.83 -10.25 -23.75
N ASN A 946 34.83 -8.92 -23.69
CA ASN A 946 33.72 -8.20 -23.09
C ASN A 946 32.41 -8.41 -23.83
N GLY A 947 32.46 -8.85 -25.09
CA GLY A 947 31.24 -9.21 -25.78
C GLY A 947 30.40 -10.19 -24.99
N CYS A 948 31.05 -11.15 -24.33
CA CYS A 948 30.35 -12.00 -23.38
C CYS A 948 30.06 -11.24 -22.09
N ASP A 949 30.97 -10.33 -21.73
CA ASP A 949 30.85 -9.57 -20.49
C ASP A 949 29.79 -8.47 -20.59
N VAL A 950 29.46 -8.02 -21.81
CA VAL A 950 28.38 -7.05 -21.98
C VAL A 950 27.11 -7.55 -21.32
N LEU A 951 26.61 -8.71 -21.78
CA LEU A 951 25.32 -9.19 -21.32
C LEU A 951 25.39 -9.70 -19.88
N GLU A 952 26.48 -10.37 -19.52
CA GLU A 952 26.59 -11.02 -18.22
C GLU A 952 27.34 -10.16 -17.19
N LYS A 953 27.28 -8.83 -17.32
CA LYS A 953 27.94 -7.99 -16.35
C LYS A 953 27.18 -7.96 -15.03
N LYS A 954 25.86 -8.00 -15.09
CA LYS A 954 25.07 -8.27 -13.89
C LYS A 954 25.49 -9.61 -13.31
N LEU A 955 25.23 -9.79 -12.01
CA LEU A 955 25.58 -11.01 -11.28
C LEU A 955 27.09 -11.19 -11.17
N GLU A 956 27.78 -11.05 -12.29
CA GLU A 956 29.22 -11.29 -12.35
C GLU A 956 30.02 -10.21 -11.64
N LYS A 957 29.36 -9.12 -11.28
CA LYS A 957 29.99 -8.14 -10.42
C LYS A 957 29.11 -8.07 -9.20
N ILE A 958 29.72 -8.30 -8.04
CA ILE A 958 29.05 -8.43 -6.74
C ILE A 958 29.78 -9.55 -6.03
N LYS A 966 25.52 -3.60 1.65
CA LYS A 966 24.88 -2.62 0.78
C LYS A 966 25.95 -1.69 0.27
N PHE A 967 26.66 -1.01 1.17
CA PHE A 967 27.84 -0.27 0.74
C PHE A 967 28.77 -1.34 0.27
N GLU A 968 29.49 -1.10 -0.81
CA GLU A 968 30.20 -2.19 -1.45
C GLU A 968 31.19 -2.78 -0.49
N ILE A 969 31.30 -4.11 -0.43
CA ILE A 969 30.39 -5.07 -1.04
C ILE A 969 30.61 -5.43 -2.51
N ASP A 970 31.68 -4.96 -3.11
CA ASP A 970 31.99 -5.33 -4.48
C ASP A 970 32.69 -6.68 -4.45
N LYS A 971 32.49 -7.48 -5.46
CA LYS A 971 33.37 -8.58 -5.72
C LYS A 971 33.03 -9.06 -7.10
N LYS A 972 33.90 -9.85 -7.70
CA LYS A 972 33.53 -10.61 -8.87
C LYS A 972 33.55 -12.03 -8.37
N SER A 973 32.43 -12.75 -8.50
CA SER A 973 32.37 -14.06 -7.85
C SER A 973 33.39 -15.02 -8.43
N ASN A 974 33.46 -15.12 -9.75
CA ASN A 974 32.34 -14.77 -10.61
C ASN A 974 31.64 -16.08 -10.95
N ILE A 975 30.38 -16.16 -10.55
CA ILE A 975 29.55 -17.34 -10.78
C ILE A 975 28.12 -16.91 -11.04
N LEU A 976 27.37 -17.80 -11.68
CA LEU A 976 26.09 -17.53 -12.32
C LEU A 976 26.43 -17.19 -13.76
N GLN A 977 27.72 -17.07 -14.02
CA GLN A 977 28.27 -17.14 -15.37
C GLN A 977 28.77 -18.55 -15.66
N ASP A 978 28.72 -18.90 -16.94
CA ASP A 978 29.15 -20.21 -17.41
C ASP A 978 30.34 -20.14 -18.36
N GLU A 979 30.42 -19.05 -19.10
CA GLU A 979 31.57 -18.78 -19.93
C GLU A 979 32.60 -18.01 -19.12
N GLN A 980 33.18 -18.67 -18.13
CA GLN A 980 34.17 -18.02 -17.30
C GLN A 980 35.32 -17.65 -18.21
N ARG A 981 35.62 -18.57 -19.12
CA ARG A 981 36.80 -18.49 -19.95
C ARG A 981 36.81 -17.29 -20.88
N LYS A 982 35.70 -17.04 -21.55
CA LYS A 982 35.63 -15.87 -22.40
C LYS A 982 35.73 -14.63 -21.54
N LEU A 983 35.02 -14.67 -20.43
CA LEU A 983 34.95 -13.59 -19.46
C LEU A 983 36.27 -13.37 -18.78
N SER A 984 37.05 -14.43 -18.64
CA SER A 984 38.24 -14.42 -17.82
C SER A 984 39.34 -13.45 -18.21
N ASN A 985 39.61 -13.28 -19.49
CA ASN A 985 40.77 -12.48 -19.86
C ASN A 985 40.82 -11.11 -19.23
N ILE A 986 39.66 -10.55 -18.90
CA ILE A 986 39.56 -9.20 -18.38
C ILE A 986 40.31 -9.01 -17.07
N ASN A 987 40.29 -10.02 -16.22
CA ASN A 987 41.00 -9.99 -14.96
C ASN A 987 40.15 -9.35 -13.88
N LYS A 988 40.65 -9.27 -12.65
CA LYS A 988 39.76 -8.76 -11.62
C LYS A 988 40.14 -7.37 -11.12
N LYS A 989 41.41 -7.16 -10.85
CA LYS A 989 41.79 -5.93 -10.16
C LYS A 989 41.46 -4.71 -10.98
N ASP A 990 41.70 -4.82 -12.27
CA ASP A 990 41.49 -3.74 -13.21
C ASP A 990 40.03 -3.42 -13.51
N LEU A 991 39.11 -4.29 -13.11
CA LEU A 991 37.69 -4.05 -13.30
C LEU A 991 37.02 -3.57 -12.03
N LYS A 992 37.28 -4.24 -10.90
CA LYS A 992 36.79 -3.73 -9.62
C LYS A 992 37.58 -2.50 -9.16
N LYS A 993 38.50 -2.03 -9.95
CA LYS A 993 39.02 -0.70 -9.72
C LYS A 993 38.51 0.27 -10.74
N LYS A 994 37.60 -0.14 -11.60
CA LYS A 994 37.13 0.77 -12.61
C LYS A 994 35.65 0.78 -12.64
N VAL A 995 35.08 0.47 -11.51
CA VAL A 995 33.73 0.68 -11.23
C VAL A 995 33.70 1.40 -9.93
N ASP A 996 34.23 0.73 -8.94
CA ASP A 996 34.57 1.42 -7.71
C ASP A 996 35.11 2.82 -7.96
N GLN A 997 35.79 3.02 -9.10
CA GLN A 997 36.27 4.34 -9.48
C GLN A 997 35.03 5.08 -9.98
N TYR A 998 34.42 4.62 -11.07
CA TYR A 998 33.14 5.16 -11.49
C TYR A 998 32.10 5.62 -10.47
N ILE A 999 31.82 4.79 -9.46
CA ILE A 999 30.92 5.21 -8.39
C ILE A 999 31.55 6.32 -7.56
N LYS A 1000 32.88 6.44 -7.57
CA LYS A 1000 33.52 7.57 -6.92
C LYS A 1000 33.20 8.87 -7.66
N ASP A 1001 32.98 8.80 -8.98
CA ASP A 1001 32.72 9.97 -9.79
C ASP A 1001 31.24 10.19 -10.08
N LYS A 1002 30.37 9.28 -9.65
CA LYS A 1002 28.93 9.51 -9.71
C LYS A 1002 28.30 9.47 -8.32
N ASP A 1003 29.12 9.67 -7.28
CA ASP A 1003 28.61 9.85 -5.93
C ASP A 1003 29.00 11.21 -5.36
N GLN A 1004 30.08 11.82 -5.85
CA GLN A 1004 30.32 13.23 -5.63
C GLN A 1004 29.48 14.09 -6.56
N GLU A 1005 29.18 13.60 -7.76
CA GLU A 1005 28.33 14.35 -8.67
C GLU A 1005 26.95 14.59 -8.07
N ILE A 1006 26.38 13.57 -7.43
CA ILE A 1006 25.14 13.76 -6.69
C ILE A 1006 25.36 14.46 -5.36
N LYS A 1007 26.60 14.57 -4.90
CA LYS A 1007 26.89 15.33 -3.69
C LYS A 1007 26.89 16.83 -3.97
N SER A 1008 27.48 17.24 -5.09
CA SER A 1008 27.38 18.63 -5.52
C SER A 1008 25.95 19.00 -5.91
N LYS A 1009 25.13 18.00 -6.15
CA LYS A 1009 23.70 18.20 -6.33
C LYS A 1009 23.13 18.60 -4.99
N ILE A 1010 23.69 18.02 -3.94
CA ILE A 1010 23.21 18.34 -2.61
C ILE A 1010 23.45 19.81 -2.33
N LEU A 1011 24.61 20.32 -2.70
CA LEU A 1011 24.86 21.75 -2.53
C LEU A 1011 24.02 22.67 -3.41
N CYS A 1012 23.87 22.38 -4.69
CA CYS A 1012 23.13 23.28 -5.57
C CYS A 1012 21.67 23.34 -5.16
N ARG A 1013 21.11 22.19 -4.87
CA ARG A 1013 19.78 22.08 -4.32
C ARG A 1013 20.06 22.31 -2.86
N ILE A 1014 19.03 22.35 -2.03
CA ILE A 1014 19.28 22.50 -0.62
C ILE A 1014 19.73 23.92 -0.35
N ILE A 1015 21.03 24.13 -0.21
CA ILE A 1015 21.50 25.39 0.31
C ILE A 1015 21.04 26.52 -0.62
N PHE A 1016 21.14 26.31 -1.92
CA PHE A 1016 20.72 27.33 -2.87
C PHE A 1016 19.39 26.95 -3.44
N ASN A 1017 18.43 27.84 -3.30
CA ASN A 1017 17.11 27.60 -3.80
C ASN A 1017 16.83 28.73 -4.76
N SER A 1018 16.05 28.44 -5.77
CA SER A 1018 15.53 29.44 -6.69
C SER A 1018 14.62 30.43 -5.98
N ASP A 1019 13.81 29.95 -5.03
CA ASP A 1019 12.92 30.83 -4.30
C ASP A 1019 13.65 31.58 -3.19
N PHE A 1020 14.55 30.90 -2.47
CA PHE A 1020 15.40 31.59 -1.51
C PHE A 1020 16.11 32.78 -2.14
N LEU A 1021 16.75 32.55 -3.27
CA LEU A 1021 17.59 33.57 -3.90
C LEU A 1021 16.82 34.79 -4.34
N LYS A 1022 15.64 34.58 -4.87
CA LYS A 1022 14.85 35.66 -5.43
C LYS A 1022 14.57 36.64 -4.33
N LYS A 1023 14.35 36.12 -3.14
CA LYS A 1023 14.07 36.97 -1.99
C LYS A 1023 15.24 37.88 -1.75
N TYR A 1024 16.45 37.36 -1.90
CA TYR A 1024 17.67 38.16 -1.78
C TYR A 1024 17.79 39.23 -2.87
N LYS A 1025 17.53 38.86 -4.11
CA LYS A 1025 17.57 39.79 -5.22
C LYS A 1025 16.53 40.87 -5.11
N LYS A 1026 15.34 40.50 -4.66
CA LYS A 1026 14.30 41.48 -4.43
C LYS A 1026 14.59 42.35 -3.23
N GLU A 1027 15.06 41.75 -2.15
CA GLU A 1027 15.24 42.49 -0.92
C GLU A 1027 16.28 43.55 -1.07
N ILE A 1028 17.38 43.25 -1.75
CA ILE A 1028 18.42 44.25 -1.91
C ILE A 1028 17.93 45.44 -2.73
N ASP A 1029 17.16 45.20 -3.77
CA ASP A 1029 16.80 46.28 -4.67
C ASP A 1029 16.02 47.34 -3.94
N ASN A 1030 15.09 46.93 -3.08
CA ASN A 1030 14.34 47.90 -2.29
C ASN A 1030 15.27 48.86 -1.56
N LEU A 1031 16.50 48.43 -1.27
CA LEU A 1031 17.49 49.33 -0.70
C LEU A 1031 18.18 50.14 -1.79
N ILE A 1032 18.43 49.51 -2.94
CA ILE A 1032 19.23 50.12 -4.00
C ILE A 1032 18.45 51.20 -4.72
N GLU A 1033 17.28 50.83 -5.26
CA GLU A 1033 16.63 51.63 -6.28
C GLU A 1033 16.36 53.05 -5.79
N ASP A 1034 16.44 53.97 -6.72
CA ASP A 1034 16.37 55.39 -6.47
C ASP A 1034 14.96 55.85 -6.15
N MSE A 1035 14.86 56.98 -5.47
CA MSE A 1035 13.60 57.57 -5.12
C MSE A 1035 13.23 58.66 -6.06
O MSE A 1035 12.30 59.42 -5.81
CB MSE A 1035 13.74 58.18 -3.74
CG MSE A 1035 14.35 57.16 -2.80
SE MSE A 1035 13.32 57.30 -1.16
CE MSE A 1035 12.39 55.59 -1.19
N GLU A 1036 13.98 58.78 -7.12
CA GLU A 1036 13.77 59.80 -8.10
C GLU A 1036 14.71 59.41 -9.19
N SER A 1037 15.00 60.30 -10.13
CA SER A 1037 15.92 59.96 -11.20
C SER A 1037 17.29 59.65 -10.62
N GLU A 1038 17.60 60.18 -9.45
CA GLU A 1038 18.99 60.30 -9.00
C GLU A 1038 19.68 58.98 -9.03
N ASN A 1039 20.94 59.00 -9.44
CA ASN A 1039 21.72 57.77 -9.61
C ASN A 1039 22.58 57.60 -8.36
N GLU A 1040 22.14 56.72 -7.47
CA GLU A 1040 22.74 56.61 -6.14
C GLU A 1040 24.08 55.89 -6.25
N ASN A 1041 25.16 56.66 -6.17
CA ASN A 1041 26.50 56.07 -6.14
C ASN A 1041 26.69 55.23 -4.88
N LYS A 1042 26.13 55.69 -3.76
CA LYS A 1042 26.24 54.93 -2.52
C LYS A 1042 25.62 53.55 -2.69
N PHE A 1043 26.09 52.62 -1.86
CA PHE A 1043 25.88 51.17 -2.05
C PHE A 1043 26.62 50.64 -3.28
N GLN A 1044 27.71 51.31 -3.63
CA GLN A 1044 28.54 50.86 -4.73
C GLN A 1044 29.69 50.18 -4.06
N GLU A 1045 29.85 48.91 -4.41
CA GLU A 1045 30.86 48.08 -3.81
C GLU A 1045 30.40 47.60 -2.45
N ILE A 1046 29.17 47.95 -2.09
CA ILE A 1046 28.61 47.44 -0.85
C ILE A 1046 27.56 46.38 -1.11
N TYR A 1047 26.62 46.66 -1.99
CA TYR A 1047 25.65 45.65 -2.36
C TYR A 1047 25.97 45.10 -3.73
N TYR A 1048 26.48 45.97 -4.58
CA TYR A 1048 26.81 45.62 -5.95
C TYR A 1048 28.16 46.21 -6.30
N PRO A 1049 28.78 45.66 -7.33
CA PRO A 1049 30.11 46.10 -7.77
C PRO A 1049 29.92 47.37 -8.56
N LYS A 1050 30.91 47.77 -9.35
CA LYS A 1050 30.76 49.02 -10.07
C LYS A 1050 29.58 49.02 -11.04
N GLU A 1051 29.31 47.89 -11.67
CA GLU A 1051 28.22 47.87 -12.65
C GLU A 1051 26.84 47.59 -12.08
N ARG A 1052 26.24 48.60 -11.48
CA ARG A 1052 24.92 49.14 -11.75
C ARG A 1052 23.70 48.29 -11.38
N LYS A 1053 23.86 47.21 -10.65
CA LYS A 1053 22.75 46.25 -10.51
C LYS A 1053 22.53 45.60 -11.86
N ASN A 1054 23.57 45.59 -12.66
CA ASN A 1054 23.54 45.19 -14.07
C ASN A 1054 23.16 43.76 -14.49
N GLU A 1055 23.45 42.80 -13.62
CA GLU A 1055 23.94 43.10 -12.32
C GLU A 1055 24.83 42.03 -11.73
N LEU A 1056 25.69 42.43 -10.82
CA LEU A 1056 26.34 41.56 -9.89
C LEU A 1056 26.01 42.13 -8.51
N TYR A 1057 25.59 41.31 -7.55
CA TYR A 1057 25.45 41.80 -6.17
C TYR A 1057 26.41 41.07 -5.23
N ILE A 1058 27.22 41.81 -4.48
CA ILE A 1058 28.29 41.19 -3.74
C ILE A 1058 27.61 40.38 -2.67
N TYR A 1059 28.24 39.30 -2.21
CA TYR A 1059 27.63 38.49 -1.18
C TYR A 1059 27.65 39.27 0.13
N LYS A 1060 26.48 39.51 0.70
CA LYS A 1060 26.38 40.04 2.05
C LYS A 1060 26.07 38.80 2.82
N LYS A 1061 26.99 38.34 3.67
CA LYS A 1061 26.80 36.99 4.19
C LYS A 1061 25.58 36.89 5.10
N ASN A 1062 25.36 37.92 5.92
CA ASN A 1062 24.33 37.82 6.95
C ASN A 1062 22.92 37.89 6.39
N LEU A 1063 22.74 38.32 5.14
CA LEU A 1063 21.40 38.34 4.59
C LEU A 1063 20.99 36.95 4.11
N PHE A 1064 21.86 36.30 3.31
CA PHE A 1064 21.48 35.03 2.69
C PHE A 1064 21.10 33.99 3.74
N LEU A 1065 21.97 33.79 4.73
CA LEU A 1065 21.73 32.73 5.69
C LEU A 1065 20.42 32.91 6.44
N ASN A 1066 19.98 34.15 6.62
CA ASN A 1066 18.77 34.43 7.38
C ASN A 1066 17.52 34.53 6.52
N ILE A 1067 17.65 34.39 5.20
CA ILE A 1067 16.47 34.41 4.33
C ILE A 1067 15.63 33.17 4.59
N GLY A 1068 14.32 33.33 4.52
CA GLY A 1068 13.42 32.24 4.83
C GLY A 1068 13.72 31.76 6.24
N ASN A 1069 13.71 32.69 7.19
CA ASN A 1069 13.99 32.40 8.59
C ASN A 1069 13.22 31.19 9.11
N PRO A 1070 11.92 31.06 8.75
CA PRO A 1070 10.93 31.92 8.13
C PRO A 1070 9.67 32.12 8.98
N ASN A 1071 8.96 33.22 8.77
CA ASN A 1071 9.44 34.31 7.94
C ASN A 1071 10.28 35.25 8.83
N PHE A 1072 11.16 36.02 8.19
CA PHE A 1072 11.86 37.08 8.88
C PHE A 1072 11.31 38.45 8.52
N ASP A 1073 10.26 38.51 7.69
CA ASP A 1073 9.67 39.78 7.33
C ASP A 1073 9.17 40.54 8.55
N LYS A 1074 9.03 39.87 9.69
CA LYS A 1074 8.82 40.54 10.97
C LYS A 1074 10.14 40.96 11.61
N ILE A 1075 11.24 40.28 11.31
CA ILE A 1075 12.52 40.58 11.90
C ILE A 1075 13.26 41.65 11.10
N TYR A 1076 13.39 41.42 9.80
CA TYR A 1076 13.96 42.43 8.91
C TYR A 1076 13.26 43.77 9.04
N GLY A 1077 11.99 43.77 9.46
CA GLY A 1077 11.25 45.03 9.55
C GLY A 1077 11.91 46.04 10.46
N LEU A 1078 12.42 45.57 11.60
CA LEU A 1078 13.07 46.45 12.56
C LEU A 1078 14.32 47.11 11.99
N ILE A 1079 14.78 46.68 10.81
CA ILE A 1079 16.05 47.13 10.25
C ILE A 1079 15.82 47.62 8.84
N SER A 1080 14.62 47.39 8.31
CA SER A 1080 14.35 47.63 6.89
C SER A 1080 14.63 49.08 6.51
N ASN A 1081 14.03 50.03 7.24
CA ASN A 1081 14.17 51.43 6.86
C ASN A 1081 15.50 52.00 7.32
N ASP A 1082 15.99 51.58 8.48
CA ASP A 1082 17.23 52.11 9.00
C ASP A 1082 18.39 51.86 8.05
N ILE A 1083 18.30 50.80 7.24
CA ILE A 1083 19.37 50.50 6.29
C ILE A 1083 19.34 51.48 5.12
N LYS A 1084 18.16 51.64 4.51
CA LYS A 1084 18.03 52.47 3.32
C LYS A 1084 18.48 53.90 3.58
N MSE A 1085 18.05 54.48 4.69
CA MSE A 1085 18.30 55.88 5.01
C MSE A 1085 19.77 56.21 5.24
O MSE A 1085 20.22 57.31 4.92
CB MSE A 1085 17.50 56.29 6.25
CG MSE A 1085 16.47 57.37 6.01
SE MSE A 1085 15.53 57.11 4.33
CE MSE A 1085 14.60 55.45 4.73
N ALA A 1086 20.52 55.25 5.79
CA ALA A 1086 21.88 55.53 6.22
C ALA A 1086 22.79 55.87 5.05
N ASP A 1087 23.62 56.89 5.24
CA ASP A 1087 24.59 57.31 4.24
C ASP A 1087 25.75 56.33 4.26
N ALA A 1088 25.67 55.32 3.40
CA ALA A 1088 26.70 54.31 3.34
C ALA A 1088 27.69 54.74 2.28
N LYS A 1089 28.76 55.31 2.78
CA LYS A 1089 29.91 55.69 2.00
C LYS A 1089 31.14 54.97 2.49
N PHE A 1090 31.01 53.82 3.14
CA PHE A 1090 32.14 53.32 3.93
C PHE A 1090 33.36 53.14 3.03
N LEU A 1091 33.17 52.60 1.83
CA LEU A 1091 34.24 52.55 0.83
C LEU A 1091 34.73 53.89 0.27
N PHE A 1092 33.81 54.80 -0.06
CA PHE A 1092 34.17 56.11 -0.60
C PHE A 1092 34.56 57.11 0.49
N ASN A 1093 35.25 58.19 0.13
CA ASN A 1093 35.73 58.48 -1.22
C ASN A 1093 37.24 58.38 -1.24
N ILE A 1094 37.76 57.63 -0.27
CA ILE A 1094 39.18 57.51 0.07
C ILE A 1094 39.54 58.39 1.27
N ASP A 1095 38.63 59.24 1.70
CA ASP A 1095 38.69 59.83 3.03
C ASP A 1095 38.47 58.70 4.03
N GLY A 1096 37.54 57.83 3.65
CA GLY A 1096 37.12 56.66 4.41
C GLY A 1096 37.95 55.41 4.22
N LYS A 1097 38.36 55.17 2.98
CA LYS A 1097 38.98 53.90 2.65
C LYS A 1097 40.25 53.76 3.47
N ASN A 1098 40.96 54.86 3.62
CA ASN A 1098 42.09 54.92 4.53
C ASN A 1098 41.64 54.79 5.99
N ILE A 1099 40.40 55.14 6.28
CA ILE A 1099 39.91 55.01 7.63
C ILE A 1099 40.03 53.55 8.01
N ARG A 1100 39.68 52.65 7.10
CA ARG A 1100 39.83 51.22 7.40
C ARG A 1100 41.26 50.69 7.54
N LYS A 1101 42.18 51.12 6.67
CA LYS A 1101 43.56 50.61 6.69
C LYS A 1101 44.33 50.95 7.97
N ASN A 1102 44.14 52.18 8.40
CA ASN A 1102 44.74 52.79 9.58
C ASN A 1102 43.79 53.14 10.71
N LYS A 1103 42.73 53.88 10.40
CA LYS A 1103 41.95 54.48 11.47
C LYS A 1103 41.29 53.47 12.40
N ILE A 1104 40.63 52.47 11.84
CA ILE A 1104 39.94 51.51 12.71
C ILE A 1104 40.95 50.71 13.52
N SER A 1105 42.02 50.27 12.88
CA SER A 1105 43.06 49.60 13.63
C SER A 1105 43.76 50.55 14.59
N GLU A 1106 44.05 51.77 14.12
CA GLU A 1106 44.79 52.71 14.94
C GLU A 1106 44.02 53.12 16.17
N ILE A 1107 42.78 53.56 16.00
CA ILE A 1107 41.99 53.94 17.16
C ILE A 1107 41.73 52.71 18.00
N ASP A 1108 41.40 51.61 17.35
CA ASP A 1108 41.14 50.39 18.07
C ASP A 1108 42.42 50.02 18.76
N ALA A 1109 43.52 50.19 18.06
CA ALA A 1109 44.79 49.79 18.59
C ALA A 1109 45.13 50.59 19.83
N ILE A 1110 44.85 51.88 19.80
CA ILE A 1110 45.27 52.73 20.89
C ILE A 1110 44.61 52.32 22.19
N LEU A 1111 43.32 52.04 22.14
CA LEU A 1111 42.57 51.82 23.36
C LEU A 1111 43.00 50.60 24.17
N LYS A 1112 43.27 49.49 23.49
CA LYS A 1112 43.58 48.27 24.23
C LYS A 1112 44.85 48.48 25.04
N ASN A 1113 45.84 49.12 24.43
CA ASN A 1113 47.10 49.32 25.08
C ASN A 1113 46.81 50.14 26.31
N LEU A 1114 45.95 51.13 26.13
CA LEU A 1114 45.47 51.92 27.24
C LEU A 1114 44.71 50.96 28.14
N ASN A 1115 44.02 50.03 27.51
CA ASN A 1115 43.18 49.11 28.26
C ASN A 1115 44.06 48.35 29.24
N ASP A 1116 45.28 48.06 28.82
CA ASP A 1116 46.18 47.23 29.60
C ASP A 1116 46.92 48.03 30.66
N LYS A 1117 46.55 49.29 30.79
CA LYS A 1117 47.23 50.17 31.72
C LYS A 1117 47.14 49.69 33.15
N LEU A 1118 45.99 49.15 33.56
CA LEU A 1118 45.92 48.52 34.87
C LEU A 1118 46.89 47.36 34.79
N ASN A 1119 47.57 47.02 35.87
CA ASN A 1119 47.48 47.68 37.16
C ASN A 1119 48.30 48.95 37.17
N GLY A 1120 48.06 49.81 38.16
CA GLY A 1120 47.14 49.54 39.24
C GLY A 1120 45.74 50.14 39.11
N TYR A 1121 44.73 49.35 39.42
CA TYR A 1121 43.36 49.73 39.09
C TYR A 1121 42.85 50.86 39.98
N SER A 1122 43.24 50.88 41.26
CA SER A 1122 42.58 51.73 42.24
C SER A 1122 42.61 53.19 41.83
N LYS A 1123 43.79 53.71 41.50
CA LYS A 1123 43.90 55.13 41.17
C LYS A 1123 44.96 55.51 40.16
N GLU A 1124 45.60 54.54 39.50
CA GLU A 1124 46.31 54.76 38.24
C GLU A 1124 45.33 54.84 37.07
N TYR A 1125 44.35 53.93 37.05
CA TYR A 1125 43.23 54.09 36.13
C TYR A 1125 42.54 55.45 36.31
N LYS A 1126 42.18 55.77 37.55
CA LYS A 1126 41.53 57.05 37.81
C LYS A 1126 42.49 58.22 37.61
N GLU A 1127 43.75 58.05 38.02
CA GLU A 1127 44.71 59.15 37.96
C GLU A 1127 45.16 59.41 36.53
N LYS A 1128 45.52 58.35 35.79
CA LYS A 1128 46.00 58.54 34.43
C LYS A 1128 44.95 59.21 33.55
N TYR A 1129 43.69 58.81 33.71
CA TYR A 1129 42.61 59.43 32.94
C TYR A 1129 42.62 60.94 33.13
N ILE A 1130 42.67 61.39 34.39
CA ILE A 1130 42.62 62.83 34.67
C ILE A 1130 43.78 63.56 34.00
N LYS A 1131 44.95 62.92 33.89
CA LYS A 1131 46.11 63.61 33.33
C LYS A 1131 45.94 63.83 31.83
N LYS A 1132 45.40 62.84 31.11
CA LYS A 1132 45.20 63.01 29.69
C LYS A 1132 43.91 63.77 29.38
N LEU A 1133 42.85 63.53 30.16
CA LEU A 1133 41.60 64.25 29.96
C LEU A 1133 41.81 65.75 30.11
N LYS A 1134 42.41 66.12 31.24
CA LYS A 1134 42.43 67.51 31.71
C LYS A 1134 43.68 68.38 31.44
N GLU A 1135 44.88 67.85 31.66
CA GLU A 1135 46.04 68.74 31.64
C GLU A 1135 46.95 68.56 30.43
N ASN A 1136 47.14 69.64 29.69
CA ASN A 1136 48.12 69.66 28.62
C ASN A 1136 47.86 68.49 27.69
N ASP A 1137 48.91 67.76 27.35
CA ASP A 1137 48.78 66.53 26.60
C ASP A 1137 49.98 65.65 26.87
N ASP A 1138 49.81 64.35 26.64
CA ASP A 1138 50.91 63.43 26.70
C ASP A 1138 50.88 62.64 25.44
N PHE A 1139 52.04 62.23 24.96
CA PHE A 1139 52.06 61.37 23.78
C PHE A 1139 52.63 60.01 24.14
N PHE A 1140 51.84 59.22 24.89
CA PHE A 1140 52.15 57.80 25.05
C PHE A 1140 51.83 57.04 23.76
N ALA A 1141 50.58 57.12 23.30
CA ALA A 1141 50.24 56.76 21.92
C ALA A 1141 50.54 57.97 21.06
N LYS A 1142 51.81 58.09 20.67
CA LYS A 1142 52.40 59.38 20.35
C LYS A 1142 51.95 59.94 19.00
N ASN A 1143 51.92 59.11 17.96
CA ASN A 1143 51.65 59.60 16.61
C ASN A 1143 50.39 60.46 16.57
N ILE A 1144 49.24 59.87 16.87
CA ILE A 1144 48.05 60.66 17.15
C ILE A 1144 48.24 61.42 18.45
N GLN A 1145 47.69 62.61 18.57
CA GLN A 1145 48.00 63.38 19.76
C GLN A 1145 47.14 62.86 20.89
N ASN A 1146 47.59 61.77 21.50
CA ASN A 1146 46.82 61.08 22.54
C ASN A 1146 46.60 61.98 23.73
N LYS A 1147 45.42 61.88 24.33
CA LYS A 1147 44.92 62.90 25.24
C LYS A 1147 44.55 64.02 24.30
N ASN A 1148 44.46 65.27 24.77
CA ASN A 1148 44.04 66.27 23.83
C ASN A 1148 42.77 65.75 23.20
N TYR A 1149 41.79 65.47 24.05
CA TYR A 1149 40.60 64.71 23.70
C TYR A 1149 39.88 65.44 22.57
N LYS A 1150 40.15 66.72 22.45
CA LYS A 1150 39.55 67.49 21.39
C LYS A 1150 39.98 66.84 20.09
N SER A 1151 41.22 66.36 20.04
CA SER A 1151 41.73 65.67 18.85
C SER A 1151 41.55 64.15 18.85
N PHE A 1152 41.03 63.57 19.92
CA PHE A 1152 40.79 62.14 19.94
C PHE A 1152 39.32 61.78 19.89
N GLU A 1153 38.53 62.43 20.73
CA GLU A 1153 37.13 62.10 20.82
C GLU A 1153 36.57 62.38 19.45
N LYS A 1154 37.03 63.47 18.87
CA LYS A 1154 36.67 63.79 17.50
C LYS A 1154 37.18 62.66 16.65
N ASP A 1155 38.36 62.18 16.97
CA ASP A 1155 38.91 61.05 16.25
C ASP A 1155 38.07 59.81 16.47
N TYR A 1156 37.62 59.57 17.69
CA TYR A 1156 36.81 58.39 17.97
C TYR A 1156 35.46 58.41 17.28
N ASN A 1157 34.78 59.53 17.40
CA ASN A 1157 33.42 59.64 16.88
C ASN A 1157 33.34 59.35 15.39
N ARG A 1158 34.46 59.48 14.67
CA ARG A 1158 34.48 59.13 13.26
C ARG A 1158 34.65 57.63 13.05
N VAL A 1159 35.34 56.93 13.96
CA VAL A 1159 35.41 55.47 13.82
C VAL A 1159 34.13 54.83 14.34
N SER A 1160 33.49 55.45 15.34
CA SER A 1160 32.21 54.94 15.83
C SER A 1160 31.14 55.04 14.74
N GLU A 1161 31.09 56.19 14.05
CA GLU A 1161 30.03 56.40 13.06
C GLU A 1161 30.19 55.45 11.87
N TYR A 1162 31.43 55.17 11.45
CA TYR A 1162 31.63 54.27 10.33
C TYR A 1162 31.17 52.85 10.68
N LYS A 1163 31.55 52.37 11.85
CA LYS A 1163 31.17 51.01 12.25
C LYS A 1163 29.67 50.87 12.38
N LYS A 1164 29.01 51.86 12.99
CA LYS A 1164 27.56 51.78 13.18
C LYS A 1164 26.84 51.63 11.86
N ILE A 1165 27.29 52.33 10.82
CA ILE A 1165 26.68 52.18 9.51
C ILE A 1165 26.96 50.79 8.96
N ARG A 1166 28.12 50.23 9.27
CA ARG A 1166 28.53 48.96 8.68
C ARG A 1166 27.74 47.77 9.23
N ASP A 1167 27.23 47.89 10.45
CA ASP A 1167 26.39 46.83 10.99
C ASP A 1167 24.98 46.91 10.42
N LEU A 1168 24.48 48.12 10.19
CA LEU A 1168 23.23 48.26 9.43
C LEU A 1168 23.40 47.69 8.04
N VAL A 1169 24.49 48.04 7.36
CA VAL A 1169 24.68 47.67 5.97
C VAL A 1169 24.83 46.17 5.81
N GLU A 1170 25.78 45.59 6.55
CA GLU A 1170 26.10 44.16 6.38
C GLU A 1170 25.03 43.23 6.95
N PHE A 1171 23.87 43.76 7.34
CA PHE A 1171 22.75 42.97 7.86
C PHE A 1171 23.15 42.19 9.11
N ASN A 1172 24.12 42.71 9.86
CA ASN A 1172 24.54 42.04 11.09
C ASN A 1172 23.41 42.01 12.11
N TYR A 1173 22.58 43.06 12.14
CA TYR A 1173 21.45 43.09 13.05
C TYR A 1173 20.45 41.97 12.77
N LEU A 1174 20.52 41.32 11.62
CA LEU A 1174 19.63 40.19 11.38
C LEU A 1174 19.97 39.03 12.30
N ASN A 1175 21.23 38.92 12.73
CA ASN A 1175 21.63 37.79 13.55
C ASN A 1175 21.35 38.02 15.02
N LYS A 1176 21.64 39.21 15.54
CA LYS A 1176 21.36 39.49 16.94
C LYS A 1176 19.90 39.26 17.28
N ILE A 1177 19.00 39.69 16.38
CA ILE A 1177 17.58 39.51 16.62
C ILE A 1177 17.19 38.04 16.49
N GLU A 1178 17.76 37.35 15.49
CA GLU A 1178 17.48 35.92 15.33
C GLU A 1178 18.03 35.10 16.49
N SER A 1179 19.05 35.60 17.19
CA SER A 1179 19.60 34.91 18.35
C SER A 1179 19.00 35.39 19.66
N TYR A 1180 18.48 36.62 19.71
CA TYR A 1180 17.69 37.02 20.87
C TYR A 1180 16.44 36.16 20.98
N LEU A 1181 15.82 35.83 19.85
CA LEU A 1181 14.58 35.06 19.89
C LEU A 1181 14.84 33.60 20.27
N ILE A 1182 16.00 33.07 19.90
CA ILE A 1182 16.35 31.72 20.35
C ILE A 1182 16.72 31.74 21.83
N ASP A 1183 17.58 32.69 22.23
CA ASP A 1183 18.03 32.75 23.62
C ASP A 1183 16.89 33.06 24.57
N ILE A 1184 16.03 34.02 24.20
CA ILE A 1184 14.94 34.42 25.10
C ILE A 1184 13.95 33.28 25.28
N ASN A 1185 13.56 32.62 24.18
CA ASN A 1185 12.60 31.52 24.30
C ASN A 1185 13.19 30.36 25.10
N TRP A 1186 14.48 30.08 24.89
CA TRP A 1186 15.10 28.95 25.58
C TRP A 1186 15.09 29.15 27.08
N LYS A 1187 15.46 30.35 27.54
CA LYS A 1187 15.52 30.59 28.97
C LYS A 1187 14.14 30.75 29.58
N LEU A 1188 13.10 30.91 28.77
CA LEU A 1188 11.74 30.81 29.27
C LEU A 1188 11.24 29.37 29.21
N ALA A 1189 11.64 28.63 28.18
CA ALA A 1189 11.25 27.23 28.07
C ALA A 1189 11.81 26.42 29.24
N ILE A 1190 13.01 26.78 29.69
CA ILE A 1190 13.62 26.12 30.83
C ILE A 1190 12.75 26.26 32.06
N GLN A 1191 12.13 27.43 32.24
CA GLN A 1191 11.27 27.65 33.38
C GLN A 1191 10.03 26.77 33.33
N MSE A 1192 9.47 26.60 32.13
CA MSE A 1192 8.27 25.81 32.00
C MSE A 1192 8.59 24.35 32.30
O MSE A 1192 7.81 23.66 32.95
CB MSE A 1192 7.67 25.95 30.60
CG MSE A 1192 7.14 27.34 30.29
SE MSE A 1192 6.12 28.14 31.73
CE MSE A 1192 4.82 26.72 32.01
N ALA A 1193 9.76 23.90 31.86
CA ALA A 1193 10.23 22.57 32.24
C ALA A 1193 10.68 22.52 33.69
N ARG A 1194 11.04 23.67 34.27
CA ARG A 1194 11.32 23.72 35.70
C ARG A 1194 10.02 23.66 36.50
N PHE A 1195 8.97 24.33 36.03
CA PHE A 1195 7.69 24.28 36.73
C PHE A 1195 7.12 22.87 36.73
N GLU A 1196 7.20 22.18 35.59
CA GLU A 1196 6.73 20.80 35.55
C GLU A 1196 7.60 19.89 36.40
N ARG A 1197 8.89 20.19 36.51
CA ARG A 1197 9.74 19.43 37.43
C ARG A 1197 9.35 19.71 38.87
N ASP A 1198 9.12 20.97 39.22
CA ASP A 1198 8.65 21.30 40.57
C ASP A 1198 7.32 20.65 40.89
N MSE A 1199 6.55 20.27 39.89
CA MSE A 1199 5.23 19.70 40.14
C MSE A 1199 5.37 18.31 40.76
O MSE A 1199 4.62 17.95 41.66
CB MSE A 1199 4.40 19.63 38.87
CG MSE A 1199 3.50 20.82 38.69
SE MSE A 1199 2.69 21.34 40.38
CE MSE A 1199 1.56 19.78 40.67
N HIS A 1200 6.36 17.55 40.28
CA HIS A 1200 6.61 16.24 40.87
C HIS A 1200 7.06 16.35 42.31
N TYR A 1201 7.76 17.42 42.67
CA TYR A 1201 8.17 17.58 44.07
C TYR A 1201 6.98 17.88 44.97
N ILE A 1202 5.95 18.53 44.45
CA ILE A 1202 4.80 18.84 45.29
C ILE A 1202 3.92 17.61 45.49
N VAL A 1203 3.72 16.81 44.43
CA VAL A 1203 2.81 15.69 44.56
C VAL A 1203 3.45 14.55 45.37
N ASN A 1204 4.74 14.32 45.19
CA ASN A 1204 5.42 13.36 46.05
C ASN A 1204 5.56 13.89 47.47
N GLY A 1205 5.74 15.20 47.62
CA GLY A 1205 5.87 15.76 48.96
C GLY A 1205 4.59 15.65 49.76
N LEU A 1206 3.46 15.98 49.15
CA LEU A 1206 2.19 15.94 49.88
C LEU A 1206 1.81 14.52 50.27
N ARG A 1207 1.91 13.58 49.33
CA ARG A 1207 1.61 12.18 49.64
C ARG A 1207 2.47 11.65 50.78
N GLU A 1208 3.72 12.09 50.86
CA GLU A 1208 4.61 11.56 51.88
C GLU A 1208 4.20 12.00 53.27
N LEU A 1209 3.53 13.15 53.38
CA LEU A 1209 2.92 13.57 54.63
C LEU A 1209 1.54 12.95 54.84
N GLY A 1210 1.14 12.02 53.99
CA GLY A 1210 -0.18 11.45 54.07
C GLY A 1210 -1.30 12.39 53.73
N ILE A 1211 -1.00 13.62 53.32
CA ILE A 1211 -2.05 14.59 53.03
C ILE A 1211 -2.87 14.20 51.81
N ILE A 1212 -2.34 13.32 50.95
CA ILE A 1212 -2.97 13.05 49.66
C ILE A 1212 -2.83 11.56 49.34
N LYS A 1213 -3.93 10.97 48.86
CA LYS A 1213 -4.00 9.56 48.52
C LYS A 1213 -3.70 9.35 47.04
N LEU A 1214 -2.71 8.52 46.74
CA LEU A 1214 -2.39 8.13 45.37
C LEU A 1214 -2.65 6.65 45.20
N SER A 1215 -3.18 6.27 44.03
CA SER A 1215 -3.40 4.85 43.74
C SER A 1215 -2.10 4.19 43.33
N GLY A 1216 -1.57 4.58 42.18
CA GLY A 1216 -0.33 4.04 41.68
C GLY A 1216 0.31 5.01 40.71
N TYR A 1217 1.07 4.46 39.77
CA TYR A 1217 1.77 5.26 38.78
C TYR A 1217 1.32 4.90 37.38
N ASN A 1218 1.43 5.86 36.48
CA ASN A 1218 1.01 5.75 35.08
C ASN A 1218 2.24 6.09 34.22
N THR A 1219 3.13 5.12 34.02
CA THR A 1219 4.32 5.36 33.21
C THR A 1219 3.91 5.83 31.81
N GLY A 1220 4.78 6.64 31.21
CA GLY A 1220 4.53 7.12 29.87
C GLY A 1220 3.56 8.28 29.74
N ILE A 1221 3.21 8.93 30.84
CA ILE A 1221 2.32 10.09 30.79
C ILE A 1221 3.09 11.40 30.99
N SER A 1222 4.27 11.36 31.61
CA SER A 1222 5.15 12.51 31.79
C SER A 1222 4.60 13.54 32.76
N ARG A 1223 3.46 14.14 32.44
CA ARG A 1223 2.94 15.25 33.24
C ARG A 1223 2.62 14.79 34.66
N ALA A 1224 2.95 15.62 35.64
CA ALA A 1224 2.74 15.24 37.03
C ALA A 1224 1.28 15.44 37.45
N TYR A 1225 0.65 16.50 37.00
CA TYR A 1225 -0.66 16.92 37.45
C TYR A 1225 -1.72 16.68 36.36
N PRO A 1226 -2.91 16.24 36.76
CA PRO A 1226 -3.93 15.87 35.76
C PRO A 1226 -4.53 17.09 35.07
N LYS A 1227 -4.61 17.02 33.74
CA LYS A 1227 -5.36 17.99 32.97
C LYS A 1227 -6.81 17.54 32.86
N ARG A 1228 -7.73 18.49 32.95
CA ARG A 1228 -9.15 18.16 32.95
C ARG A 1228 -9.62 17.68 31.59
N ASN A 1229 -9.23 16.46 31.22
CA ASN A 1229 -9.77 15.84 30.04
C ASN A 1229 -11.25 15.49 30.25
N GLY A 1230 -12.07 15.73 29.24
CA GLY A 1230 -13.47 15.35 29.30
C GLY A 1230 -13.62 13.85 29.52
N SER A 1231 -14.34 13.47 30.56
CA SER A 1231 -15.01 14.43 31.43
C SER A 1231 -14.77 14.13 32.91
N ASP A 1232 -14.79 12.83 33.26
CA ASP A 1232 -14.76 12.42 34.66
C ASP A 1232 -13.71 11.36 34.95
N GLY A 1233 -12.81 11.07 34.01
CA GLY A 1233 -11.73 10.13 34.28
C GLY A 1233 -10.39 10.82 34.32
N PHE A 1234 -10.38 12.12 34.59
CA PHE A 1234 -9.16 12.91 34.40
C PHE A 1234 -8.13 12.69 35.50
N TYR A 1235 -8.56 12.32 36.72
CA TYR A 1235 -7.58 12.22 37.81
C TYR A 1235 -6.65 11.03 37.61
N THR A 1236 -7.12 9.98 36.95
CA THR A 1236 -6.33 8.75 36.78
C THR A 1236 -5.87 8.52 35.35
N THR A 1237 -6.73 8.78 34.36
CA THR A 1237 -6.37 8.47 32.99
C THR A 1237 -5.30 9.42 32.43
N THR A 1238 -5.16 10.62 32.99
CA THR A 1238 -4.41 11.68 32.34
C THR A 1238 -3.13 12.07 33.06
N ALA A 1239 -2.83 11.51 34.22
CA ALA A 1239 -1.70 11.97 35.01
C ALA A 1239 -0.81 10.80 35.42
N TYR A 1240 0.37 11.15 35.94
CA TYR A 1240 1.32 10.16 36.42
C TYR A 1240 0.89 9.57 37.75
N TYR A 1241 0.37 10.42 38.63
CA TYR A 1241 -0.14 10.01 39.92
C TYR A 1241 -1.65 9.80 39.79
N LYS A 1242 -2.09 8.55 39.94
CA LYS A 1242 -3.48 8.22 39.68
C LYS A 1242 -4.44 8.85 40.69
N PHE A 1243 -3.98 9.18 41.88
CA PHE A 1243 -4.74 10.09 42.74
C PHE A 1243 -6.00 9.58 43.47
N PHE A 1244 -6.33 8.30 43.36
CA PHE A 1244 -7.47 7.78 44.14
C PHE A 1244 -8.79 8.51 43.84
N ASP A 1245 -9.51 8.93 44.87
CA ASP A 1245 -10.83 9.53 44.76
C ASP A 1245 -10.76 10.92 44.18
N GLU A 1246 -11.86 11.39 43.60
CA GLU A 1246 -11.92 12.72 43.06
C GLU A 1246 -11.67 13.69 44.20
N GLU A 1247 -12.23 13.40 45.35
CA GLU A 1247 -12.01 14.25 46.52
C GLU A 1247 -10.53 14.41 46.81
N SER A 1248 -9.74 13.36 46.58
CA SER A 1248 -8.30 13.48 46.72
C SER A 1248 -7.74 14.51 45.73
N TYR A 1249 -8.31 14.58 44.53
CA TYR A 1249 -7.88 15.59 43.58
C TYR A 1249 -8.30 16.99 44.03
N LYS A 1250 -9.57 17.14 44.43
CA LYS A 1250 -10.06 18.45 44.83
C LYS A 1250 -9.31 18.99 46.03
N LYS A 1251 -8.88 18.11 46.94
CA LYS A 1251 -8.02 18.55 48.04
C LYS A 1251 -6.65 18.96 47.53
N PHE A 1252 -6.06 18.14 46.65
CA PHE A 1252 -4.77 18.47 46.04
C PHE A 1252 -4.81 19.83 45.36
N GLU A 1253 -5.89 20.10 44.65
CA GLU A 1253 -5.96 21.35 43.89
C GLU A 1253 -6.09 22.55 44.81
N LYS A 1254 -6.87 22.42 45.89
CA LYS A 1254 -7.03 23.52 46.85
C LYS A 1254 -5.72 23.87 47.55
N ILE A 1255 -4.97 22.84 47.94
CA ILE A 1255 -3.65 23.07 48.50
C ILE A 1255 -2.78 23.82 47.50
N CYS A 1256 -2.74 23.33 46.25
CA CYS A 1256 -2.01 24.04 45.21
C CYS A 1256 -2.57 25.45 45.04
N TYR A 1257 -3.90 25.58 45.03
CA TYR A 1257 -4.50 26.91 44.95
C TYR A 1257 -4.17 27.74 46.18
N GLY A 1258 -3.91 27.08 47.32
CA GLY A 1258 -3.43 27.81 48.48
C GLY A 1258 -2.17 28.59 48.17
N PHE A 1259 -1.21 27.93 47.51
CA PHE A 1259 -0.07 28.63 46.93
C PHE A 1259 -0.46 29.21 45.57
N GLY A 1260 0.50 29.80 44.87
CA GLY A 1260 0.19 30.42 43.60
C GLY A 1260 0.11 29.47 42.43
N ILE A 1261 -0.50 28.31 42.61
CA ILE A 1261 -0.56 27.26 41.60
C ILE A 1261 -2.02 26.86 41.43
N ASP A 1262 -2.66 27.35 40.37
CA ASP A 1262 -4.05 27.03 40.09
C ASP A 1262 -4.13 25.99 38.98
N LEU A 1263 -4.89 24.93 39.23
CA LEU A 1263 -5.15 23.88 38.25
C LEU A 1263 -6.60 23.94 37.75
N SER A 1264 -7.26 25.06 38.02
CA SER A 1264 -8.69 25.27 37.83
C SER A 1264 -9.20 25.18 36.40
N GLU A 1265 -8.45 25.67 35.43
CA GLU A 1265 -8.95 25.69 34.07
C GLU A 1265 -9.65 26.98 33.60
N ASN A 1266 -9.79 27.96 34.48
CA ASN A 1266 -10.16 29.31 34.07
C ASN A 1266 -8.95 30.09 33.54
N SER A 1267 -7.85 30.02 34.29
CA SER A 1267 -6.52 30.50 33.91
C SER A 1267 -5.48 29.85 34.84
N GLU A 1268 -4.20 29.80 34.47
CA GLU A 1268 -3.64 30.36 33.23
C GLU A 1268 -2.69 29.37 32.56
N ILE A 1269 -2.68 28.12 33.00
CA ILE A 1269 -1.78 27.12 32.44
C ILE A 1269 -2.50 26.06 31.62
N ASN A 1270 -3.80 25.87 31.82
CA ASN A 1270 -4.59 24.95 31.01
C ASN A 1270 -5.58 25.68 30.09
N LYS A 1271 -5.23 26.89 29.67
CA LYS A 1271 -6.04 27.64 28.73
C LYS A 1271 -5.98 26.89 27.43
N PRO A 1272 -7.11 27.07 26.60
CA PRO A 1272 -7.18 26.23 25.38
C PRO A 1272 -5.92 25.69 24.70
N GLU A 1273 -5.49 26.32 23.62
CA GLU A 1273 -4.22 26.00 23.03
C GLU A 1273 -3.59 27.31 22.66
N ASN A 1274 -2.41 27.56 23.19
CA ASN A 1274 -1.57 28.67 22.78
C ASN A 1274 -1.96 29.91 23.55
N GLU A 1275 -3.15 29.88 24.10
CA GLU A 1275 -3.52 30.90 25.04
C GLU A 1275 -2.62 30.66 26.24
N SER A 1276 -2.42 29.39 26.54
CA SER A 1276 -1.72 29.02 27.75
C SER A 1276 -0.35 29.61 27.64
N ILE A 1277 0.19 30.08 28.75
CA ILE A 1277 1.56 30.52 28.74
C ILE A 1277 2.43 29.33 28.42
N ARG A 1278 2.13 28.21 29.05
CA ARG A 1278 2.99 27.05 28.95
C ARG A 1278 3.07 26.58 27.52
N ASN A 1279 1.94 26.53 26.85
CA ASN A 1279 1.87 26.07 25.47
C ASN A 1279 2.60 26.96 24.50
N TYR A 1280 2.56 28.26 24.75
CA TYR A 1280 3.20 29.20 23.84
C TYR A 1280 4.71 29.08 23.89
N ILE A 1281 5.25 28.97 25.11
CA ILE A 1281 6.69 28.91 25.31
C ILE A 1281 7.23 27.52 24.98
N SER A 1282 6.60 26.48 25.53
CA SER A 1282 7.16 25.13 25.39
C SER A 1282 7.14 24.64 23.96
N HIS A 1283 6.20 25.12 23.15
CA HIS A 1283 6.19 24.83 21.72
C HIS A 1283 6.96 25.87 20.91
N PHE A 1284 7.65 26.80 21.58
CA PHE A 1284 8.69 27.61 20.95
C PHE A 1284 8.11 28.55 19.88
N TYR A 1285 7.11 29.33 20.26
CA TYR A 1285 6.53 30.27 19.31
C TYR A 1285 7.23 31.62 19.30
N ILE A 1286 7.96 31.97 20.36
CA ILE A 1286 8.62 33.27 20.39
C ILE A 1286 9.62 33.39 19.25
N VAL A 1287 10.23 32.26 18.86
CA VAL A 1287 11.24 32.26 17.81
C VAL A 1287 10.65 31.99 16.43
N ARG A 1288 9.56 31.24 16.36
CA ARG A 1288 8.98 30.87 15.07
C ARG A 1288 7.85 31.81 14.63
N ASN A 1289 7.14 32.45 15.55
CA ASN A 1289 6.10 33.41 15.20
C ASN A 1289 6.17 34.60 16.15
N PRO A 1290 7.23 35.38 16.08
CA PRO A 1290 7.36 36.50 17.00
C PRO A 1290 6.45 37.60 16.61
N PHE A 1291 6.09 38.48 17.54
CA PHE A 1291 5.36 39.70 17.23
C PHE A 1291 3.90 39.53 16.89
N ALA A 1292 3.30 38.40 17.23
CA ALA A 1292 1.89 38.22 16.96
C ALA A 1292 1.11 37.99 18.21
N ASP A 1293 0.05 38.75 18.42
CA ASP A 1293 -0.90 38.44 19.45
C ASP A 1293 -0.37 38.72 20.85
N TYR A 1294 0.83 38.23 21.14
CA TYR A 1294 1.41 38.42 22.46
C TYR A 1294 2.81 39.02 22.39
N SER A 1295 3.09 40.03 23.20
CA SER A 1295 4.42 40.62 23.14
C SER A 1295 5.44 39.64 23.74
N ILE A 1296 6.71 40.02 23.70
CA ILE A 1296 7.72 39.25 24.41
C ILE A 1296 7.83 39.72 25.86
N ALA A 1297 7.61 41.01 26.13
CA ALA A 1297 7.56 41.47 27.50
C ALA A 1297 6.32 40.96 28.22
N GLU A 1298 5.22 40.77 27.50
CA GLU A 1298 4.03 40.17 28.12
C GLU A 1298 4.28 38.74 28.54
N GLN A 1299 5.10 38.00 27.78
CA GLN A 1299 5.31 36.60 28.10
C GLN A 1299 6.32 36.42 29.22
N ILE A 1300 7.33 37.30 29.31
CA ILE A 1300 8.27 37.22 30.42
C ILE A 1300 7.56 37.53 31.73
N ASP A 1301 6.55 38.40 31.70
CA ASP A 1301 5.77 38.67 32.90
C ASP A 1301 4.91 37.47 33.26
N ARG A 1302 4.29 36.84 32.27
CA ARG A 1302 3.41 35.71 32.54
C ARG A 1302 4.18 34.53 33.11
N VAL A 1303 5.41 34.31 32.65
CA VAL A 1303 6.24 33.25 33.20
C VAL A 1303 6.48 33.47 34.68
N SER A 1304 6.97 34.66 35.05
CA SER A 1304 7.40 34.88 36.41
C SER A 1304 6.23 34.84 37.40
N ASN A 1305 5.06 35.37 37.00
CA ASN A 1305 3.89 35.27 37.87
C ASN A 1305 3.52 33.82 38.12
N LEU A 1306 3.68 32.96 37.10
CA LEU A 1306 3.42 31.54 37.30
C LEU A 1306 4.36 30.95 38.33
N LEU A 1307 5.62 31.38 38.32
CA LEU A 1307 6.65 30.92 39.26
C LEU A 1307 6.73 31.79 40.52
N SER A 1308 5.64 32.45 40.90
CA SER A 1308 5.62 33.23 42.14
C SER A 1308 5.15 32.41 43.33
N TYR A 1309 5.03 31.08 43.18
CA TYR A 1309 4.59 30.28 44.31
C TYR A 1309 5.72 30.06 45.31
N SER A 1310 6.97 30.05 44.85
CA SER A 1310 8.12 29.94 45.73
C SER A 1310 8.80 31.29 45.85
N THR A 1311 9.24 31.63 47.08
CA THR A 1311 9.87 32.92 47.30
C THR A 1311 11.28 32.96 46.70
N ARG A 1312 11.94 31.81 46.56
CA ARG A 1312 13.28 31.81 45.98
C ARG A 1312 13.26 31.93 44.47
N TYR A 1313 12.12 31.69 43.82
CA TYR A 1313 11.95 32.01 42.41
C TYR A 1313 11.57 33.45 42.17
N ASN A 1314 11.74 34.31 43.17
CA ASN A 1314 11.35 35.70 43.02
C ASN A 1314 12.33 36.42 42.10
N ASN A 1315 11.79 37.13 41.10
CA ASN A 1315 12.58 37.80 40.07
C ASN A 1315 13.53 36.83 39.37
N SER A 1316 13.23 35.53 39.46
CA SER A 1316 14.11 34.52 38.90
C SER A 1316 14.25 34.69 37.40
N THR A 1317 13.13 34.83 36.70
CA THR A 1317 13.15 34.84 35.24
C THR A 1317 13.60 36.20 34.70
N TYR A 1318 13.17 37.30 35.33
CA TYR A 1318 13.52 38.62 34.84
C TYR A 1318 15.02 38.79 34.71
N ALA A 1319 15.79 38.16 35.60
CA ALA A 1319 17.24 38.21 35.46
C ALA A 1319 17.72 37.18 34.45
N SER A 1320 17.13 35.98 34.46
CA SER A 1320 17.51 34.95 33.52
C SER A 1320 17.38 35.44 32.08
N VAL A 1321 16.33 36.21 31.79
CA VAL A 1321 16.11 36.67 30.42
C VAL A 1321 17.15 37.70 30.03
N PHE A 1322 17.45 38.64 30.92
CA PHE A 1322 18.22 39.82 30.54
C PHE A 1322 19.72 39.57 30.40
N GLU A 1323 20.24 38.42 30.84
CA GLU A 1323 21.65 38.17 30.54
C GLU A 1323 21.88 37.81 29.09
N VAL A 1324 20.81 37.58 28.32
CA VAL A 1324 20.97 37.46 26.88
C VAL A 1324 21.61 38.72 26.31
N PHE A 1325 21.12 39.87 26.77
CA PHE A 1325 21.62 41.17 26.32
C PHE A 1325 22.86 41.61 27.07
N LYS A 1326 23.45 40.74 27.90
CA LYS A 1326 24.56 41.15 28.75
C LYS A 1326 25.76 41.60 27.93
N LYS A 1327 25.94 41.06 26.72
CA LYS A 1327 27.10 41.40 25.92
C LYS A 1327 26.91 42.67 25.10
N ASP A 1328 25.68 42.94 24.66
CA ASP A 1328 25.42 44.09 23.81
C ASP A 1328 25.06 45.35 24.59
N VAL A 1329 24.53 45.22 25.80
CA VAL A 1329 24.24 46.36 26.65
C VAL A 1329 24.65 46.02 28.07
N ASN A 1330 24.98 47.06 28.84
CA ASN A 1330 25.43 46.90 30.22
C ASN A 1330 24.20 46.95 31.12
N LEU A 1331 24.01 45.90 31.92
CA LEU A 1331 22.80 45.80 32.73
C LEU A 1331 22.94 46.58 34.03
N ASP A 1332 21.79 46.92 34.63
CA ASP A 1332 21.74 47.58 35.93
C ASP A 1332 21.32 46.55 36.98
N TYR A 1333 22.30 45.80 37.47
CA TYR A 1333 22.04 44.66 38.33
C TYR A 1333 21.44 45.04 39.67
N ASP A 1334 21.45 46.33 40.03
CA ASP A 1334 20.79 46.77 41.25
C ASP A 1334 19.33 47.13 41.05
N GLU A 1335 18.93 47.38 39.80
CA GLU A 1335 17.52 47.57 39.48
C GLU A 1335 16.79 46.25 39.25
N LEU A 1336 17.51 45.14 39.19
CA LEU A 1336 16.88 43.84 39.05
C LEU A 1336 16.39 43.28 40.37
N LYS A 1337 16.57 44.01 41.47
CA LYS A 1337 16.18 43.52 42.77
C LYS A 1337 14.86 44.12 43.27
N LYS A 1338 14.43 45.25 42.72
CA LYS A 1338 13.14 45.78 43.14
C LYS A 1338 12.02 44.97 42.49
N LYS A 1339 10.79 45.31 42.83
CA LYS A 1339 9.62 44.61 42.32
C LYS A 1339 9.05 45.39 41.15
N PHE A 1340 9.03 44.77 39.97
CA PHE A 1340 8.53 45.44 38.78
C PHE A 1340 7.83 44.44 37.88
N LYS A 1341 7.02 44.98 36.97
CA LYS A 1341 6.38 44.21 35.90
C LYS A 1341 6.69 44.88 34.57
N LEU A 1342 7.15 44.08 33.60
CA LEU A 1342 7.53 44.65 32.30
C LEU A 1342 6.32 44.99 31.44
N ILE A 1343 5.48 43.99 31.15
CA ILE A 1343 4.47 44.16 30.12
C ILE A 1343 3.39 45.15 30.51
N GLY A 1344 2.93 45.11 31.75
CA GLY A 1344 1.96 46.07 32.22
C GLY A 1344 2.58 47.42 32.52
N ASN A 1345 2.36 48.40 31.64
CA ASN A 1345 3.03 49.69 31.73
C ASN A 1345 4.53 49.50 31.80
N ASN A 1346 5.21 50.46 32.40
CA ASN A 1346 6.65 50.37 32.59
C ASN A 1346 7.47 50.19 31.33
N ASP A 1347 7.13 50.91 30.26
CA ASP A 1347 8.01 50.90 29.11
C ASP A 1347 9.27 51.70 29.37
N ILE A 1348 9.15 52.74 30.21
CA ILE A 1348 10.30 53.48 30.71
C ILE A 1348 10.94 52.77 31.88
N LEU A 1349 10.63 51.49 32.08
CA LEU A 1349 11.22 50.72 33.17
C LEU A 1349 12.70 50.45 32.94
N GLU A 1350 13.17 50.53 31.70
CA GLU A 1350 14.58 50.27 31.44
C GLU A 1350 15.34 51.46 30.89
N ARG A 1351 16.30 52.05 31.64
CA ARG A 1351 16.67 51.84 33.06
C ARG A 1351 17.25 50.48 33.54
N LEU A 1352 16.57 49.38 33.34
CA LEU A 1352 17.13 48.12 33.78
C LEU A 1352 18.42 47.88 33.06
N MSE A 1353 18.42 48.17 31.76
CA MSE A 1353 19.56 47.92 30.94
C MSE A 1353 19.98 49.23 30.39
O MSE A 1353 19.14 49.96 29.89
CB MSE A 1353 19.15 47.01 29.78
CG MSE A 1353 17.76 47.28 29.23
SE MSE A 1353 17.49 46.14 27.67
CE MSE A 1353 19.35 46.05 27.11
N LYS A 1354 21.25 49.57 30.47
CA LYS A 1354 21.68 50.89 30.05
C LYS A 1354 22.90 50.84 29.16
N PRO A 1355 23.15 51.99 28.40
CA PRO A 1355 24.01 51.74 27.24
C PRO A 1355 25.38 51.28 27.61
N LYS A 1356 25.93 50.40 26.79
CA LYS A 1356 27.29 49.94 26.96
C LYS A 1356 28.24 51.07 26.75
N LYS A 1357 29.06 51.48 27.73
CA LYS A 1357 30.19 50.89 28.48
C LYS A 1357 31.47 50.47 27.73
N VAL A 1358 31.89 51.20 26.72
CA VAL A 1358 32.93 50.69 25.82
C VAL A 1358 34.36 50.40 26.29
N SER A 1359 34.95 51.29 27.07
CA SER A 1359 36.37 51.16 27.37
C SER A 1359 36.80 51.89 28.61
N VAL A 1360 38.10 51.89 28.89
CA VAL A 1360 38.61 52.30 30.19
C VAL A 1360 38.21 53.72 30.54
N LEU A 1361 38.20 54.60 29.55
CA LEU A 1361 37.76 55.97 29.77
C LEU A 1361 36.25 56.15 29.84
N GLU A 1362 35.50 55.07 29.75
CA GLU A 1362 34.06 55.12 29.56
C GLU A 1362 33.71 55.82 28.26
N LEU A 1363 34.32 55.38 27.17
CA LEU A 1363 33.95 55.87 25.86
C LEU A 1363 32.60 55.26 25.53
N GLU A 1364 31.76 55.99 24.83
CA GLU A 1364 30.37 55.57 24.66
C GLU A 1364 30.19 54.26 23.94
N SER A 1365 30.97 54.07 22.89
CA SER A 1365 30.95 52.88 22.04
C SER A 1365 29.89 53.14 21.02
N TYR A 1366 30.05 52.61 19.83
CA TYR A 1366 29.01 52.72 18.85
C TYR A 1366 27.98 51.69 19.23
N ASN A 1367 26.79 51.85 18.71
CA ASN A 1367 25.82 50.77 18.61
C ASN A 1367 25.28 50.44 19.95
N SER A 1368 25.88 50.99 20.99
CA SER A 1368 25.44 50.67 22.33
C SER A 1368 24.02 51.15 22.50
N ASP A 1369 23.75 52.33 21.97
CA ASP A 1369 22.42 52.90 21.92
C ASP A 1369 21.39 52.21 21.04
N TYR A 1370 21.78 51.81 19.85
CA TYR A 1370 20.84 51.16 18.96
C TYR A 1370 20.35 49.87 19.53
N ILE A 1371 21.26 49.06 20.03
CA ILE A 1371 20.86 47.77 20.53
C ILE A 1371 19.89 47.99 21.67
N LYS A 1372 20.14 48.99 22.51
CA LYS A 1372 19.21 49.31 23.56
C LYS A 1372 17.86 49.67 23.00
N ASN A 1373 17.87 50.44 21.92
CA ASN A 1373 16.64 50.71 21.18
C ASN A 1373 16.06 49.50 20.45
N LEU A 1374 16.93 48.72 19.83
CA LEU A 1374 16.50 47.46 19.24
C LEU A 1374 16.09 46.39 20.23
N ILE A 1375 16.84 46.21 21.32
CA ILE A 1375 16.48 45.21 22.32
C ILE A 1375 15.13 45.53 22.94
N ILE A 1376 14.81 46.81 23.11
CA ILE A 1376 13.50 47.20 23.64
C ILE A 1376 12.43 46.99 22.59
N GLU A 1377 12.70 47.40 21.36
CA GLU A 1377 11.70 47.37 20.30
C GLU A 1377 11.22 45.96 20.12
N LEU A 1378 12.13 45.03 20.37
CA LEU A 1378 11.87 43.60 20.32
C LEU A 1378 10.88 43.15 21.36
N LEU A 1379 11.09 43.62 22.57
CA LEU A 1379 10.29 43.26 23.72
C LEU A 1379 8.86 43.74 23.67
N THR A 1380 8.59 44.92 23.17
CA THR A 1380 7.23 45.41 23.17
C THR A 1380 6.47 45.22 21.87
N LYS A 1381 7.17 45.15 20.75
CA LYS A 1381 6.44 45.03 19.51
C LYS A 1381 5.41 43.89 19.58
N ILE A 1382 4.30 44.10 18.92
CA ILE A 1382 3.22 43.14 18.91
C ILE A 1382 2.42 43.46 17.69
N GLU A 1383 2.18 42.48 16.85
CA GLU A 1383 1.52 42.75 15.60
C GLU A 1383 0.19 42.06 15.46
N LYS B 350 -39.93 -65.71 -32.70
CA LYS B 350 -40.67 -64.53 -32.31
C LYS B 350 -39.85 -63.29 -32.59
N LYS B 351 -40.00 -62.74 -33.79
CA LYS B 351 -39.32 -61.51 -34.16
C LYS B 351 -37.86 -61.79 -34.35
N ASP B 352 -37.24 -62.32 -33.31
CA ASP B 352 -35.82 -62.60 -33.36
C ASP B 352 -35.64 -63.58 -34.49
N LYS B 353 -36.56 -64.54 -34.58
CA LYS B 353 -36.53 -65.48 -35.68
C LYS B 353 -36.76 -64.79 -37.03
N ILE B 354 -37.71 -63.87 -37.06
CA ILE B 354 -38.08 -63.24 -38.32
C ILE B 354 -36.99 -62.41 -38.97
N VAL B 355 -36.32 -61.60 -38.15
CA VAL B 355 -35.35 -60.67 -38.70
C VAL B 355 -34.36 -61.42 -39.54
N LYS B 356 -34.07 -62.65 -39.12
CA LYS B 356 -33.04 -63.40 -39.82
C LYS B 356 -33.50 -63.70 -41.23
N PHE B 357 -34.78 -64.04 -41.34
CA PHE B 357 -35.31 -64.41 -42.63
C PHE B 357 -35.17 -63.21 -43.54
N PHE B 358 -35.45 -62.03 -43.02
CA PHE B 358 -35.39 -60.84 -43.85
C PHE B 358 -33.95 -60.69 -44.33
N VAL B 359 -33.00 -60.94 -43.45
CA VAL B 359 -31.60 -60.79 -43.84
C VAL B 359 -31.19 -61.77 -44.93
N GLU B 360 -31.63 -63.01 -44.83
CA GLU B 360 -31.20 -64.00 -45.80
C GLU B 360 -31.69 -63.63 -47.18
N ASN B 361 -32.92 -63.16 -47.25
CA ASN B 361 -33.48 -62.64 -48.48
C ASN B 361 -32.95 -61.30 -48.98
N ILE B 362 -32.32 -60.53 -48.11
CA ILE B 362 -31.66 -59.30 -48.53
C ILE B 362 -30.38 -59.56 -49.32
N LYS B 363 -29.59 -60.55 -48.92
CA LYS B 363 -28.31 -60.81 -49.55
C LYS B 363 -28.45 -61.18 -51.02
N ASN B 364 -29.44 -62.01 -51.33
CA ASN B 364 -29.76 -62.38 -52.69
C ASN B 364 -31.12 -61.80 -52.98
N ASN B 365 -31.27 -61.13 -54.11
CA ASN B 365 -32.33 -60.15 -54.24
C ASN B 365 -33.69 -60.78 -54.51
N SER B 366 -34.21 -61.43 -53.47
CA SER B 366 -35.54 -62.01 -53.53
C SER B 366 -36.63 -61.16 -52.87
N ILE B 367 -36.39 -60.65 -51.67
CA ILE B 367 -37.46 -59.92 -50.99
C ILE B 367 -38.11 -58.89 -51.90
N LYS B 368 -37.36 -58.37 -52.88
CA LYS B 368 -37.92 -57.39 -53.81
C LYS B 368 -38.98 -58.02 -54.70
N GLU B 369 -38.66 -59.15 -55.35
CA GLU B 369 -39.65 -59.85 -56.16
C GLU B 369 -40.80 -60.37 -55.31
N LYS B 370 -40.51 -60.71 -54.05
CA LYS B 370 -41.55 -61.23 -53.17
C LYS B 370 -42.52 -60.13 -52.73
N ILE B 371 -42.00 -58.92 -52.49
CA ILE B 371 -42.86 -57.80 -52.15
C ILE B 371 -43.59 -57.26 -53.37
N GLU B 372 -43.00 -57.37 -54.57
CA GLU B 372 -43.68 -56.97 -55.79
C GLU B 372 -44.81 -57.92 -56.16
N LYS B 373 -44.77 -59.16 -55.70
CA LYS B 373 -45.83 -60.14 -55.96
C LYS B 373 -46.94 -60.06 -54.92
N ILE B 374 -46.59 -59.99 -53.64
CA ILE B 374 -47.58 -59.72 -52.61
C ILE B 374 -48.29 -58.39 -52.85
N LEU B 375 -47.68 -57.48 -53.61
CA LEU B 375 -48.37 -56.27 -54.05
C LEU B 375 -49.28 -56.52 -55.24
N ALA B 376 -49.00 -57.53 -56.04
CA ALA B 376 -49.98 -58.03 -56.99
C ALA B 376 -50.81 -59.14 -56.31
N GLU B 377 -50.42 -59.49 -55.09
CA GLU B 377 -51.13 -60.43 -54.25
C GLU B 377 -52.50 -59.87 -53.94
N PHE B 378 -52.55 -58.56 -53.71
CA PHE B 378 -53.80 -57.93 -53.34
C PHE B 378 -54.81 -58.08 -54.46
N LYS B 379 -54.38 -57.83 -55.70
CA LYS B 379 -53.27 -56.96 -56.00
C LYS B 379 -53.89 -55.59 -55.92
N ILE B 380 -53.08 -54.56 -55.90
CA ILE B 380 -53.61 -53.20 -55.88
C ILE B 380 -54.41 -52.85 -57.13
N ASP B 381 -53.92 -53.26 -58.31
CA ASP B 381 -54.57 -52.90 -59.58
C ASP B 381 -55.98 -53.44 -59.83
N GLU B 382 -56.16 -54.75 -59.71
CA GLU B 382 -57.49 -55.34 -59.89
C GLU B 382 -58.43 -54.83 -58.80
N LEU B 383 -57.90 -54.74 -57.59
CA LEU B 383 -58.67 -54.35 -56.42
C LEU B 383 -58.70 -52.84 -56.29
N ILE B 384 -57.96 -52.16 -57.16
CA ILE B 384 -57.81 -50.74 -57.05
C ILE B 384 -59.14 -50.01 -57.19
N LYS B 385 -59.97 -50.43 -58.13
CA LYS B 385 -61.04 -49.56 -58.56
C LYS B 385 -61.99 -49.18 -57.44
N LYS B 386 -62.48 -50.14 -56.67
CA LYS B 386 -63.25 -49.83 -55.47
C LYS B 386 -64.36 -48.83 -55.79
N LEU B 387 -65.04 -49.01 -56.91
CA LEU B 387 -66.02 -48.03 -57.36
C LEU B 387 -65.38 -46.74 -57.90
N GLU B 388 -64.11 -46.83 -58.29
CA GLU B 388 -63.40 -45.69 -58.87
C GLU B 388 -63.91 -45.35 -60.27
N LYS B 389 -63.66 -44.14 -60.74
CA LYS B 389 -62.80 -43.17 -60.06
C LYS B 389 -63.55 -41.95 -59.56
N GLU B 390 -63.40 -41.69 -58.27
CA GLU B 390 -63.94 -40.51 -57.55
C GLU B 390 -64.31 -40.84 -56.11
N LEU B 391 -63.68 -40.09 -55.21
CA LEU B 391 -64.00 -40.03 -53.79
C LEU B 391 -65.40 -39.44 -53.65
N LYS B 392 -65.50 -38.11 -53.69
CA LYS B 392 -66.78 -37.41 -53.64
C LYS B 392 -66.56 -35.95 -54.01
N LYS B 393 -67.62 -35.15 -53.84
CA LYS B 393 -67.70 -33.78 -54.38
C LYS B 393 -66.53 -32.82 -54.08
N GLY B 394 -66.02 -32.71 -52.84
CA GLY B 394 -66.48 -33.41 -51.65
C GLY B 394 -67.24 -32.50 -50.70
N ASN B 395 -67.63 -32.96 -49.49
CA ASN B 395 -67.34 -34.27 -48.86
C ASN B 395 -65.83 -34.47 -48.63
N CYS B 396 -65.24 -35.46 -49.31
CA CYS B 396 -63.85 -35.86 -49.10
C CYS B 396 -63.60 -36.33 -47.68
N ASP B 397 -64.63 -36.88 -47.04
CA ASP B 397 -64.48 -37.39 -45.68
C ASP B 397 -63.70 -38.69 -45.68
N THR B 398 -63.03 -38.95 -44.55
CA THR B 398 -62.29 -40.21 -44.39
C THR B 398 -63.17 -41.38 -43.95
N GLU B 399 -64.44 -41.13 -43.62
CA GLU B 399 -65.33 -42.20 -43.16
C GLU B 399 -65.61 -43.21 -44.25
N ILE B 400 -65.91 -42.70 -45.44
CA ILE B 400 -65.84 -43.46 -46.67
C ILE B 400 -64.38 -43.78 -47.06
N PHE B 401 -63.49 -42.82 -46.78
CA PHE B 401 -62.08 -42.96 -47.13
C PHE B 401 -61.50 -44.15 -46.39
N GLY B 402 -61.91 -44.33 -45.15
CA GLY B 402 -61.50 -45.46 -44.35
C GLY B 402 -61.99 -46.75 -44.99
N ILE B 403 -62.97 -46.59 -45.88
CA ILE B 403 -63.73 -47.70 -46.45
C ILE B 403 -62.96 -48.50 -47.47
N PHE B 404 -61.67 -48.25 -47.59
CA PHE B 404 -60.89 -49.06 -48.57
C PHE B 404 -60.33 -50.28 -47.98
N LYS B 405 -60.21 -50.43 -46.68
CA LYS B 405 -60.04 -51.70 -46.00
C LYS B 405 -61.37 -52.29 -45.76
N LYS B 406 -62.42 -51.48 -45.79
CA LYS B 406 -63.79 -51.97 -45.84
C LYS B 406 -64.06 -52.48 -47.24
N HIS B 407 -63.60 -51.74 -48.23
CA HIS B 407 -63.58 -52.22 -49.60
C HIS B 407 -62.63 -53.42 -49.60
N TYR B 408 -61.55 -53.30 -48.84
CA TYR B 408 -60.61 -54.39 -48.65
C TYR B 408 -61.28 -55.54 -47.94
N LYS B 409 -62.14 -55.22 -46.99
CA LYS B 409 -62.63 -56.19 -46.02
C LYS B 409 -63.35 -57.36 -46.68
N VAL B 410 -64.22 -57.08 -47.63
CA VAL B 410 -64.77 -58.14 -48.45
C VAL B 410 -63.59 -58.71 -49.24
N ASN B 411 -62.69 -57.81 -49.61
CA ASN B 411 -61.66 -58.07 -50.60
C ASN B 411 -60.60 -59.15 -50.35
N PHE B 412 -60.04 -59.24 -49.15
CA PHE B 412 -58.84 -60.05 -49.00
C PHE B 412 -59.16 -61.48 -49.38
N ASP B 413 -60.23 -62.01 -48.82
CA ASP B 413 -60.70 -61.61 -47.51
C ASP B 413 -60.32 -62.79 -46.63
N SER B 414 -59.52 -62.53 -45.59
CA SER B 414 -58.90 -63.59 -44.82
C SER B 414 -59.84 -64.48 -43.99
N LYS B 415 -59.58 -65.78 -44.03
CA LYS B 415 -60.24 -66.76 -43.17
C LYS B 415 -59.22 -67.41 -42.25
N LYS B 416 -58.04 -66.80 -42.20
CA LYS B 416 -56.81 -67.34 -41.61
C LYS B 416 -55.65 -66.81 -42.44
N PHE B 417 -55.83 -66.71 -43.76
CA PHE B 417 -56.78 -67.53 -44.52
C PHE B 417 -56.30 -68.97 -44.47
N SER B 418 -54.98 -69.12 -44.57
CA SER B 418 -54.30 -70.39 -44.40
C SER B 418 -53.05 -70.09 -43.59
N LYS B 419 -52.51 -71.09 -42.90
CA LYS B 419 -51.32 -70.85 -42.10
C LYS B 419 -50.25 -70.37 -43.05
N LYS B 420 -49.48 -69.36 -42.66
CA LYS B 420 -48.57 -68.70 -43.61
C LYS B 420 -47.12 -68.92 -43.22
N SER B 421 -46.90 -69.75 -42.21
CA SER B 421 -45.56 -70.02 -41.71
C SER B 421 -45.06 -68.94 -40.78
N ASP B 422 -45.94 -68.02 -40.42
CA ASP B 422 -45.68 -67.04 -39.37
C ASP B 422 -44.66 -66.00 -39.81
N GLU B 423 -43.48 -66.46 -40.15
CA GLU B 423 -42.42 -65.54 -40.49
C GLU B 423 -42.84 -64.74 -41.71
N GLU B 424 -43.45 -65.41 -42.67
CA GLU B 424 -43.88 -64.79 -43.92
C GLU B 424 -44.93 -63.71 -43.73
N LYS B 425 -45.86 -63.96 -42.83
CA LYS B 425 -47.02 -63.10 -42.67
C LYS B 425 -46.61 -61.68 -42.28
N GLU B 426 -45.62 -61.56 -41.42
CA GLU B 426 -45.25 -60.25 -40.89
C GLU B 426 -44.88 -59.40 -42.08
N LEU B 427 -44.22 -60.00 -43.06
CA LEU B 427 -43.90 -59.26 -44.26
C LEU B 427 -45.22 -58.84 -44.85
N TYR B 428 -46.20 -59.72 -44.78
CA TYR B 428 -47.49 -59.38 -45.32
C TYR B 428 -48.04 -58.21 -44.56
N LYS B 429 -47.93 -58.23 -43.23
CA LYS B 429 -48.58 -57.20 -42.43
C LYS B 429 -47.96 -55.84 -42.72
N ILE B 430 -46.65 -55.85 -42.90
CA ILE B 430 -45.88 -54.62 -43.06
C ILE B 430 -46.46 -53.89 -44.24
N ILE B 431 -46.94 -54.66 -45.22
CA ILE B 431 -47.55 -54.12 -46.42
C ILE B 431 -48.88 -53.53 -45.98
N TYR B 432 -49.81 -54.40 -45.51
CA TYR B 432 -51.15 -53.96 -45.13
C TYR B 432 -51.07 -52.62 -44.40
N ARG B 433 -50.14 -52.50 -43.48
CA ARG B 433 -49.87 -51.22 -42.86
C ARG B 433 -49.54 -50.15 -43.88
N TYR B 434 -48.35 -50.24 -44.49
CA TYR B 434 -47.98 -49.23 -45.47
C TYR B 434 -48.99 -49.14 -46.60
N LEU B 435 -49.74 -50.20 -46.87
CA LEU B 435 -50.81 -50.12 -47.85
C LEU B 435 -51.88 -49.13 -47.42
N LYS B 436 -52.40 -49.31 -46.22
CA LYS B 436 -53.53 -48.51 -45.75
C LYS B 436 -53.18 -47.04 -45.73
N GLY B 437 -51.95 -46.75 -45.36
CA GLY B 437 -51.49 -45.40 -45.16
C GLY B 437 -51.62 -44.57 -46.41
N ARG B 438 -51.40 -45.18 -47.57
CA ARG B 438 -51.23 -44.42 -48.79
C ARG B 438 -52.43 -43.55 -49.08
N ILE B 439 -53.64 -44.04 -48.83
CA ILE B 439 -54.81 -43.21 -49.02
C ILE B 439 -54.74 -42.01 -48.07
N GLU B 440 -54.26 -42.23 -46.86
CA GLU B 440 -54.20 -41.18 -45.85
C GLU B 440 -53.32 -40.06 -46.35
N LYS B 441 -52.21 -40.40 -47.00
CA LYS B 441 -51.35 -39.42 -47.63
C LYS B 441 -52.23 -38.78 -48.69
N ILE B 442 -53.02 -39.62 -49.33
CA ILE B 442 -54.02 -39.21 -50.32
C ILE B 442 -54.90 -38.09 -49.76
N LEU B 443 -55.37 -38.25 -48.52
CA LEU B 443 -56.23 -37.23 -47.92
C LEU B 443 -55.47 -36.00 -47.44
N VAL B 444 -54.20 -35.83 -47.83
CA VAL B 444 -53.57 -34.54 -47.64
C VAL B 444 -53.94 -33.58 -48.77
N ASN B 445 -54.43 -34.12 -49.89
CA ASN B 445 -54.94 -33.27 -50.96
C ASN B 445 -56.30 -32.69 -50.58
N GLU B 446 -57.13 -33.48 -49.89
CA GLU B 446 -58.52 -33.09 -49.65
C GLU B 446 -58.64 -31.85 -48.79
N GLN B 447 -57.57 -31.47 -48.08
CA GLN B 447 -57.58 -30.31 -47.22
C GLN B 447 -56.65 -29.21 -47.69
N LYS B 448 -56.11 -29.30 -48.91
CA LYS B 448 -55.27 -28.24 -49.46
C LYS B 448 -55.77 -27.77 -50.83
N ILE B 457 -51.00 -27.21 -51.75
CA ILE B 457 -52.09 -27.66 -52.62
C ILE B 457 -51.64 -28.84 -53.50
N GLU B 458 -51.00 -29.83 -52.86
CA GLU B 458 -50.59 -31.02 -53.57
C GLU B 458 -51.81 -31.84 -54.01
N ILE B 459 -51.68 -32.52 -55.14
CA ILE B 459 -52.82 -33.13 -55.81
C ILE B 459 -53.06 -34.54 -55.27
N GLU B 460 -54.28 -34.99 -55.53
CA GLU B 460 -54.84 -36.21 -54.99
C GLU B 460 -54.26 -37.55 -55.47
N LYS B 461 -54.05 -37.64 -56.78
CA LYS B 461 -53.89 -38.93 -57.43
C LYS B 461 -52.52 -39.13 -58.08
N ILE B 462 -51.87 -40.26 -57.82
CA ILE B 462 -52.40 -41.31 -56.96
C ILE B 462 -51.26 -42.20 -56.50
N LEU B 463 -51.50 -43.01 -55.49
CA LEU B 463 -50.62 -44.14 -55.22
C LEU B 463 -50.79 -45.00 -56.45
N ASN B 464 -49.71 -45.59 -56.92
CA ASN B 464 -49.77 -46.32 -58.17
C ASN B 464 -49.21 -47.69 -58.02
N GLU B 465 -49.57 -48.58 -58.92
CA GLU B 465 -48.82 -49.81 -59.00
C GLU B 465 -47.43 -49.37 -59.47
N SER B 466 -46.38 -50.02 -58.98
CA SER B 466 -45.03 -49.80 -59.48
C SER B 466 -44.33 -48.59 -58.86
N ILE B 467 -45.00 -47.89 -57.96
CA ILE B 467 -44.34 -46.96 -57.07
C ILE B 467 -43.89 -47.66 -55.79
N LEU B 468 -44.75 -48.53 -55.27
CA LEU B 468 -44.53 -49.12 -53.96
C LEU B 468 -43.74 -50.42 -54.03
N SER B 469 -43.28 -50.78 -55.21
CA SER B 469 -42.46 -51.96 -55.36
C SER B 469 -41.19 -51.77 -54.54
N GLU B 470 -40.68 -50.54 -54.55
CA GLU B 470 -39.46 -50.17 -53.85
C GLU B 470 -39.70 -49.55 -52.48
N LYS B 471 -40.55 -48.51 -52.39
CA LYS B 471 -40.79 -47.85 -51.11
C LYS B 471 -41.34 -48.82 -50.06
N ILE B 472 -41.78 -50.01 -50.47
CA ILE B 472 -42.05 -51.09 -49.53
C ILE B 472 -40.76 -51.66 -48.94
N LEU B 473 -39.81 -52.03 -49.78
CA LEU B 473 -38.55 -52.61 -49.32
C LEU B 473 -37.87 -51.70 -48.31
N LYS B 474 -37.55 -50.48 -48.74
CA LYS B 474 -36.91 -49.46 -47.91
C LYS B 474 -37.61 -49.28 -46.56
N ARG B 475 -38.90 -49.57 -46.49
CA ARG B 475 -39.62 -49.59 -45.22
C ARG B 475 -39.51 -50.93 -44.50
N VAL B 476 -39.29 -52.03 -45.22
CA VAL B 476 -38.88 -53.29 -44.60
C VAL B 476 -37.43 -53.23 -44.17
N LYS B 477 -36.54 -53.01 -45.15
CA LYS B 477 -35.10 -53.01 -45.00
C LYS B 477 -34.67 -52.29 -43.73
N GLN B 478 -35.51 -51.37 -43.26
CA GLN B 478 -35.26 -50.64 -42.01
C GLN B 478 -35.87 -51.24 -40.76
N TYR B 479 -36.96 -52.01 -40.88
CA TYR B 479 -37.53 -52.73 -39.73
C TYR B 479 -36.54 -53.76 -39.20
N THR B 480 -36.01 -54.61 -40.08
CA THR B 480 -34.96 -55.53 -39.69
C THR B 480 -33.71 -54.77 -39.28
N LEU B 481 -33.41 -53.69 -39.98
CA LEU B 481 -32.21 -52.89 -39.70
C LEU B 481 -32.35 -52.10 -38.40
N GLU B 482 -33.57 -51.66 -38.07
CA GLU B 482 -33.79 -50.97 -36.81
C GLU B 482 -33.80 -51.94 -35.63
N HIS B 483 -34.17 -53.18 -35.87
CA HIS B 483 -34.15 -54.17 -34.79
C HIS B 483 -32.78 -54.79 -34.56
N ILE B 484 -31.93 -54.84 -35.57
CA ILE B 484 -30.58 -55.36 -35.34
C ILE B 484 -29.83 -54.48 -34.35
N MSE B 485 -29.94 -53.16 -34.50
CA MSE B 485 -29.34 -52.23 -33.56
C MSE B 485 -29.93 -52.39 -32.17
O MSE B 485 -29.21 -52.24 -31.17
CB MSE B 485 -29.49 -50.79 -34.03
CG MSE B 485 -28.31 -50.29 -34.83
SE MSE B 485 -28.70 -48.69 -35.86
CE MSE B 485 -29.21 -49.48 -37.55
N TYR B 486 -31.23 -52.68 -32.10
CA TYR B 486 -31.86 -52.95 -30.81
C TYR B 486 -31.10 -54.05 -30.08
N LEU B 487 -30.83 -55.16 -30.77
CA LEU B 487 -30.02 -56.22 -30.16
C LEU B 487 -28.64 -55.68 -29.77
N GLY B 488 -27.95 -55.04 -30.71
CA GLY B 488 -26.61 -54.55 -30.44
C GLY B 488 -26.55 -53.46 -29.40
N LYS B 489 -27.67 -52.75 -29.23
CA LYS B 489 -27.74 -51.68 -28.25
C LYS B 489 -27.82 -52.23 -26.87
N LEU B 490 -27.96 -53.53 -26.77
CA LEU B 490 -28.22 -54.13 -25.50
C LEU B 490 -26.95 -54.72 -25.07
N ARG B 491 -26.18 -55.15 -26.04
CA ARG B 491 -24.90 -55.75 -25.75
C ARG B 491 -23.93 -54.70 -25.29
N HIS B 492 -23.99 -53.52 -25.90
CA HIS B 492 -23.08 -52.46 -25.53
C HIS B 492 -23.26 -52.03 -24.10
N ASN B 493 -24.50 -51.97 -23.64
CA ASN B 493 -24.78 -51.52 -22.29
C ASN B 493 -25.35 -52.68 -21.50
N ASP B 494 -25.20 -52.66 -20.19
CA ASP B 494 -25.75 -53.74 -19.39
C ASP B 494 -27.24 -53.73 -19.65
N ILE B 495 -27.80 -54.89 -19.95
CA ILE B 495 -29.22 -54.95 -20.26
C ILE B 495 -29.83 -56.27 -19.81
N ASP B 496 -31.14 -56.28 -19.57
CA ASP B 496 -31.81 -57.49 -19.15
C ASP B 496 -32.44 -58.18 -20.36
N MSE B 497 -31.88 -59.32 -20.75
CA MSE B 497 -32.32 -60.04 -21.93
C MSE B 497 -33.74 -60.58 -21.83
O MSE B 497 -34.52 -60.49 -22.77
CB MSE B 497 -31.37 -61.21 -22.19
CG MSE B 497 -29.95 -60.78 -22.57
SE MSE B 497 -29.84 -59.70 -24.14
CE MSE B 497 -30.35 -61.04 -25.45
N THR B 498 -34.07 -61.12 -20.66
CA THR B 498 -35.35 -61.77 -20.43
C THR B 498 -36.53 -60.82 -20.66
N THR B 499 -36.38 -59.55 -20.30
CA THR B 499 -37.52 -58.63 -20.37
C THR B 499 -37.32 -57.37 -21.22
N VAL B 500 -38.27 -57.10 -22.11
CA VAL B 500 -38.20 -55.89 -22.94
C VAL B 500 -38.32 -54.62 -22.09
N ASN B 501 -39.22 -54.60 -21.11
CA ASN B 501 -39.25 -53.50 -20.15
C ASN B 501 -39.22 -52.10 -20.77
N THR B 502 -40.23 -51.78 -21.58
CA THR B 502 -40.22 -50.61 -22.44
C THR B 502 -39.98 -49.34 -21.63
N ASP B 503 -40.49 -49.34 -20.40
CA ASP B 503 -40.32 -48.20 -19.51
C ASP B 503 -38.82 -47.96 -19.28
N ASP B 504 -38.06 -49.03 -19.20
CA ASP B 504 -36.61 -48.94 -18.98
C ASP B 504 -35.87 -48.22 -20.11
N PHE B 505 -36.21 -48.51 -21.36
CA PHE B 505 -35.44 -47.98 -22.49
C PHE B 505 -35.44 -46.46 -22.61
N SER B 506 -36.60 -45.86 -22.42
CA SER B 506 -36.71 -44.43 -22.20
C SER B 506 -35.52 -44.00 -21.35
N ARG B 507 -35.12 -44.83 -20.39
CA ARG B 507 -33.98 -44.52 -19.55
C ARG B 507 -32.67 -44.72 -20.30
N LEU B 508 -32.61 -45.73 -21.16
CA LEU B 508 -31.43 -45.95 -21.98
C LEU B 508 -31.17 -44.76 -22.90
N HIS B 509 -32.23 -44.22 -23.51
CA HIS B 509 -32.07 -43.07 -24.40
C HIS B 509 -31.56 -41.85 -23.64
N ALA B 510 -31.87 -41.75 -22.34
CA ALA B 510 -31.37 -40.63 -21.55
C ALA B 510 -29.85 -40.68 -21.41
N LYS B 511 -29.30 -41.87 -21.19
CA LYS B 511 -27.85 -42.00 -21.07
C LYS B 511 -27.15 -42.10 -22.42
N GLU B 512 -27.84 -42.49 -23.48
CA GLU B 512 -27.23 -42.46 -24.81
C GLU B 512 -26.87 -41.03 -25.21
N GLU B 513 -27.81 -40.10 -25.04
CA GLU B 513 -27.52 -38.70 -25.34
C GLU B 513 -26.33 -38.20 -24.54
N LEU B 514 -26.23 -38.64 -23.28
CA LEU B 514 -25.05 -38.34 -22.48
C LEU B 514 -23.79 -38.88 -23.13
N ASP B 515 -23.77 -40.19 -23.41
CA ASP B 515 -22.57 -40.82 -23.97
C ASP B 515 -22.13 -40.16 -25.26
N LEU B 516 -23.04 -39.50 -25.97
CA LEU B 516 -22.59 -38.77 -27.15
C LEU B 516 -21.94 -37.45 -26.76
N GLU B 517 -22.49 -36.78 -25.75
CA GLU B 517 -21.95 -35.47 -25.37
C GLU B 517 -20.61 -35.61 -24.66
N LEU B 518 -20.44 -36.65 -23.84
CA LEU B 518 -19.19 -36.81 -23.10
C LEU B 518 -18.07 -37.30 -24.00
N ILE B 519 -18.36 -38.18 -24.96
CA ILE B 519 -17.36 -38.54 -25.95
C ILE B 519 -16.96 -37.30 -26.75
N THR B 520 -17.92 -36.40 -27.00
CA THR B 520 -17.60 -35.17 -27.70
C THR B 520 -16.78 -34.23 -26.81
N PHE B 521 -16.98 -34.31 -25.49
CA PHE B 521 -16.19 -33.50 -24.57
C PHE B 521 -14.70 -33.86 -24.67
N PHE B 522 -14.39 -35.16 -24.57
CA PHE B 522 -13.01 -35.60 -24.74
C PHE B 522 -12.45 -35.11 -26.07
N ALA B 523 -13.29 -35.09 -27.12
CA ALA B 523 -12.84 -34.59 -28.41
C ALA B 523 -12.55 -33.11 -28.36
N SER B 524 -13.19 -32.39 -27.43
CA SER B 524 -12.93 -30.96 -27.31
C SER B 524 -11.68 -30.67 -26.48
N THR B 525 -11.55 -31.29 -25.32
CA THR B 525 -10.32 -31.12 -24.55
C THR B 525 -9.11 -31.60 -25.33
N ASN B 526 -9.30 -32.59 -26.21
CA ASN B 526 -8.22 -33.03 -27.07
C ASN B 526 -7.78 -31.91 -28.01
N MSE B 527 -8.72 -31.11 -28.49
CA MSE B 527 -8.37 -30.04 -29.42
C MSE B 527 -7.86 -28.80 -28.69
O MSE B 527 -7.27 -27.92 -29.29
CB MSE B 527 -9.55 -29.66 -30.32
CG MSE B 527 -10.60 -28.79 -29.66
SE MSE B 527 -10.32 -26.89 -29.98
CE MSE B 527 -12.01 -26.19 -29.28
N GLU B 528 -8.10 -28.74 -27.37
CA GLU B 528 -7.54 -27.67 -26.56
C GLU B 528 -6.20 -28.02 -25.95
N LEU B 529 -5.95 -29.31 -25.68
CA LEU B 529 -4.59 -29.71 -25.34
C LEU B 529 -3.67 -29.61 -26.55
N ASN B 530 -4.21 -29.80 -27.74
CA ASN B 530 -3.42 -29.63 -28.95
C ASN B 530 -2.91 -28.23 -29.17
N LYS B 531 -3.72 -27.22 -28.86
CA LYS B 531 -3.27 -25.86 -29.02
C LYS B 531 -2.08 -25.57 -28.09
N ILE B 532 -2.20 -25.96 -26.82
CA ILE B 532 -1.10 -25.80 -25.86
C ILE B 532 0.11 -26.69 -26.10
N PHE B 533 -0.16 -27.95 -26.42
CA PHE B 533 0.90 -28.93 -26.66
C PHE B 533 0.87 -29.23 -28.12
N SER B 534 1.98 -29.08 -28.81
CA SER B 534 1.97 -29.30 -30.25
C SER B 534 2.38 -30.73 -30.53
N ARG B 535 3.56 -30.92 -31.10
CA ARG B 535 4.07 -32.26 -31.33
C ARG B 535 5.52 -32.26 -30.95
N GLU B 536 6.08 -33.41 -30.62
CA GLU B 536 7.51 -33.46 -30.32
C GLU B 536 8.38 -33.74 -31.54
N ASN B 537 9.26 -32.79 -31.84
CA ASN B 537 10.25 -32.90 -32.92
C ASN B 537 9.72 -33.17 -34.33
N ILE B 538 8.58 -32.60 -34.65
CA ILE B 538 8.12 -32.56 -36.04
C ILE B 538 8.11 -33.96 -36.62
N ASN B 539 7.78 -34.94 -35.80
CA ASN B 539 7.62 -36.31 -36.27
C ASN B 539 6.47 -36.29 -37.25
N ASN B 540 5.46 -35.51 -36.87
CA ASN B 540 4.25 -35.33 -37.66
C ASN B 540 3.62 -34.04 -37.17
N ASP B 541 2.72 -33.49 -37.96
CA ASP B 541 1.96 -32.32 -37.56
C ASP B 541 0.54 -32.71 -37.24
N GLU B 542 0.29 -34.00 -37.01
CA GLU B 542 -1.09 -34.47 -36.95
C GLU B 542 -1.62 -34.36 -35.52
N ASN B 543 -2.94 -34.51 -35.40
CA ASN B 543 -3.57 -34.39 -34.09
C ASN B 543 -3.14 -35.51 -33.17
N ILE B 544 -3.01 -35.21 -31.89
CA ILE B 544 -2.71 -36.23 -30.91
C ILE B 544 -3.99 -36.69 -30.26
N ASP B 545 -4.19 -38.00 -30.16
CA ASP B 545 -5.31 -38.50 -29.40
C ASP B 545 -4.74 -38.74 -28.03
N PHE B 546 -4.93 -37.79 -27.13
CA PHE B 546 -4.34 -37.92 -25.81
C PHE B 546 -4.94 -39.11 -25.12
N PHE B 547 -6.23 -39.27 -25.32
CA PHE B 547 -6.97 -40.35 -24.71
C PHE B 547 -7.10 -41.51 -25.69
N GLY B 548 -6.36 -41.42 -26.79
CA GLY B 548 -6.20 -42.50 -27.73
C GLY B 548 -5.53 -43.69 -27.04
N GLY B 549 -4.63 -43.40 -26.12
CA GLY B 549 -3.89 -44.43 -25.43
C GLY B 549 -2.58 -44.82 -26.08
N ASP B 550 -2.14 -44.03 -27.06
CA ASP B 550 -0.94 -44.37 -27.81
C ASP B 550 0.18 -43.33 -27.80
N ARG B 551 1.40 -43.78 -27.53
CA ARG B 551 2.65 -43.12 -27.89
C ARG B 551 2.96 -41.71 -27.40
N GLU B 552 2.57 -41.36 -26.18
CA GLU B 552 3.04 -40.12 -25.60
C GLU B 552 3.74 -40.42 -24.29
N LYS B 553 5.04 -40.17 -24.18
CA LYS B 553 5.93 -39.62 -25.22
C LYS B 553 5.90 -38.11 -25.26
N ASN B 554 5.20 -37.51 -24.30
CA ASN B 554 5.31 -36.10 -24.04
C ASN B 554 4.68 -35.16 -25.05
N TYR B 555 5.11 -33.90 -24.99
CA TYR B 555 4.57 -32.85 -25.82
C TYR B 555 5.57 -31.71 -25.91
N VAL B 556 5.33 -30.79 -26.81
CA VAL B 556 6.18 -29.61 -26.95
C VAL B 556 5.51 -28.31 -26.52
N LEU B 557 6.19 -27.52 -25.71
CA LEU B 557 5.72 -26.19 -25.35
C LEU B 557 6.80 -25.15 -25.63
N ASP B 558 6.45 -24.08 -26.33
CA ASP B 558 7.43 -23.04 -26.59
C ASP B 558 6.91 -21.71 -26.09
N LYS B 559 7.76 -20.94 -25.41
CA LYS B 559 7.33 -19.67 -24.88
C LYS B 559 6.15 -19.94 -23.98
N LYS B 560 5.05 -19.27 -24.25
CA LYS B 560 3.87 -19.51 -23.43
C LYS B 560 2.66 -19.59 -24.33
N ILE B 561 2.56 -20.62 -25.16
CA ILE B 561 1.39 -20.66 -26.03
C ILE B 561 0.18 -21.00 -25.18
N LEU B 562 -0.94 -20.36 -25.47
CA LEU B 562 -2.18 -20.57 -24.71
C LEU B 562 -1.95 -20.28 -23.23
N ASN B 563 -1.66 -19.01 -22.95
CA ASN B 563 -1.26 -18.58 -21.61
C ASN B 563 -2.28 -18.95 -20.55
N SER B 564 -3.56 -19.03 -20.91
CA SER B 564 -4.60 -19.28 -19.92
C SER B 564 -4.56 -20.72 -19.42
N LYS B 565 -4.31 -21.68 -20.31
CA LYS B 565 -4.36 -23.08 -19.93
C LYS B 565 -3.08 -23.55 -19.25
N ILE B 566 -1.94 -22.90 -19.53
CA ILE B 566 -0.67 -23.39 -19.02
C ILE B 566 -0.60 -23.22 -17.50
N LYS B 567 -1.07 -22.09 -16.99
CA LYS B 567 -1.13 -21.93 -15.53
C LYS B 567 -2.04 -22.98 -14.92
N ILE B 568 -3.07 -23.40 -15.65
CA ILE B 568 -3.90 -24.52 -15.22
C ILE B 568 -3.10 -25.81 -15.22
N ILE B 569 -2.22 -25.98 -16.21
CA ILE B 569 -1.37 -27.17 -16.26
C ILE B 569 -0.31 -27.10 -15.17
N ARG B 570 0.11 -25.90 -14.77
CA ARG B 570 1.16 -25.77 -13.77
C ARG B 570 0.63 -26.09 -12.37
N ASP B 571 -0.56 -25.58 -12.03
CA ASP B 571 -1.11 -25.82 -10.71
C ASP B 571 -1.53 -27.27 -10.49
N LEU B 572 -1.61 -28.07 -11.55
CA LEU B 572 -1.87 -29.50 -11.43
C LEU B 572 -0.60 -30.33 -11.38
N ASP B 573 0.56 -29.73 -11.66
CA ASP B 573 1.87 -30.36 -11.69
C ASP B 573 2.06 -31.28 -12.89
N PHE B 574 1.22 -31.17 -13.91
CA PHE B 574 1.53 -31.82 -15.18
C PHE B 574 2.77 -31.20 -15.79
N ILE B 575 2.68 -29.93 -16.14
CA ILE B 575 3.80 -29.21 -16.74
C ILE B 575 4.91 -28.96 -15.73
N ASP B 576 6.15 -29.00 -16.19
CA ASP B 576 7.29 -28.82 -15.31
C ASP B 576 7.49 -27.38 -14.88
N ASN B 577 8.34 -27.19 -13.89
CA ASN B 577 8.63 -25.85 -13.39
C ASN B 577 9.22 -24.99 -14.51
N LYS B 578 10.02 -25.60 -15.38
CA LYS B 578 10.54 -24.88 -16.53
C LYS B 578 9.39 -24.42 -17.42
N ASN B 579 8.42 -25.31 -17.59
CA ASN B 579 7.29 -25.13 -18.49
C ASN B 579 7.75 -25.67 -19.81
N ASN B 580 9.01 -26.08 -19.81
CA ASN B 580 9.70 -26.66 -20.96
C ASN B 580 9.44 -28.15 -21.08
N ILE B 581 9.50 -28.85 -19.95
CA ILE B 581 9.51 -30.31 -19.94
C ILE B 581 8.23 -30.93 -19.39
N THR B 582 7.73 -31.94 -20.10
CA THR B 582 6.48 -32.59 -19.74
C THR B 582 6.63 -34.10 -19.87
N ASN B 583 6.17 -34.88 -18.90
CA ASN B 583 5.50 -34.38 -17.70
C ASN B 583 5.63 -35.37 -16.56
N ASN B 584 5.49 -34.86 -15.34
CA ASN B 584 5.44 -35.75 -14.19
C ASN B 584 4.15 -36.57 -14.17
N PHE B 585 3.01 -35.88 -14.22
CA PHE B 585 1.71 -36.52 -14.03
C PHE B 585 0.84 -36.61 -15.27
N ILE B 586 1.32 -36.15 -16.44
CA ILE B 586 0.50 -36.34 -17.64
C ILE B 586 0.40 -37.82 -17.96
N ARG B 587 1.46 -38.59 -17.68
CA ARG B 587 1.40 -40.04 -17.86
C ARG B 587 0.36 -40.67 -16.94
N LYS B 588 0.11 -40.08 -15.78
CA LYS B 588 -0.99 -40.54 -14.93
C LYS B 588 -2.32 -39.91 -15.37
N PHE B 589 -2.29 -38.63 -15.74
CA PHE B 589 -3.50 -37.95 -16.17
C PHE B 589 -4.04 -38.53 -17.48
N THR B 590 -3.17 -38.72 -18.47
CA THR B 590 -3.60 -39.35 -19.70
C THR B 590 -4.06 -40.79 -19.48
N LYS B 591 -3.45 -41.50 -18.52
CA LYS B 591 -3.79 -42.90 -18.33
C LYS B 591 -5.18 -43.06 -17.71
N ILE B 592 -5.57 -42.16 -16.80
CA ILE B 592 -6.93 -42.21 -16.29
C ILE B 592 -7.93 -41.89 -17.39
N GLY B 593 -7.61 -40.90 -18.23
CA GLY B 593 -8.53 -40.51 -19.29
C GLY B 593 -8.75 -41.60 -20.31
N THR B 594 -7.66 -42.28 -20.71
CA THR B 594 -7.79 -43.39 -21.67
C THR B 594 -8.72 -44.46 -21.12
N ASN B 595 -8.65 -44.74 -19.83
CA ASN B 595 -9.60 -45.66 -19.20
C ASN B 595 -10.99 -45.05 -19.15
N GLU B 596 -11.10 -43.83 -18.64
CA GLU B 596 -12.40 -43.23 -18.45
C GLU B 596 -13.12 -42.91 -19.75
N ARG B 597 -12.37 -42.76 -20.85
CA ARG B 597 -13.02 -42.67 -22.15
C ARG B 597 -13.48 -44.04 -22.63
N ASN B 598 -12.72 -45.09 -22.33
CA ASN B 598 -13.07 -46.43 -22.77
C ASN B 598 -14.30 -46.97 -22.05
N ARG B 599 -14.69 -46.38 -20.91
CA ARG B 599 -15.92 -46.82 -20.27
C ARG B 599 -17.14 -46.32 -21.01
N ILE B 600 -17.05 -45.15 -21.64
CA ILE B 600 -18.20 -44.56 -22.32
C ILE B 600 -18.36 -45.11 -23.74
N LEU B 601 -17.25 -45.35 -24.43
CA LEU B 601 -17.30 -46.15 -25.64
C LEU B 601 -17.65 -47.62 -25.35
N HIS B 602 -17.49 -48.01 -24.11
CA HIS B 602 -17.71 -49.39 -23.71
C HIS B 602 -16.65 -50.25 -24.35
N ALA B 603 -15.54 -49.62 -24.74
CA ALA B 603 -14.39 -50.32 -25.30
C ALA B 603 -13.72 -51.27 -24.31
N ILE B 604 -13.60 -50.83 -23.07
CA ILE B 604 -13.16 -51.71 -22.00
C ILE B 604 -11.87 -52.40 -22.37
N SER B 605 -10.90 -51.65 -22.88
CA SER B 605 -9.72 -52.29 -23.42
C SER B 605 -8.36 -51.95 -22.80
N LYS B 606 -7.69 -53.00 -22.35
CA LYS B 606 -6.24 -53.14 -22.32
C LYS B 606 -5.45 -52.03 -21.62
N GLU B 607 -5.88 -51.55 -20.49
CA GLU B 607 -4.99 -50.73 -19.72
C GLU B 607 -4.96 -51.44 -18.42
N ARG B 608 -5.32 -50.78 -17.35
CA ARG B 608 -5.69 -51.48 -16.15
C ARG B 608 -4.54 -52.12 -15.43
N ASP B 609 -4.47 -51.81 -14.16
CA ASP B 609 -5.55 -51.06 -13.57
C ASP B 609 -5.57 -49.65 -14.06
N LEU B 610 -4.43 -49.00 -13.98
CA LEU B 610 -4.35 -47.64 -14.45
C LEU B 610 -5.11 -46.74 -13.52
N GLN B 611 -6.35 -47.12 -13.35
CA GLN B 611 -7.34 -46.27 -12.75
C GLN B 611 -7.06 -46.39 -11.26
N GLY B 612 -8.11 -46.26 -10.45
CA GLY B 612 -8.01 -46.27 -9.01
C GLY B 612 -7.46 -44.93 -8.62
N THR B 613 -6.24 -44.73 -9.05
CA THR B 613 -5.48 -43.57 -8.76
C THR B 613 -6.31 -42.34 -8.95
N GLN B 614 -6.06 -41.28 -8.21
CA GLN B 614 -5.14 -41.29 -7.09
C GLN B 614 -5.93 -40.75 -5.98
N ASP B 615 -5.59 -41.17 -4.80
CA ASP B 615 -6.15 -40.65 -3.57
C ASP B 615 -6.56 -39.23 -3.77
N ASP B 616 -7.24 -38.64 -2.80
CA ASP B 616 -7.45 -37.20 -2.68
C ASP B 616 -6.19 -36.31 -2.81
N TYR B 617 -5.05 -36.93 -2.98
CA TYR B 617 -3.74 -36.31 -3.09
C TYR B 617 -3.42 -36.09 -4.55
N ASN B 618 -4.36 -36.38 -5.43
CA ASN B 618 -4.19 -36.14 -6.83
C ASN B 618 -5.49 -35.59 -7.19
N LYS B 619 -6.45 -35.82 -6.32
CA LYS B 619 -7.67 -35.05 -6.46
C LYS B 619 -7.62 -33.70 -5.74
N VAL B 620 -7.12 -33.67 -4.51
CA VAL B 620 -7.13 -32.40 -3.80
C VAL B 620 -6.36 -31.34 -4.57
N ILE B 621 -5.51 -31.74 -5.53
CA ILE B 621 -4.87 -30.76 -6.40
C ILE B 621 -5.92 -30.07 -7.26
N ASN B 622 -7.04 -30.73 -7.51
CA ASN B 622 -8.14 -30.13 -8.26
C ASN B 622 -9.00 -29.23 -7.39
N ILE B 623 -9.38 -29.71 -6.21
CA ILE B 623 -10.14 -28.88 -5.27
C ILE B 623 -9.39 -27.60 -4.95
N ILE B 624 -8.07 -27.70 -4.75
CA ILE B 624 -7.26 -26.52 -4.46
C ILE B 624 -7.28 -25.57 -5.65
N GLN B 625 -7.03 -26.10 -6.86
CA GLN B 625 -7.06 -25.27 -8.05
C GLN B 625 -8.39 -24.55 -8.20
N ASN B 626 -9.49 -25.23 -7.86
CA ASN B 626 -10.79 -24.60 -7.94
C ASN B 626 -10.93 -23.49 -6.91
N LEU B 627 -10.56 -23.78 -5.66
CA LEU B 627 -10.76 -22.81 -4.58
C LEU B 627 -9.99 -21.52 -4.78
N LYS B 628 -8.96 -21.53 -5.63
CA LYS B 628 -8.07 -20.37 -5.76
C LYS B 628 -8.62 -19.28 -6.68
N ILE B 629 -9.70 -19.54 -7.41
CA ILE B 629 -10.15 -18.57 -8.40
C ILE B 629 -11.21 -17.65 -7.83
N SER B 630 -11.15 -17.39 -6.53
CA SER B 630 -11.81 -16.22 -5.93
C SER B 630 -10.68 -15.31 -5.41
N ASP B 631 -10.72 -13.97 -5.52
CA ASP B 631 -11.82 -13.02 -5.87
C ASP B 631 -12.74 -12.77 -4.68
N GLU B 632 -12.23 -12.93 -3.45
CA GLU B 632 -13.10 -12.88 -2.27
C GLU B 632 -13.52 -11.46 -1.89
N GLU B 633 -12.65 -10.48 -2.02
CA GLU B 633 -13.02 -9.18 -1.48
C GLU B 633 -14.24 -8.54 -2.16
N VAL B 634 -14.25 -8.57 -3.49
CA VAL B 634 -15.22 -7.80 -4.21
C VAL B 634 -15.89 -8.70 -5.22
N SER B 635 -16.33 -9.86 -4.76
CA SER B 635 -17.09 -10.70 -5.64
C SER B 635 -18.46 -10.56 -5.03
N LYS B 636 -18.54 -10.63 -3.71
CA LYS B 636 -19.79 -10.37 -3.03
C LYS B 636 -20.17 -8.91 -3.24
N ALA B 637 -19.20 -8.04 -3.08
CA ALA B 637 -19.40 -6.63 -3.32
C ALA B 637 -19.64 -6.34 -4.77
N LEU B 638 -18.88 -7.00 -5.63
CA LEU B 638 -18.85 -6.64 -7.04
C LEU B 638 -20.17 -6.86 -7.74
N ASN B 639 -20.80 -7.99 -7.51
CA ASN B 639 -22.12 -8.22 -8.06
C ASN B 639 -23.00 -8.97 -7.09
N LEU B 640 -24.08 -8.33 -6.65
CA LEU B 640 -24.24 -6.89 -6.75
C LEU B 640 -24.68 -6.33 -5.41
N ASP B 641 -24.16 -6.91 -4.34
CA ASP B 641 -24.74 -6.90 -3.01
C ASP B 641 -24.94 -5.56 -2.30
N VAL B 642 -24.02 -4.63 -2.47
CA VAL B 642 -23.98 -3.44 -1.63
C VAL B 642 -25.21 -2.58 -1.90
N VAL B 643 -26.01 -3.05 -2.86
CA VAL B 643 -27.20 -2.36 -3.31
C VAL B 643 -28.45 -2.98 -2.72
N PHE B 644 -28.30 -3.63 -1.56
CA PHE B 644 -29.46 -4.07 -0.79
C PHE B 644 -30.22 -2.79 -0.49
N LYS B 645 -29.45 -1.75 -0.19
CA LYS B 645 -29.70 -0.34 -0.48
C LYS B 645 -29.61 0.55 0.74
N ASP B 646 -30.67 0.57 1.53
CA ASP B 646 -30.64 1.20 2.85
C ASP B 646 -30.54 0.12 3.92
N LYS B 647 -30.35 -1.11 3.49
CA LYS B 647 -30.42 -2.27 4.34
C LYS B 647 -29.25 -3.20 4.02
N LYS B 648 -28.97 -4.16 4.90
CA LYS B 648 -29.78 -4.41 6.09
C LYS B 648 -28.93 -4.85 7.24
N ASN B 649 -29.40 -4.53 8.44
CA ASN B 649 -28.77 -5.06 9.65
C ASN B 649 -28.74 -6.58 9.59
N ILE B 650 -29.72 -7.17 8.93
CA ILE B 650 -29.89 -8.63 8.91
C ILE B 650 -28.65 -9.30 8.34
N ILE B 651 -28.03 -8.69 7.33
CA ILE B 651 -26.81 -9.26 6.76
C ILE B 651 -25.68 -9.23 7.78
N THR B 652 -25.49 -8.11 8.46
CA THR B 652 -24.48 -8.04 9.51
C THR B 652 -24.77 -9.04 10.62
N LYS B 653 -26.04 -9.35 10.86
CA LYS B 653 -26.39 -10.37 11.83
C LYS B 653 -26.06 -11.77 11.34
N ILE B 654 -25.83 -11.93 10.03
CA ILE B 654 -25.56 -13.26 9.48
C ILE B 654 -24.10 -13.66 9.57
N ASN B 655 -23.25 -12.68 9.85
CA ASN B 655 -21.81 -12.87 10.02
C ASN B 655 -21.39 -13.15 11.45
N ASP B 656 -22.35 -13.02 12.36
CA ASP B 656 -22.20 -13.35 13.78
C ASP B 656 -21.99 -14.84 13.97
N ILE B 657 -22.67 -15.61 13.14
CA ILE B 657 -22.67 -17.05 13.26
C ILE B 657 -21.23 -17.52 13.14
N LYS B 658 -20.83 -18.44 14.02
CA LYS B 658 -19.48 -18.94 13.99
C LYS B 658 -19.48 -20.45 13.89
N ILE B 659 -18.73 -20.98 12.94
CA ILE B 659 -18.49 -22.41 12.85
C ILE B 659 -17.00 -22.63 12.62
N SER B 660 -16.47 -23.72 13.17
CA SER B 660 -15.04 -23.99 13.11
C SER B 660 -14.72 -25.42 12.69
N GLU B 661 -13.50 -25.61 12.20
CA GLU B 661 -13.08 -26.91 11.69
C GLU B 661 -12.96 -27.98 12.75
N GLU B 662 -13.20 -29.23 12.34
CA GLU B 662 -13.06 -30.40 13.21
C GLU B 662 -13.00 -31.59 12.27
N ASN B 663 -12.85 -32.81 12.80
CA ASN B 663 -12.85 -33.97 11.92
C ASN B 663 -14.18 -33.93 11.16
N ASN B 664 -14.10 -34.06 9.83
CA ASN B 664 -15.16 -33.57 8.99
C ASN B 664 -16.32 -34.50 8.69
N ASN B 665 -17.10 -34.83 9.69
CA ASN B 665 -17.97 -35.98 9.47
C ASN B 665 -19.31 -35.37 9.52
N ASP B 666 -19.55 -34.63 8.47
CA ASP B 666 -20.50 -33.56 8.51
C ASP B 666 -20.75 -33.17 7.07
N ILE B 667 -21.98 -33.35 6.61
CA ILE B 667 -22.17 -33.21 5.19
C ILE B 667 -20.97 -33.75 4.43
N LYS B 668 -20.81 -35.05 4.39
CA LYS B 668 -19.95 -35.63 3.37
C LYS B 668 -20.83 -35.85 2.16
N TYR B 669 -20.95 -37.10 1.71
CA TYR B 669 -21.82 -37.57 0.63
C TYR B 669 -22.92 -36.63 0.22
N LEU B 670 -23.50 -35.98 1.24
CA LEU B 670 -24.76 -35.22 1.15
C LEU B 670 -24.87 -34.38 -0.09
N PRO B 671 -26.07 -34.11 -0.60
CA PRO B 671 -26.10 -33.48 -1.93
C PRO B 671 -25.68 -32.03 -1.97
N SER B 672 -26.06 -31.26 -0.96
CA SER B 672 -25.73 -29.84 -0.91
C SER B 672 -26.69 -29.03 -1.73
N PHE B 673 -26.31 -27.79 -1.98
CA PHE B 673 -27.22 -26.73 -2.34
C PHE B 673 -27.98 -27.06 -3.60
N SER B 674 -27.32 -27.70 -4.53
CA SER B 674 -27.82 -27.66 -5.88
C SER B 674 -29.30 -28.01 -5.83
N LYS B 675 -29.65 -28.98 -5.00
CA LYS B 675 -31.04 -29.38 -4.78
C LYS B 675 -31.93 -28.33 -4.11
N VAL B 676 -31.40 -27.64 -3.10
CA VAL B 676 -32.15 -26.64 -2.33
C VAL B 676 -32.56 -25.35 -3.04
N LEU B 677 -31.78 -24.92 -4.02
CA LEU B 677 -31.99 -23.61 -4.58
C LEU B 677 -33.37 -23.50 -5.13
N PRO B 678 -33.84 -24.50 -5.87
CA PRO B 678 -35.25 -24.38 -6.29
C PRO B 678 -36.19 -24.03 -5.14
N GLU B 679 -35.82 -24.36 -3.90
CA GLU B 679 -36.73 -24.19 -2.77
C GLU B 679 -36.53 -22.87 -2.04
N ILE B 680 -35.29 -22.44 -1.83
CA ILE B 680 -35.08 -21.12 -1.21
C ILE B 680 -35.61 -20.03 -2.14
N LEU B 681 -35.49 -20.23 -3.45
CA LEU B 681 -36.13 -19.32 -4.40
C LEU B 681 -37.65 -19.37 -4.30
N ASN B 682 -38.21 -20.53 -3.97
CA ASN B 682 -39.66 -20.63 -3.83
C ASN B 682 -40.18 -19.76 -2.69
N LEU B 683 -39.37 -19.57 -1.65
CA LEU B 683 -39.77 -18.80 -0.48
C LEU B 683 -39.75 -17.30 -0.73
N TYR B 684 -39.09 -16.91 -1.79
CA TYR B 684 -38.95 -15.51 -2.05
C TYR B 684 -40.21 -14.84 -1.67
N ARG B 685 -41.35 -15.11 -2.32
CA ARG B 685 -41.63 -15.76 -3.60
C ARG B 685 -43.01 -16.25 -3.33
N ASN B 686 -43.04 -17.34 -2.58
CA ASN B 686 -44.22 -17.83 -1.87
C ASN B 686 -44.73 -16.79 -0.89
N ASN B 687 -43.83 -15.94 -0.39
CA ASN B 687 -44.22 -14.83 0.46
C ASN B 687 -45.03 -13.83 -0.36
N PRO B 688 -46.19 -13.37 0.15
CA PRO B 688 -47.06 -12.52 -0.67
C PRO B 688 -46.45 -11.18 -1.06
N LYS B 689 -45.49 -10.67 -0.30
CA LYS B 689 -45.10 -9.24 -0.31
C LYS B 689 -44.59 -8.55 -1.60
N ASN B 690 -43.81 -9.23 -2.43
CA ASN B 690 -43.16 -8.58 -3.58
C ASN B 690 -44.05 -8.13 -4.75
N GLU B 691 -43.52 -7.21 -5.57
CA GLU B 691 -44.23 -6.65 -6.73
C GLU B 691 -43.38 -6.87 -7.97
N PRO B 692 -44.00 -7.04 -9.13
CA PRO B 692 -43.22 -7.35 -10.32
C PRO B 692 -42.28 -6.20 -10.65
N PHE B 693 -41.02 -6.53 -10.88
CA PHE B 693 -40.02 -5.51 -11.18
C PHE B 693 -40.03 -5.11 -12.64
N ASP B 694 -39.40 -3.99 -12.95
CA ASP B 694 -39.53 -3.37 -14.25
C ASP B 694 -39.06 -4.25 -15.40
N THR B 695 -37.93 -4.93 -15.20
CA THR B 695 -37.37 -5.74 -16.26
C THR B 695 -36.49 -6.85 -15.70
N ILE B 696 -36.11 -7.80 -16.54
CA ILE B 696 -35.27 -8.86 -16.08
C ILE B 696 -33.98 -8.24 -15.57
N GLU B 697 -33.46 -7.28 -16.32
CA GLU B 697 -32.18 -6.68 -15.98
C GLU B 697 -32.21 -6.00 -14.62
N THR B 698 -33.27 -5.26 -14.35
CA THR B 698 -33.45 -4.65 -13.03
C THR B 698 -33.65 -5.72 -11.98
N GLU B 699 -34.38 -6.77 -12.36
CA GLU B 699 -34.77 -7.87 -11.49
C GLU B 699 -33.66 -8.86 -11.16
N LYS B 700 -32.85 -9.19 -12.16
CA LYS B 700 -31.78 -10.15 -11.98
C LYS B 700 -30.79 -9.65 -10.95
N ILE B 701 -30.54 -8.34 -10.96
CA ILE B 701 -29.56 -7.77 -10.07
C ILE B 701 -29.97 -8.06 -8.65
N VAL B 702 -31.27 -8.00 -8.39
CA VAL B 702 -31.79 -8.29 -7.06
C VAL B 702 -31.83 -9.79 -6.81
N LEU B 703 -32.15 -10.58 -7.84
CA LEU B 703 -32.38 -12.01 -7.64
C LEU B 703 -31.09 -12.77 -7.42
N ASN B 704 -30.04 -12.44 -8.19
CA ASN B 704 -28.76 -13.13 -8.01
C ASN B 704 -28.23 -12.97 -6.60
N ALA B 705 -28.39 -11.77 -6.03
CA ALA B 705 -27.95 -11.51 -4.66
C ALA B 705 -29.12 -11.80 -3.72
N LEU B 706 -29.15 -13.04 -3.24
CA LEU B 706 -30.12 -13.62 -2.33
C LEU B 706 -29.86 -15.11 -2.42
N ILE B 707 -29.50 -15.54 -3.63
CA ILE B 707 -28.87 -16.84 -3.82
C ILE B 707 -27.45 -16.82 -3.27
N TYR B 708 -26.72 -15.74 -3.53
CA TYR B 708 -25.37 -15.60 -2.98
C TYR B 708 -25.42 -15.56 -1.46
N VAL B 709 -26.24 -14.68 -0.89
CA VAL B 709 -26.32 -14.54 0.56
C VAL B 709 -26.66 -15.87 1.20
N ASN B 710 -27.70 -16.54 0.70
CA ASN B 710 -28.14 -17.77 1.37
C ASN B 710 -27.27 -18.97 1.07
N LYS B 711 -26.49 -18.95 0.00
CA LYS B 711 -25.48 -19.99 -0.22
C LYS B 711 -24.38 -19.88 0.79
N GLU B 712 -23.85 -18.66 0.98
CA GLU B 712 -22.94 -18.43 2.10
C GLU B 712 -23.62 -18.72 3.43
N LEU B 713 -24.90 -18.35 3.55
CA LEU B 713 -25.64 -18.64 4.78
C LEU B 713 -25.82 -20.15 4.95
N TYR B 714 -26.39 -20.81 3.92
CA TYR B 714 -26.54 -22.26 3.95
C TYR B 714 -25.25 -22.94 4.38
N LYS B 715 -24.11 -22.45 3.89
CA LYS B 715 -22.82 -22.93 4.38
C LYS B 715 -22.69 -22.76 5.88
N LYS B 716 -23.14 -21.62 6.40
CA LYS B 716 -22.83 -21.25 7.78
C LYS B 716 -23.58 -22.14 8.77
N LEU B 717 -24.91 -22.26 8.61
CA LEU B 717 -25.71 -22.89 9.65
C LEU B 717 -25.33 -24.36 9.83
N ILE B 718 -24.89 -25.01 8.76
CA ILE B 718 -24.44 -26.39 8.85
C ILE B 718 -23.31 -26.53 9.85
N LEU B 719 -22.33 -25.63 9.76
CA LEU B 719 -21.10 -25.75 10.53
C LEU B 719 -21.17 -25.08 11.89
N GLU B 720 -22.33 -24.58 12.29
CA GLU B 720 -22.44 -23.87 13.56
C GLU B 720 -22.17 -24.81 14.72
N ASP B 721 -21.59 -24.27 15.77
CA ASP B 721 -21.28 -25.01 16.98
C ASP B 721 -22.06 -24.29 18.05
N ASP B 722 -22.24 -24.93 19.20
CA ASP B 722 -23.33 -24.56 20.09
C ASP B 722 -23.31 -23.07 20.42
N LEU B 723 -24.49 -22.48 20.32
CA LEU B 723 -24.68 -21.08 20.58
C LEU B 723 -24.39 -20.85 22.05
N GLU B 724 -23.83 -19.70 22.38
CA GLU B 724 -23.48 -19.43 23.75
C GLU B 724 -24.75 -19.46 24.55
N GLU B 725 -24.67 -19.97 25.76
CA GLU B 725 -25.83 -20.04 26.64
C GLU B 725 -26.18 -18.61 27.02
N ASN B 726 -27.42 -18.38 27.42
CA ASN B 726 -28.00 -17.04 27.53
C ASN B 726 -28.60 -16.57 26.20
N GLU B 727 -28.73 -17.50 25.27
CA GLU B 727 -29.43 -17.32 24.00
C GLU B 727 -30.55 -18.34 23.90
N SER B 728 -31.77 -17.86 23.63
CA SER B 728 -32.92 -18.77 23.54
C SER B 728 -32.89 -19.61 22.28
N LYS B 729 -32.19 -19.16 21.25
CA LYS B 729 -32.25 -19.75 19.91
C LYS B 729 -31.81 -21.21 19.92
N ASN B 730 -32.26 -21.94 18.90
CA ASN B 730 -31.78 -23.28 18.60
C ASN B 730 -30.85 -23.23 17.39
N ILE B 731 -29.67 -23.82 17.53
CA ILE B 731 -28.82 -24.04 16.36
C ILE B 731 -29.49 -25.03 15.42
N PHE B 732 -29.12 -24.95 14.13
CA PHE B 732 -29.86 -25.67 13.08
C PHE B 732 -29.93 -27.17 13.38
N LEU B 733 -28.79 -27.80 13.62
CA LEU B 733 -28.77 -29.25 13.79
C LEU B 733 -29.68 -29.70 14.93
N GLN B 734 -29.61 -29.01 16.07
CA GLN B 734 -30.45 -29.39 17.20
C GLN B 734 -31.94 -29.38 16.84
N GLU B 735 -32.37 -28.37 16.10
CA GLU B 735 -33.77 -28.33 15.66
C GLU B 735 -34.06 -29.45 14.67
N LEU B 736 -33.12 -29.74 13.78
CA LEU B 736 -33.30 -30.84 12.83
C LEU B 736 -33.37 -32.17 13.57
N LYS B 737 -32.46 -32.39 14.53
CA LYS B 737 -32.48 -33.62 15.31
C LYS B 737 -33.73 -33.75 16.15
N LYS B 738 -34.33 -32.62 16.57
CA LYS B 738 -35.59 -32.65 17.30
C LYS B 738 -36.78 -32.93 16.38
N THR B 739 -36.81 -32.38 15.16
CA THR B 739 -37.92 -32.69 14.27
C THR B 739 -37.97 -34.17 13.90
N LEU B 740 -36.81 -34.79 13.67
CA LEU B 740 -36.78 -36.18 13.26
C LEU B 740 -36.96 -37.16 14.42
N GLY B 741 -36.72 -36.72 15.65
CA GLY B 741 -36.90 -37.56 16.81
C GLY B 741 -38.18 -37.23 17.56
N ASN B 742 -38.79 -38.27 18.15
CA ASN B 742 -39.98 -38.06 18.95
C ASN B 742 -39.69 -37.16 20.14
N ILE B 743 -40.74 -36.51 20.65
CA ILE B 743 -40.55 -35.47 21.65
C ILE B 743 -40.15 -36.07 22.99
N ASP B 744 -39.26 -35.36 23.70
CA ASP B 744 -38.67 -35.69 25.01
C ASP B 744 -37.55 -36.71 24.92
N GLU B 745 -37.18 -37.11 23.70
CA GLU B 745 -36.10 -38.08 23.46
C GLU B 745 -34.95 -37.50 22.64
N ILE B 746 -34.78 -36.19 22.71
CA ILE B 746 -33.93 -35.42 21.79
C ILE B 746 -32.42 -35.71 21.86
N ASP B 747 -31.72 -35.45 20.75
CA ASP B 747 -30.26 -35.42 20.72
C ASP B 747 -29.41 -36.70 20.57
N GLU B 748 -29.99 -37.80 20.12
CA GLU B 748 -29.26 -39.07 20.13
C GLU B 748 -27.95 -39.13 19.29
N ASN B 749 -27.93 -38.46 18.15
CA ASN B 749 -26.87 -38.55 17.12
C ASN B 749 -27.43 -38.90 15.75
N ILE B 750 -28.58 -38.31 15.44
CA ILE B 750 -29.47 -38.83 14.41
C ILE B 750 -28.88 -38.63 13.01
N ILE B 751 -28.26 -37.47 12.76
CA ILE B 751 -27.90 -37.10 11.39
C ILE B 751 -26.79 -38.00 10.86
N GLU B 752 -25.76 -38.23 11.67
CA GLU B 752 -24.67 -39.12 11.26
C GLU B 752 -25.19 -40.53 10.95
N ASN B 753 -26.12 -41.03 11.77
CA ASN B 753 -26.63 -42.32 11.59
C ASN B 753 -27.83 -42.50 10.65
N TYR B 754 -28.73 -41.43 10.68
CA TYR B 754 -29.91 -41.49 9.82
C TYR B 754 -29.52 -41.58 8.33
N TYR B 755 -28.68 -40.64 7.90
CA TYR B 755 -28.17 -40.71 6.54
C TYR B 755 -27.50 -42.06 6.29
N LYS B 756 -26.64 -42.49 7.21
CA LYS B 756 -26.05 -43.83 7.13
C LYS B 756 -27.13 -44.91 7.20
N ASN B 757 -28.25 -44.64 7.89
CA ASN B 757 -29.38 -45.56 7.83
C ASN B 757 -30.09 -45.49 6.49
N ALA B 758 -30.16 -44.29 5.90
CA ALA B 758 -30.81 -44.16 4.59
C ALA B 758 -30.02 -44.87 3.51
N GLN B 759 -28.69 -44.97 3.66
CA GLN B 759 -27.90 -45.74 2.70
C GLN B 759 -28.19 -47.23 2.83
N ILE B 760 -28.47 -47.70 4.06
CA ILE B 760 -29.01 -49.05 4.22
C ILE B 760 -30.40 -49.14 3.61
N SER B 761 -31.22 -48.08 3.80
CA SER B 761 -32.54 -48.05 3.21
C SER B 761 -32.47 -48.02 1.68
N ALA B 762 -31.44 -47.37 1.13
CA ALA B 762 -31.29 -47.31 -0.33
C ALA B 762 -30.93 -48.67 -0.89
N SER B 763 -29.98 -49.38 -0.26
CA SER B 763 -29.58 -50.70 -0.71
C SER B 763 -30.76 -51.67 -0.82
N LYS B 764 -31.85 -51.42 -0.09
CA LYS B 764 -33.01 -52.29 -0.14
C LYS B 764 -33.69 -52.25 -1.50
N GLY B 765 -33.59 -51.12 -2.20
CA GLY B 765 -34.21 -50.93 -3.50
C GLY B 765 -35.30 -49.88 -3.53
N ASN B 766 -35.91 -49.59 -2.37
CA ASN B 766 -36.85 -48.49 -2.26
C ASN B 766 -36.15 -47.23 -2.77
N ASN B 767 -36.44 -46.86 -4.02
CA ASN B 767 -35.66 -45.83 -4.70
C ASN B 767 -35.97 -44.42 -4.19
N LYS B 768 -37.17 -44.19 -3.66
CA LYS B 768 -37.50 -42.91 -3.05
C LYS B 768 -37.00 -42.79 -1.61
N ALA B 769 -36.32 -43.80 -1.09
CA ALA B 769 -36.01 -43.85 0.34
C ALA B 769 -34.92 -42.84 0.71
N ILE B 770 -33.85 -42.74 -0.08
CA ILE B 770 -32.87 -41.68 0.16
C ILE B 770 -33.49 -40.32 -0.18
N LYS B 771 -34.31 -40.27 -1.22
CA LYS B 771 -34.97 -39.02 -1.58
C LYS B 771 -35.84 -38.51 -0.44
N LYS B 772 -36.51 -39.43 0.26
CA LYS B 772 -37.40 -39.03 1.34
C LYS B 772 -36.63 -38.35 2.48
N TYR B 773 -35.49 -38.93 2.87
CA TYR B 773 -34.63 -38.27 3.85
C TYR B 773 -34.25 -36.87 3.37
N GLN B 774 -33.80 -36.76 2.12
CA GLN B 774 -33.41 -35.47 1.57
C GLN B 774 -34.55 -34.46 1.71
N LYS B 775 -35.72 -34.78 1.14
CA LYS B 775 -36.87 -33.90 1.23
C LYS B 775 -37.21 -33.52 2.66
N LYS B 776 -36.87 -34.37 3.63
CA LYS B 776 -37.16 -34.05 5.03
C LYS B 776 -36.22 -32.98 5.56
N VAL B 777 -34.94 -33.04 5.18
CA VAL B 777 -34.02 -31.96 5.56
C VAL B 777 -34.47 -30.65 4.93
N ILE B 778 -34.75 -30.68 3.62
CA ILE B 778 -35.14 -29.46 2.91
C ILE B 778 -36.32 -28.80 3.60
N GLU B 779 -37.34 -29.60 3.94
CA GLU B 779 -38.51 -29.07 4.63
C GLU B 779 -38.13 -28.40 5.94
N CYS B 780 -37.08 -28.89 6.61
CA CYS B 780 -36.69 -28.35 7.91
C CYS B 780 -35.98 -27.01 7.77
N TYR B 781 -35.11 -26.88 6.77
CA TYR B 781 -34.36 -25.64 6.58
C TYR B 781 -35.31 -24.48 6.28
N ILE B 782 -36.26 -24.67 5.36
CA ILE B 782 -37.25 -23.63 5.08
C ILE B 782 -38.01 -23.29 6.36
N GLY B 783 -38.37 -24.31 7.15
CA GLY B 783 -38.99 -24.05 8.44
C GLY B 783 -38.08 -23.29 9.37
N TYR B 784 -36.82 -23.73 9.48
CA TYR B 784 -35.82 -22.99 10.24
C TYR B 784 -35.72 -21.56 9.73
N LEU B 785 -35.61 -21.39 8.41
CA LEU B 785 -35.37 -20.06 7.84
C LEU B 785 -36.55 -19.13 8.08
N ARG B 786 -37.78 -19.61 7.83
CA ARG B 786 -38.91 -18.70 7.77
C ARG B 786 -39.26 -18.11 9.13
N LYS B 787 -39.07 -18.87 10.20
CA LYS B 787 -39.30 -18.32 11.54
C LYS B 787 -38.19 -17.37 11.93
N ASN B 788 -36.93 -17.81 11.79
CA ASN B 788 -35.82 -17.03 12.30
C ASN B 788 -35.49 -15.84 11.38
N TYR B 789 -35.57 -16.04 10.06
CA TYR B 789 -35.20 -15.00 9.11
C TYR B 789 -36.36 -14.66 8.18
N GLU B 790 -37.49 -14.21 8.75
CA GLU B 790 -38.63 -13.88 7.91
C GLU B 790 -38.35 -12.69 7.00
N GLU B 791 -37.64 -11.73 7.56
CA GLU B 791 -37.43 -10.44 6.93
C GLU B 791 -36.26 -10.44 5.96
N LEU B 792 -35.52 -11.52 5.87
CA LEU B 792 -34.40 -11.47 4.95
C LEU B 792 -35.07 -11.21 3.61
N PHE B 793 -36.16 -11.91 3.38
CA PHE B 793 -36.89 -11.87 2.13
C PHE B 793 -37.67 -10.62 1.66
N ASP B 794 -38.41 -9.95 2.52
CA ASP B 794 -39.33 -8.90 2.06
C ASP B 794 -38.67 -7.63 1.48
N PHE B 795 -39.24 -7.08 0.41
CA PHE B 795 -38.72 -5.82 -0.15
C PHE B 795 -39.75 -4.72 -0.45
N SER B 796 -39.59 -3.57 0.17
CA SER B 796 -40.34 -2.37 -0.24
C SER B 796 -39.93 -1.86 -1.62
N ASP B 797 -38.63 -1.83 -1.85
CA ASP B 797 -38.02 -1.43 -3.10
C ASP B 797 -38.83 -1.95 -4.27
N GLN B 803 -38.30 -1.76 -11.17
CA GLN B 803 -38.25 -0.60 -10.29
C GLN B 803 -36.85 -0.02 -10.29
N GLU B 804 -36.40 0.44 -11.45
CA GLU B 804 -35.00 0.75 -11.68
C GLU B 804 -34.58 2.16 -11.32
N ILE B 805 -35.51 3.09 -11.29
CA ILE B 805 -35.17 4.44 -10.89
C ILE B 805 -34.54 4.36 -9.52
N LYS B 806 -33.30 3.90 -9.47
CA LYS B 806 -32.59 3.79 -8.20
C LYS B 806 -31.27 3.08 -8.42
N LYS B 807 -31.20 2.28 -9.47
CA LYS B 807 -29.97 1.62 -9.85
C LYS B 807 -29.20 2.50 -10.80
N GLN B 808 -29.90 3.45 -11.40
CA GLN B 808 -29.28 4.32 -12.35
C GLN B 808 -28.06 4.95 -11.73
N ILE B 809 -28.17 5.15 -10.42
CA ILE B 809 -27.23 5.94 -9.63
C ILE B 809 -26.36 5.05 -8.78
N LYS B 810 -27.02 4.26 -7.95
CA LYS B 810 -26.27 3.32 -7.13
C LYS B 810 -24.94 2.95 -7.78
N ASP B 811 -24.93 2.75 -9.09
CA ASP B 811 -23.68 2.46 -9.78
C ASP B 811 -22.73 3.65 -9.69
N ILE B 812 -23.27 4.87 -9.74
CA ILE B 812 -22.43 6.04 -9.52
C ILE B 812 -21.88 6.06 -8.11
N ASN B 813 -22.72 5.68 -7.13
CA ASN B 813 -22.29 5.69 -5.73
C ASN B 813 -21.20 4.64 -5.47
N ASP B 814 -21.40 3.42 -5.99
CA ASP B 814 -20.38 2.39 -5.87
C ASP B 814 -19.07 2.85 -6.51
N ASN B 815 -19.15 3.55 -7.63
CA ASN B 815 -17.99 4.10 -8.30
C ASN B 815 -17.67 5.52 -7.86
N LYS B 816 -18.41 6.06 -6.89
CA LYS B 816 -18.01 7.25 -6.16
C LYS B 816 -17.44 6.92 -4.79
N THR B 817 -16.96 5.69 -4.62
CA THR B 817 -16.26 5.23 -3.43
C THR B 817 -15.17 6.23 -3.01
N TYR B 818 -14.73 6.23 -1.75
CA TYR B 818 -15.00 5.19 -0.76
C TYR B 818 -16.30 5.35 0.02
N GLU B 819 -17.29 4.53 -0.33
CA GLU B 819 -18.39 4.20 0.55
C GLU B 819 -18.12 2.80 1.08
N ARG B 820 -18.04 2.66 2.40
CA ARG B 820 -17.66 1.39 2.99
C ARG B 820 -18.60 0.29 2.55
N ILE B 821 -18.03 -0.75 1.96
CA ILE B 821 -18.82 -1.77 1.29
C ILE B 821 -19.33 -2.78 2.31
N THR B 822 -20.40 -3.49 1.95
CA THR B 822 -20.88 -4.63 2.71
C THR B 822 -20.45 -5.91 2.00
N VAL B 823 -19.72 -6.78 2.71
CA VAL B 823 -19.21 -8.03 2.15
C VAL B 823 -19.42 -9.23 3.07
N LYS B 824 -19.22 -10.44 2.55
CA LYS B 824 -19.41 -11.67 3.34
C LYS B 824 -18.22 -12.64 3.34
N THR B 825 -17.83 -13.09 4.53
CA THR B 825 -16.64 -13.90 4.72
C THR B 825 -16.52 -15.31 4.15
N SER B 826 -17.55 -16.13 4.29
CA SER B 826 -17.40 -17.58 4.35
C SER B 826 -16.90 -18.27 3.10
N ASP B 827 -16.24 -19.43 3.26
CA ASP B 827 -15.81 -20.24 2.12
C ASP B 827 -15.91 -21.78 2.33
N LYS B 828 -16.08 -22.54 1.24
CA LYS B 828 -16.14 -24.02 1.33
C LYS B 828 -15.49 -24.80 0.19
N THR B 829 -15.00 -26.00 0.50
CA THR B 829 -14.29 -26.90 -0.43
C THR B 829 -15.15 -27.77 -1.37
N ILE B 830 -14.60 -28.27 -2.49
CA ILE B 830 -15.45 -29.13 -3.29
C ILE B 830 -15.14 -30.60 -3.05
N VAL B 831 -16.17 -31.43 -3.15
CA VAL B 831 -16.03 -32.88 -3.04
C VAL B 831 -15.67 -33.45 -4.40
N ILE B 832 -14.89 -34.52 -4.40
CA ILE B 832 -14.53 -35.19 -5.65
C ILE B 832 -14.22 -36.66 -5.35
N ASN B 833 -15.26 -37.48 -5.41
CA ASN B 833 -15.19 -38.86 -4.97
C ASN B 833 -15.01 -39.85 -6.09
N ASP B 834 -15.81 -39.69 -7.13
CA ASP B 834 -15.73 -40.60 -8.26
C ASP B 834 -14.40 -40.28 -8.85
N ASP B 835 -13.74 -41.26 -9.43
CA ASP B 835 -12.60 -40.97 -10.25
C ASP B 835 -13.12 -40.17 -11.42
N PHE B 836 -14.32 -40.50 -11.86
CA PHE B 836 -14.90 -39.94 -13.06
C PHE B 836 -15.05 -38.44 -12.97
N GLU B 837 -15.55 -37.93 -11.86
CA GLU B 837 -15.62 -36.48 -11.70
C GLU B 837 -14.24 -35.85 -11.77
N TYR B 838 -13.19 -36.58 -11.43
CA TYR B 838 -11.84 -36.03 -11.46
C TYR B 838 -11.43 -35.67 -12.87
N ILE B 839 -11.73 -36.53 -13.84
CA ILE B 839 -11.31 -36.28 -15.21
C ILE B 839 -12.11 -35.13 -15.81
N ILE B 840 -13.42 -35.12 -15.57
CA ILE B 840 -14.26 -34.05 -16.10
C ILE B 840 -13.93 -32.73 -15.42
N SER B 841 -13.66 -32.76 -14.11
CA SER B 841 -13.26 -31.54 -13.41
C SER B 841 -12.03 -30.93 -14.05
N ILE B 842 -11.03 -31.75 -14.33
CA ILE B 842 -9.86 -31.25 -15.05
C ILE B 842 -10.27 -30.75 -16.42
N PHE B 843 -11.14 -31.49 -17.11
CA PHE B 843 -11.59 -31.06 -18.43
C PHE B 843 -12.21 -29.67 -18.39
N ALA B 844 -13.06 -29.41 -17.40
CA ALA B 844 -13.72 -28.12 -17.30
C ALA B 844 -12.69 -26.99 -17.23
N LEU B 845 -11.79 -27.06 -16.26
CA LEU B 845 -10.76 -26.04 -16.11
C LEU B 845 -9.96 -25.84 -17.38
N LEU B 846 -9.79 -26.86 -18.19
CA LEU B 846 -9.07 -26.71 -19.46
C LEU B 846 -9.73 -25.86 -20.55
N ASN B 847 -11.05 -25.96 -20.69
CA ASN B 847 -11.73 -25.38 -21.84
C ASN B 847 -12.95 -24.48 -21.59
N SER B 848 -13.37 -23.81 -22.65
CA SER B 848 -14.12 -22.56 -22.60
C SER B 848 -15.47 -22.70 -21.97
N ASN B 849 -16.01 -21.58 -21.53
CA ASN B 849 -17.25 -21.57 -20.78
C ASN B 849 -18.39 -22.14 -21.58
N ALA B 850 -18.46 -21.82 -22.86
CA ALA B 850 -19.60 -22.23 -23.63
C ALA B 850 -19.67 -23.72 -23.65
N VAL B 851 -18.53 -24.37 -23.84
CA VAL B 851 -18.43 -25.83 -23.83
C VAL B 851 -18.71 -26.48 -22.49
N ILE B 852 -18.32 -25.85 -21.38
CA ILE B 852 -18.67 -26.43 -20.09
C ILE B 852 -20.19 -26.33 -19.86
N ASN B 853 -20.81 -25.27 -20.36
CA ASN B 853 -22.26 -25.16 -20.27
C ASN B 853 -22.99 -26.14 -21.18
N LYS B 854 -22.33 -26.63 -22.22
CA LYS B 854 -22.95 -27.63 -23.08
C LYS B 854 -23.16 -28.96 -22.38
N ILE B 855 -22.53 -29.15 -21.21
CA ILE B 855 -22.56 -30.42 -20.51
C ILE B 855 -23.24 -30.32 -19.16
N ARG B 856 -23.03 -29.22 -18.43
CA ARG B 856 -23.86 -28.94 -17.27
C ARG B 856 -25.34 -28.97 -17.63
N ASN B 857 -25.67 -28.55 -18.86
CA ASN B 857 -27.05 -28.67 -19.33
C ASN B 857 -27.43 -30.13 -19.54
N ARG B 858 -26.55 -30.91 -20.17
CA ARG B 858 -26.87 -32.31 -20.44
C ARG B 858 -26.96 -33.11 -19.15
N PHE B 859 -25.98 -32.93 -18.25
CA PHE B 859 -26.05 -33.59 -16.95
C PHE B 859 -27.36 -33.28 -16.25
N PHE B 860 -27.81 -32.03 -16.32
CA PHE B 860 -29.13 -31.68 -15.81
C PHE B 860 -30.22 -32.45 -16.55
N ALA B 861 -30.18 -32.43 -17.88
CA ALA B 861 -31.27 -32.96 -18.69
C ALA B 861 -31.43 -34.46 -18.54
N THR B 862 -30.35 -35.19 -18.22
CA THR B 862 -30.46 -36.63 -18.03
C THR B 862 -30.77 -36.99 -16.58
N SER B 863 -30.32 -36.21 -15.62
CA SER B 863 -30.75 -36.43 -14.25
C SER B 863 -32.21 -36.03 -14.05
N VAL B 864 -32.76 -35.23 -14.96
CA VAL B 864 -34.19 -34.96 -14.95
C VAL B 864 -34.98 -36.17 -15.45
N TRP B 865 -34.53 -36.79 -16.54
CA TRP B 865 -35.25 -37.93 -17.10
C TRP B 865 -35.03 -39.21 -16.31
N LEU B 866 -33.81 -39.45 -15.84
CA LEU B 866 -33.49 -40.74 -15.23
C LEU B 866 -33.73 -40.78 -13.73
N ASN B 867 -34.00 -39.63 -13.10
CA ASN B 867 -34.29 -39.54 -11.66
C ASN B 867 -33.15 -40.07 -10.80
N THR B 868 -31.93 -40.12 -11.36
CA THR B 868 -30.81 -40.71 -10.63
C THR B 868 -30.44 -39.89 -9.40
N SER B 869 -30.22 -38.58 -9.59
CA SER B 869 -29.53 -37.74 -8.63
C SER B 869 -28.16 -38.32 -8.26
N GLU B 870 -27.53 -38.96 -9.25
CA GLU B 870 -26.15 -39.42 -9.17
C GLU B 870 -25.19 -38.52 -9.94
N TYR B 871 -25.66 -37.89 -11.01
CA TYR B 871 -24.91 -36.86 -11.72
C TYR B 871 -25.07 -35.49 -11.09
N GLN B 872 -25.76 -35.40 -9.95
CA GLN B 872 -26.09 -34.11 -9.36
C GLN B 872 -24.89 -33.45 -8.69
N ASN B 873 -23.83 -34.19 -8.39
CA ASN B 873 -22.65 -33.59 -7.78
C ASN B 873 -21.88 -32.75 -8.78
N ILE B 874 -21.65 -33.29 -9.98
CA ILE B 874 -20.81 -32.60 -10.97
C ILE B 874 -21.41 -31.25 -11.33
N ILE B 875 -22.72 -31.22 -11.58
CA ILE B 875 -23.47 -30.01 -11.84
C ILE B 875 -23.06 -28.90 -10.87
N ASP B 876 -22.89 -29.26 -9.60
CA ASP B 876 -22.41 -28.29 -8.63
C ASP B 876 -20.98 -27.85 -8.93
N ILE B 877 -20.12 -28.80 -9.30
CA ILE B 877 -18.73 -28.46 -9.59
C ILE B 877 -18.63 -27.62 -10.86
N LEU B 878 -19.48 -27.91 -11.85
CA LEU B 878 -19.43 -27.17 -13.11
C LEU B 878 -20.04 -25.78 -12.97
N ASP B 879 -21.16 -25.66 -12.25
CA ASP B 879 -21.74 -24.34 -12.02
C ASP B 879 -20.77 -23.43 -11.27
N GLU B 880 -19.89 -24.00 -10.45
CA GLU B 880 -18.96 -23.15 -9.71
C GLU B 880 -17.80 -22.70 -10.59
N ILE B 881 -17.19 -23.62 -11.34
CA ILE B 881 -16.10 -23.25 -12.24
C ILE B 881 -16.55 -22.17 -13.23
N MSE B 882 -17.80 -22.24 -13.68
CA MSE B 882 -18.32 -21.18 -14.53
C MSE B 882 -18.52 -19.89 -13.75
O MSE B 882 -17.99 -18.85 -14.12
CB MSE B 882 -19.64 -21.57 -15.18
CG MSE B 882 -19.54 -22.55 -16.31
SE MSE B 882 -21.34 -22.99 -16.91
CE MSE B 882 -21.21 -24.93 -16.78
N GLN B 883 -19.28 -19.97 -12.66
CA GLN B 883 -19.62 -18.78 -11.90
C GLN B 883 -18.39 -18.06 -11.38
N LEU B 884 -17.32 -18.80 -11.09
CA LEU B 884 -16.08 -18.14 -10.71
C LEU B 884 -15.32 -17.60 -11.92
N ASN B 885 -15.45 -18.25 -13.08
CA ASN B 885 -14.73 -17.79 -14.27
C ASN B 885 -15.29 -16.47 -14.80
N THR B 886 -16.61 -16.33 -14.84
CA THR B 886 -17.19 -15.04 -15.20
C THR B 886 -16.78 -13.96 -14.20
N LEU B 887 -16.85 -14.27 -12.91
CA LEU B 887 -16.34 -13.35 -11.90
C LEU B 887 -14.82 -13.23 -11.96
N ARG B 888 -14.11 -14.27 -12.32
CA ARG B 888 -12.67 -14.15 -12.32
C ARG B 888 -12.23 -13.11 -13.34
N ASN B 889 -12.77 -13.19 -14.55
CA ASN B 889 -12.55 -12.18 -15.55
C ASN B 889 -13.20 -10.84 -15.26
N GLU B 890 -14.43 -10.87 -14.80
CA GLU B 890 -15.22 -9.66 -14.58
C GLU B 890 -14.66 -8.73 -13.54
N CYS B 891 -14.13 -9.29 -12.46
CA CYS B 891 -13.59 -8.44 -11.42
C CYS B 891 -12.44 -7.65 -11.97
N ILE B 892 -11.60 -8.30 -12.77
CA ILE B 892 -10.42 -7.62 -13.29
C ILE B 892 -10.55 -7.07 -14.70
N THR B 893 -11.08 -7.84 -15.62
CA THR B 893 -11.01 -7.43 -17.02
C THR B 893 -11.59 -6.04 -17.23
N GLU B 894 -12.57 -5.71 -16.40
CA GLU B 894 -13.23 -4.42 -16.41
C GLU B 894 -12.73 -3.46 -15.34
N ASN B 895 -11.75 -3.89 -14.55
CA ASN B 895 -11.20 -3.01 -13.53
C ASN B 895 -9.75 -2.63 -13.77
N TRP B 896 -9.07 -3.38 -14.63
CA TRP B 896 -7.64 -3.19 -14.82
C TRP B 896 -7.24 -2.43 -16.07
N ASN B 897 -8.21 -1.95 -16.83
CA ASN B 897 -7.87 -1.35 -18.11
C ASN B 897 -7.02 -0.09 -17.92
N LEU B 898 -5.91 -0.01 -18.64
CA LEU B 898 -5.10 1.20 -18.69
C LEU B 898 -4.88 1.60 -20.12
N ASN B 899 -5.20 2.85 -20.45
CA ASN B 899 -5.10 3.31 -21.81
C ASN B 899 -4.20 4.51 -21.95
N LEU B 900 -3.32 4.45 -22.93
CA LEU B 900 -3.20 3.22 -23.70
C LEU B 900 -1.80 3.27 -24.26
N GLU B 901 -1.39 2.21 -24.92
CA GLU B 901 0.00 2.11 -25.38
C GLU B 901 0.96 2.07 -24.20
N GLU B 902 0.90 3.09 -23.33
CA GLU B 902 1.67 3.08 -22.10
C GLU B 902 1.46 1.80 -21.30
N PHE B 903 0.28 1.19 -21.41
CA PHE B 903 0.02 -0.06 -20.72
C PHE B 903 0.63 -1.24 -21.45
N ILE B 904 0.83 -1.14 -22.77
CA ILE B 904 1.65 -2.14 -23.45
C ILE B 904 3.09 -2.06 -22.97
N GLN B 905 3.57 -0.86 -22.63
CA GLN B 905 4.93 -0.71 -22.14
C GLN B 905 5.11 -1.41 -20.79
N LYS B 906 4.06 -1.47 -19.98
CA LYS B 906 4.16 -2.18 -18.72
C LYS B 906 4.12 -3.70 -18.91
N MSE B 907 3.40 -4.17 -19.92
CA MSE B 907 3.17 -5.59 -20.09
C MSE B 907 4.32 -6.34 -20.76
O MSE B 907 4.51 -7.53 -20.53
CB MSE B 907 1.89 -5.84 -20.89
CG MSE B 907 0.64 -5.86 -20.04
SE MSE B 907 0.72 -7.25 -18.67
CE MSE B 907 1.44 -8.72 -19.73
N LYS B 908 5.09 -5.64 -21.61
CA LYS B 908 6.21 -6.32 -22.26
C LYS B 908 7.40 -6.50 -21.31
N GLU B 909 7.46 -5.71 -20.23
CA GLU B 909 8.48 -5.93 -19.21
C GLU B 909 8.16 -7.14 -18.34
N ILE B 910 6.91 -7.29 -17.92
CA ILE B 910 6.53 -8.42 -17.08
C ILE B 910 6.77 -9.75 -17.79
N GLU B 911 6.52 -9.80 -19.08
CA GLU B 911 6.68 -11.06 -19.77
C GLU B 911 8.14 -11.48 -19.64
N LYS B 912 9.04 -10.52 -19.73
CA LYS B 912 10.45 -10.85 -19.81
C LYS B 912 11.03 -11.59 -18.61
N ASP B 913 10.67 -11.18 -17.39
CA ASP B 913 11.31 -11.76 -16.21
C ASP B 913 10.60 -12.91 -15.47
N PHE B 914 9.41 -13.31 -15.90
CA PHE B 914 8.68 -14.35 -15.17
C PHE B 914 8.29 -15.55 -16.05
N ASP B 915 8.57 -16.74 -15.56
CA ASP B 915 9.29 -16.87 -14.31
C ASP B 915 8.41 -16.85 -13.08
N ASP B 916 7.11 -16.72 -13.24
CA ASP B 916 6.27 -16.67 -12.05
C ASP B 916 4.79 -17.00 -12.17
N PHE B 917 4.45 -18.25 -12.46
CA PHE B 917 3.09 -18.72 -12.30
C PHE B 917 3.16 -19.94 -11.41
N LYS B 918 2.45 -19.92 -10.28
CA LYS B 918 2.60 -21.00 -9.33
C LYS B 918 1.55 -21.07 -8.23
N ILE B 919 1.60 -22.15 -7.48
CA ILE B 919 0.83 -22.26 -6.27
C ILE B 919 1.39 -21.17 -5.36
N GLN B 920 0.52 -20.56 -4.56
CA GLN B 920 0.94 -19.56 -3.60
C GLN B 920 0.37 -19.92 -2.25
N THR B 921 0.99 -20.85 -1.56
CA THR B 921 0.34 -21.42 -0.38
C THR B 921 0.28 -20.37 0.73
N LYS B 922 -0.73 -20.51 1.59
CA LYS B 922 -0.98 -19.51 2.63
C LYS B 922 0.25 -19.30 3.52
N LYS B 923 0.96 -20.38 3.86
CA LYS B 923 2.21 -20.24 4.58
C LYS B 923 3.38 -19.93 3.65
N GLU B 924 3.26 -20.28 2.35
CA GLU B 924 4.29 -19.86 1.40
C GLU B 924 4.26 -18.36 1.18
N ILE B 925 3.09 -17.75 1.29
CA ILE B 925 2.97 -16.31 1.10
C ILE B 925 3.46 -15.55 2.33
N PHE B 926 3.27 -16.13 3.52
CA PHE B 926 3.62 -15.42 4.75
C PHE B 926 5.12 -15.20 4.87
N ASN B 927 5.93 -16.20 4.49
CA ASN B 927 7.38 -16.04 4.62
C ASN B 927 7.93 -15.02 3.63
N ASN B 928 7.59 -15.17 2.35
CA ASN B 928 8.12 -14.27 1.32
C ASN B 928 7.76 -12.82 1.60
N TYR B 929 6.48 -12.56 1.91
CA TYR B 929 6.01 -11.21 2.21
C TYR B 929 5.93 -10.93 3.70
N TYR B 930 6.90 -11.46 4.47
CA TYR B 930 6.85 -11.30 5.92
C TYR B 930 6.96 -9.85 6.34
N GLU B 931 7.94 -9.18 5.79
CA GLU B 931 8.23 -7.89 6.29
C GLU B 931 7.07 -6.94 6.07
N ASP B 932 6.32 -7.13 5.00
CA ASP B 932 5.10 -6.36 4.77
C ASP B 932 3.99 -6.79 5.72
N ILE B 933 3.80 -8.10 5.89
CA ILE B 933 2.73 -8.60 6.75
C ILE B 933 2.93 -8.09 8.17
N LYS B 934 4.17 -8.07 8.65
CA LYS B 934 4.44 -7.62 10.00
C LYS B 934 4.12 -6.14 10.16
N ASN B 935 4.52 -5.31 9.20
CA ASN B 935 4.16 -3.89 9.23
C ASN B 935 2.65 -3.71 9.27
N ASN B 936 1.90 -4.58 8.60
CA ASN B 936 0.44 -4.50 8.64
C ASN B 936 -0.08 -4.75 10.05
N ILE B 937 0.45 -5.77 10.73
CA ILE B 937 -0.06 -6.13 12.05
C ILE B 937 0.42 -5.16 13.11
N LEU B 938 1.68 -4.70 13.02
CA LEU B 938 2.18 -3.74 13.98
C LEU B 938 1.39 -2.43 13.93
N THR B 939 1.05 -1.98 12.72
CA THR B 939 0.23 -0.77 12.59
C THR B 939 -1.17 -0.98 13.13
N GLU B 940 -1.68 -2.22 13.07
CA GLU B 940 -3.05 -2.48 13.49
C GLU B 940 -3.20 -2.50 15.00
N PHE B 941 -2.14 -2.78 15.74
CA PHE B 941 -2.22 -2.94 17.19
C PHE B 941 -1.44 -1.83 17.89
N LYS B 942 -2.09 -1.20 18.86
CA LYS B 942 -1.62 0.07 19.42
C LYS B 942 -0.56 -0.13 20.50
N ASP B 943 -0.91 -0.85 21.57
CA ASP B 943 -0.06 -0.94 22.76
C ASP B 943 1.34 -1.39 22.41
N ASP B 944 2.29 -0.99 23.26
CA ASP B 944 3.71 -1.31 23.06
C ASP B 944 3.94 -2.79 23.32
N ILE B 945 2.85 -3.52 23.58
CA ILE B 945 2.92 -4.98 23.67
C ILE B 945 3.51 -5.57 22.40
N ASN B 946 3.24 -4.94 21.26
CA ASN B 946 3.79 -5.42 19.99
C ASN B 946 5.29 -5.18 19.88
N GLY B 947 5.83 -4.23 20.66
CA GLY B 947 7.27 -3.99 20.62
C GLY B 947 8.09 -5.24 20.81
N CYS B 948 7.60 -6.18 21.62
CA CYS B 948 8.22 -7.48 21.76
C CYS B 948 7.59 -8.53 20.85
N ASP B 949 6.52 -8.15 20.12
CA ASP B 949 5.94 -9.03 19.13
C ASP B 949 6.69 -8.94 17.80
N VAL B 950 7.26 -7.78 17.50
CA VAL B 950 8.01 -7.60 16.25
C VAL B 950 9.07 -8.67 16.11
N LEU B 951 9.91 -8.81 17.13
CA LEU B 951 10.99 -9.80 17.08
C LEU B 951 10.44 -11.22 17.06
N GLU B 952 9.49 -11.52 17.94
CA GLU B 952 8.94 -12.86 18.08
C GLU B 952 7.70 -13.08 17.21
N LYS B 953 7.52 -12.30 16.13
CA LYS B 953 6.42 -12.56 15.23
C LYS B 953 6.65 -13.87 14.46
N LYS B 954 7.90 -14.16 14.10
CA LYS B 954 8.22 -15.50 13.66
C LYS B 954 7.88 -16.49 14.77
N LEU B 955 7.71 -17.76 14.39
CA LEU B 955 7.48 -18.85 15.33
C LEU B 955 6.13 -18.73 16.02
N GLU B 956 5.82 -17.54 16.56
CA GLU B 956 4.52 -17.32 17.19
C GLU B 956 3.39 -17.31 16.15
N LYS B 957 3.66 -16.81 14.95
CA LYS B 957 2.69 -16.89 13.87
C LYS B 957 2.64 -18.26 13.21
N ILE B 958 3.58 -19.14 13.52
CA ILE B 958 3.57 -20.53 13.03
C ILE B 958 3.41 -21.48 14.20
N GLU B 968 -2.31 -24.41 3.65
CA GLU B 968 -1.14 -25.10 4.11
C GLU B 968 -1.00 -24.77 5.55
N ILE B 969 -1.89 -23.88 5.97
CA ILE B 969 -1.83 -22.92 7.06
C ILE B 969 -3.23 -22.70 7.65
N ASP B 970 -3.35 -22.13 8.86
CA ASP B 970 -2.24 -21.71 9.73
C ASP B 970 -2.64 -21.61 11.21
N LYS B 971 -1.67 -21.53 12.11
CA LYS B 971 -1.85 -21.63 13.56
C LYS B 971 -1.03 -20.53 14.23
N LYS B 972 -1.65 -19.81 15.17
CA LYS B 972 -1.00 -18.73 15.89
C LYS B 972 -1.16 -18.95 17.39
N SER B 973 -0.08 -18.77 18.14
CA SER B 973 -0.09 -19.05 19.58
C SER B 973 0.92 -18.16 20.29
N ASN B 974 0.55 -17.71 21.50
CA ASN B 974 1.48 -16.91 22.30
C ASN B 974 2.72 -17.72 22.65
N ILE B 975 2.54 -19.00 22.98
CA ILE B 975 3.65 -19.93 23.12
C ILE B 975 4.14 -20.28 21.71
N LEU B 976 5.42 -20.67 21.54
CA LEU B 976 6.45 -20.84 22.56
C LEU B 976 7.72 -20.08 22.29
N GLN B 977 8.68 -20.20 23.19
CA GLN B 977 9.97 -19.51 23.09
C GLN B 977 9.84 -18.02 23.40
N ASP B 978 8.95 -17.68 24.33
CA ASP B 978 8.71 -16.27 24.65
C ASP B 978 8.52 -16.12 26.15
N GLU B 979 9.13 -15.10 26.75
CA GLU B 979 8.87 -14.83 28.16
C GLU B 979 7.41 -14.47 28.28
N GLN B 980 6.98 -13.56 27.42
CA GLN B 980 5.60 -13.46 26.95
C GLN B 980 4.55 -12.72 27.78
N ARG B 981 4.93 -12.17 28.93
CA ARG B 981 3.94 -11.45 29.73
C ARG B 981 3.45 -10.25 28.94
N LYS B 982 4.37 -9.58 28.25
CA LYS B 982 4.05 -8.42 27.43
C LYS B 982 3.13 -8.69 26.25
N LEU B 983 3.32 -9.83 25.60
CA LEU B 983 2.55 -10.22 24.42
C LEU B 983 1.12 -10.60 24.75
N SER B 984 0.85 -10.79 26.03
CA SER B 984 -0.43 -11.32 26.49
C SER B 984 -1.62 -10.46 26.09
N ASN B 985 -1.44 -9.15 26.06
CA ASN B 985 -2.57 -8.28 25.79
C ASN B 985 -3.25 -8.46 24.42
N ILE B 986 -2.49 -8.69 23.37
CA ILE B 986 -3.05 -8.95 22.04
C ILE B 986 -3.85 -10.25 22.03
N ASN B 987 -4.94 -10.30 21.27
CA ASN B 987 -5.85 -11.44 21.33
C ASN B 987 -5.71 -12.42 20.19
N LYS B 988 -5.55 -13.68 20.53
CA LYS B 988 -5.25 -14.72 19.55
C LYS B 988 -6.36 -14.87 18.52
N LYS B 989 -7.61 -14.81 18.95
CA LYS B 989 -8.71 -14.76 17.98
C LYS B 989 -8.66 -13.47 17.18
N ASP B 990 -8.39 -12.34 17.85
CA ASP B 990 -8.19 -11.09 17.13
C ASP B 990 -6.97 -11.17 16.23
N LEU B 991 -5.86 -11.69 16.75
CA LEU B 991 -4.63 -11.76 15.98
C LEU B 991 -4.80 -12.62 14.72
N LYS B 992 -5.53 -13.73 14.85
CA LYS B 992 -5.64 -14.68 13.76
C LYS B 992 -6.21 -14.05 12.50
N LYS B 993 -7.44 -13.55 12.58
CA LYS B 993 -8.09 -12.97 11.40
C LYS B 993 -7.29 -11.82 10.85
N LYS B 994 -6.78 -10.94 11.73
CA LYS B 994 -6.01 -9.80 11.28
C LYS B 994 -4.73 -10.21 10.55
N VAL B 995 -4.29 -11.45 10.71
CA VAL B 995 -3.23 -11.99 9.87
C VAL B 995 -3.80 -12.65 8.63
N ASP B 996 -4.87 -13.43 8.81
CA ASP B 996 -5.46 -14.17 7.69
C ASP B 996 -5.83 -13.23 6.54
N GLN B 997 -6.35 -12.05 6.87
CA GLN B 997 -6.75 -11.12 5.82
C GLN B 997 -5.54 -10.42 5.22
N TYR B 998 -4.53 -10.13 6.04
CA TYR B 998 -3.30 -9.54 5.52
C TYR B 998 -2.58 -10.49 4.58
N ILE B 999 -2.86 -11.79 4.67
CA ILE B 999 -2.34 -12.75 3.70
C ILE B 999 -3.20 -12.74 2.44
N LYS B 1000 -4.51 -12.91 2.60
CA LYS B 1000 -5.40 -12.98 1.44
C LYS B 1000 -5.32 -11.72 0.59
N ASP B 1001 -5.11 -10.57 1.23
CA ASP B 1001 -4.90 -9.34 0.47
C ASP B 1001 -3.57 -9.39 -0.28
N LYS B 1002 -2.62 -10.17 0.22
CA LYS B 1002 -1.39 -10.40 -0.53
C LYS B 1002 -1.52 -11.54 -1.53
N ASP B 1003 -2.48 -12.45 -1.33
CA ASP B 1003 -2.74 -13.49 -2.31
C ASP B 1003 -3.33 -12.89 -3.58
N GLN B 1004 -4.55 -12.34 -3.47
CA GLN B 1004 -5.21 -11.77 -4.64
C GLN B 1004 -4.38 -10.68 -5.29
N GLU B 1005 -3.51 -10.03 -4.52
CA GLU B 1005 -2.54 -9.11 -5.12
C GLU B 1005 -1.60 -9.84 -6.06
N ILE B 1006 -1.19 -11.06 -5.68
CA ILE B 1006 -0.40 -11.88 -6.59
C ILE B 1006 -1.29 -12.50 -7.66
N LYS B 1007 -2.39 -13.09 -7.30
CA LYS B 1007 -3.11 -13.78 -8.33
C LYS B 1007 -3.54 -12.80 -9.40
N SER B 1008 -4.21 -11.72 -9.06
CA SER B 1008 -4.71 -10.87 -10.13
C SER B 1008 -3.61 -10.47 -11.11
N LYS B 1009 -2.35 -10.47 -10.67
CA LYS B 1009 -1.26 -10.14 -11.57
C LYS B 1009 -1.02 -11.26 -12.57
N ILE B 1010 -0.94 -12.51 -12.10
CA ILE B 1010 -0.89 -13.64 -13.02
C ILE B 1010 -2.12 -13.63 -13.92
N LEU B 1011 -3.24 -13.18 -13.36
CA LEU B 1011 -4.45 -13.02 -14.16
C LEU B 1011 -4.26 -12.05 -15.31
N CYS B 1012 -3.64 -10.90 -15.04
CA CYS B 1012 -3.46 -9.91 -16.10
C CYS B 1012 -2.54 -10.46 -17.19
N ARG B 1013 -1.44 -11.09 -16.80
CA ARG B 1013 -0.51 -11.65 -17.77
C ARG B 1013 -1.15 -12.78 -18.59
N ILE B 1014 -2.25 -13.34 -18.12
CA ILE B 1014 -3.02 -14.29 -18.92
C ILE B 1014 -3.92 -13.56 -19.91
N ILE B 1015 -4.71 -12.61 -19.41
CA ILE B 1015 -5.79 -12.01 -20.20
C ILE B 1015 -5.25 -10.97 -21.15
N PHE B 1016 -4.49 -10.00 -20.62
CA PHE B 1016 -3.91 -8.92 -21.41
C PHE B 1016 -2.52 -9.27 -21.93
N ASN B 1017 -2.33 -10.49 -22.45
CA ASN B 1017 -1.06 -10.88 -23.03
C ASN B 1017 -0.60 -9.87 -24.06
N SER B 1018 0.70 -9.58 -24.07
CA SER B 1018 1.24 -8.48 -24.85
C SER B 1018 0.84 -8.59 -26.32
N ASP B 1019 0.94 -9.79 -26.90
CA ASP B 1019 0.58 -9.97 -28.30
C ASP B 1019 -0.91 -9.70 -28.52
N PHE B 1020 -1.77 -10.11 -27.58
CA PHE B 1020 -3.20 -9.91 -27.72
C PHE B 1020 -3.56 -8.44 -27.62
N LEU B 1021 -2.80 -7.70 -26.82
CA LEU B 1021 -3.02 -6.26 -26.68
C LEU B 1021 -2.72 -5.53 -27.97
N LYS B 1022 -1.53 -5.75 -28.53
CA LYS B 1022 -1.30 -5.42 -29.92
C LYS B 1022 -2.37 -6.13 -30.74
N LYS B 1023 -2.63 -5.63 -31.94
CA LYS B 1023 -3.69 -6.14 -32.81
C LYS B 1023 -5.06 -5.68 -32.30
N TYR B 1024 -5.34 -5.84 -31.01
CA TYR B 1024 -6.48 -5.12 -30.44
C TYR B 1024 -6.27 -3.62 -30.59
N LYS B 1025 -5.12 -3.13 -30.15
CA LYS B 1025 -4.70 -1.77 -30.46
C LYS B 1025 -4.62 -1.54 -31.96
N LYS B 1026 -4.08 -2.52 -32.71
CA LYS B 1026 -3.90 -2.34 -34.15
C LYS B 1026 -5.23 -2.29 -34.86
N GLU B 1027 -6.13 -3.23 -34.57
CA GLU B 1027 -7.35 -3.33 -35.37
C GLU B 1027 -8.31 -2.19 -35.08
N ILE B 1028 -8.36 -1.72 -33.83
CA ILE B 1028 -9.12 -0.50 -33.56
C ILE B 1028 -8.48 0.69 -34.28
N ASP B 1029 -7.15 0.77 -34.28
CA ASP B 1029 -6.49 1.82 -35.03
C ASP B 1029 -6.75 1.67 -36.53
N ASN B 1030 -6.76 0.43 -37.03
CA ASN B 1030 -7.17 0.19 -38.41
C ASN B 1030 -8.57 0.74 -38.67
N LEU B 1031 -9.44 0.66 -37.67
CA LEU B 1031 -10.78 1.21 -37.81
C LEU B 1031 -10.77 2.72 -38.02
N ILE B 1032 -9.74 3.41 -37.53
CA ILE B 1032 -9.81 4.86 -37.40
C ILE B 1032 -9.44 5.59 -38.71
N GLU B 1033 -8.50 5.05 -39.48
CA GLU B 1033 -7.85 5.78 -40.56
C GLU B 1033 -8.87 6.24 -41.61
N ASP B 1034 -8.48 7.28 -42.34
CA ASP B 1034 -9.32 7.94 -43.32
C ASP B 1034 -8.84 7.58 -44.73
N MSE B 1035 -9.64 7.88 -45.72
CA MSE B 1035 -9.12 7.94 -47.04
C MSE B 1035 -9.89 9.08 -47.62
O MSE B 1035 -11.03 9.32 -47.19
CB MSE B 1035 -9.26 6.63 -47.79
CG MSE B 1035 -9.63 5.43 -46.93
SE MSE B 1035 -11.09 4.46 -47.82
CE MSE B 1035 -9.95 3.03 -48.55
N GLU B 1036 -9.24 9.78 -48.55
CA GLU B 1036 -9.71 10.99 -49.21
C GLU B 1036 -9.00 12.23 -48.70
N SER B 1037 -8.30 12.09 -47.56
CA SER B 1037 -7.64 13.17 -46.81
C SER B 1037 -8.49 13.64 -45.65
N GLU B 1038 -9.78 13.47 -45.82
CA GLU B 1038 -10.76 14.05 -44.95
C GLU B 1038 -10.48 13.64 -43.53
N ASN B 1039 -10.75 14.57 -42.55
CA ASN B 1039 -10.93 14.33 -41.11
C ASN B 1039 -12.32 13.82 -40.78
N GLU B 1040 -12.37 12.52 -40.52
CA GLU B 1040 -13.59 11.78 -40.29
C GLU B 1040 -14.09 11.96 -38.87
N ASN B 1041 -15.13 12.78 -38.70
CA ASN B 1041 -15.75 12.98 -37.40
C ASN B 1041 -16.50 11.73 -36.92
N LYS B 1042 -16.97 10.91 -37.83
CA LYS B 1042 -17.66 9.71 -37.41
C LYS B 1042 -16.79 9.03 -36.38
N PHE B 1043 -17.07 7.77 -36.12
CA PHE B 1043 -16.23 6.91 -35.30
C PHE B 1043 -15.84 7.51 -33.96
N GLN B 1044 -16.39 8.67 -33.62
CA GLN B 1044 -15.98 9.32 -32.39
C GLN B 1044 -16.63 8.75 -31.14
N GLU B 1045 -15.84 8.64 -30.08
CA GLU B 1045 -16.36 8.33 -28.77
C GLU B 1045 -16.59 6.87 -28.55
N ILE B 1046 -16.98 6.14 -29.57
CA ILE B 1046 -17.24 4.72 -29.39
C ILE B 1046 -15.95 4.01 -29.00
N TYR B 1047 -14.83 4.53 -29.46
CA TYR B 1047 -13.55 4.18 -28.93
C TYR B 1047 -12.94 5.55 -28.81
N TYR B 1048 -11.64 5.65 -28.58
CA TYR B 1048 -10.93 6.93 -28.54
C TYR B 1048 -11.73 8.11 -27.94
N PRO B 1049 -11.75 8.22 -26.64
CA PRO B 1049 -12.58 9.27 -26.01
C PRO B 1049 -12.31 10.57 -26.72
N LYS B 1050 -11.07 10.94 -26.90
CA LYS B 1050 -10.84 12.14 -27.70
C LYS B 1050 -9.43 12.42 -28.12
N GLU B 1051 -8.50 11.67 -27.56
CA GLU B 1051 -7.15 11.70 -28.04
C GLU B 1051 -7.15 11.14 -29.46
N ARG B 1052 -7.94 10.10 -29.67
CA ARG B 1052 -8.12 9.51 -31.00
C ARG B 1052 -6.80 8.99 -31.53
N LYS B 1053 -6.65 7.68 -31.48
CA LYS B 1053 -5.41 7.01 -31.86
C LYS B 1053 -4.44 7.12 -30.70
N ASN B 1054 -4.83 7.78 -29.63
CA ASN B 1054 -4.07 7.81 -28.41
C ASN B 1054 -4.87 7.33 -27.22
N GLU B 1055 -6.10 7.79 -27.09
CA GLU B 1055 -7.01 7.30 -26.05
C GLU B 1055 -7.42 5.83 -26.22
N LEU B 1056 -7.66 5.42 -27.46
CA LEU B 1056 -7.94 4.02 -27.69
C LEU B 1056 -9.02 3.60 -26.72
N TYR B 1057 -10.22 4.17 -26.87
CA TYR B 1057 -11.31 3.93 -25.93
C TYR B 1057 -11.45 2.45 -25.80
N ILE B 1058 -11.53 1.97 -24.57
CA ILE B 1058 -11.25 0.57 -24.35
C ILE B 1058 -12.46 -0.24 -23.96
N TYR B 1059 -12.70 -1.28 -24.72
CA TYR B 1059 -13.65 -2.31 -24.33
C TYR B 1059 -15.04 -1.71 -24.20
N LYS B 1060 -15.83 -1.92 -25.25
CA LYS B 1060 -15.30 -2.61 -26.42
C LYS B 1060 -15.02 -4.09 -26.19
N LYS B 1061 -15.54 -4.62 -25.09
CA LYS B 1061 -15.18 -5.96 -24.65
C LYS B 1061 -15.41 -7.00 -25.75
N ASN B 1062 -16.47 -6.83 -26.54
CA ASN B 1062 -16.86 -7.87 -27.48
C ASN B 1062 -15.85 -8.07 -28.59
N LEU B 1063 -14.92 -7.13 -28.79
CA LEU B 1063 -13.82 -7.40 -29.70
C LEU B 1063 -12.63 -8.00 -28.98
N PHE B 1064 -12.32 -7.50 -27.78
CA PHE B 1064 -11.10 -7.92 -27.09
C PHE B 1064 -11.14 -9.42 -26.78
N LEU B 1065 -12.21 -9.89 -26.14
CA LEU B 1065 -12.28 -11.29 -25.71
C LEU B 1065 -12.02 -12.25 -26.87
N ASN B 1066 -12.40 -11.86 -28.08
CA ASN B 1066 -12.20 -12.69 -29.27
C ASN B 1066 -10.88 -12.43 -29.96
N ILE B 1067 -10.07 -11.48 -29.46
CA ILE B 1067 -8.75 -11.25 -30.04
C ILE B 1067 -7.86 -12.48 -29.85
N GLY B 1068 -7.88 -13.07 -28.66
CA GLY B 1068 -7.02 -14.21 -28.40
C GLY B 1068 -7.32 -15.41 -29.27
N ASN B 1069 -8.57 -15.55 -29.69
CA ASN B 1069 -8.97 -16.74 -30.44
C ASN B 1069 -8.30 -16.75 -31.81
N PRO B 1070 -7.78 -17.90 -32.26
CA PRO B 1070 -7.12 -17.96 -33.56
C PRO B 1070 -8.08 -18.04 -34.74
N ASN B 1071 -9.37 -18.27 -34.48
CA ASN B 1071 -10.34 -18.36 -35.57
C ASN B 1071 -10.54 -17.02 -36.28
N PHE B 1072 -10.52 -15.92 -35.52
CA PHE B 1072 -10.93 -14.66 -36.12
C PHE B 1072 -9.80 -14.11 -36.99
N ASP B 1073 -10.05 -12.95 -37.60
CA ASP B 1073 -9.42 -12.47 -38.82
C ASP B 1073 -10.05 -13.24 -39.97
N LYS B 1074 -9.98 -14.56 -39.91
CA LYS B 1074 -10.83 -15.39 -40.75
C LYS B 1074 -12.31 -15.11 -40.46
N ILE B 1075 -12.68 -15.11 -39.18
CA ILE B 1075 -14.03 -14.78 -38.75
C ILE B 1075 -14.38 -13.35 -39.10
N TYR B 1076 -13.39 -12.48 -38.98
CA TYR B 1076 -13.57 -11.04 -39.00
C TYR B 1076 -14.11 -10.56 -40.33
N GLY B 1077 -13.91 -11.34 -41.38
CA GLY B 1077 -14.00 -10.80 -42.71
C GLY B 1077 -15.30 -10.17 -43.15
N LEU B 1078 -16.47 -10.75 -42.88
CA LEU B 1078 -17.70 -10.05 -43.22
C LEU B 1078 -17.97 -8.79 -42.40
N ILE B 1079 -17.69 -8.88 -41.11
CA ILE B 1079 -18.01 -7.81 -40.19
C ILE B 1079 -17.13 -6.55 -40.28
N SER B 1080 -15.84 -6.73 -40.47
CA SER B 1080 -14.92 -5.60 -40.49
C SER B 1080 -15.20 -4.68 -41.68
N ASN B 1081 -15.21 -5.25 -42.88
CA ASN B 1081 -15.49 -4.47 -44.09
C ASN B 1081 -16.82 -3.73 -43.96
N ASP B 1082 -17.81 -4.37 -43.32
CA ASP B 1082 -19.10 -3.72 -43.12
C ASP B 1082 -19.04 -2.71 -41.98
N ILE B 1083 -18.27 -3.02 -40.93
CA ILE B 1083 -18.21 -2.14 -39.76
C ILE B 1083 -17.79 -0.74 -40.16
N LYS B 1084 -16.81 -0.63 -41.04
CA LYS B 1084 -16.29 0.67 -41.48
C LYS B 1084 -17.24 1.58 -42.26
N MSE B 1085 -17.98 1.00 -43.21
CA MSE B 1085 -18.93 1.75 -44.03
C MSE B 1085 -20.31 1.92 -43.38
O MSE B 1085 -21.01 2.89 -43.64
CB MSE B 1085 -19.09 1.09 -45.40
CG MSE B 1085 -17.99 0.10 -45.74
SE MSE B 1085 -16.26 0.94 -46.05
CE MSE B 1085 -16.52 1.51 -47.89
N ALA B 1086 -20.68 0.95 -42.54
CA ALA B 1086 -22.04 0.93 -42.00
C ALA B 1086 -22.30 2.10 -41.06
N ASP B 1087 -21.31 2.47 -40.24
CA ASP B 1087 -21.53 3.53 -39.27
C ASP B 1087 -21.94 4.82 -39.98
N ALA B 1088 -23.22 5.14 -39.89
CA ALA B 1088 -23.75 6.38 -40.46
C ALA B 1088 -24.22 7.27 -39.34
N LYS B 1089 -24.40 6.69 -38.16
CA LYS B 1089 -24.83 7.45 -37.01
C LYS B 1089 -23.71 7.41 -36.01
N PHE B 1090 -23.32 8.59 -35.54
CA PHE B 1090 -22.37 8.67 -34.46
C PHE B 1090 -23.13 8.66 -33.13
N LEU B 1091 -24.44 8.59 -33.21
CA LEU B 1091 -25.29 8.80 -32.05
C LEU B 1091 -25.18 7.74 -30.99
N PHE B 1092 -25.02 8.17 -29.73
CA PHE B 1092 -24.33 9.39 -29.32
C PHE B 1092 -24.75 10.70 -29.99
N ASN B 1093 -26.04 10.90 -30.20
CA ASN B 1093 -26.42 12.15 -30.80
C ASN B 1093 -27.41 12.93 -29.99
N ILE B 1094 -27.66 14.15 -30.44
CA ILE B 1094 -28.57 15.00 -29.69
C ILE B 1094 -29.96 14.44 -29.87
N ASP B 1095 -30.31 14.12 -31.11
CA ASP B 1095 -31.52 13.37 -31.35
C ASP B 1095 -31.36 11.94 -30.83
N GLY B 1096 -30.22 11.36 -31.14
CA GLY B 1096 -29.96 9.96 -30.88
C GLY B 1096 -29.84 9.47 -29.45
N LYS B 1097 -29.12 10.21 -28.63
CA LYS B 1097 -28.85 9.76 -27.27
C LYS B 1097 -30.14 9.66 -26.47
N ASN B 1098 -30.99 10.67 -26.63
CA ASN B 1098 -32.25 10.70 -25.94
C ASN B 1098 -32.88 9.34 -26.00
N ILE B 1099 -32.65 8.66 -27.11
CA ILE B 1099 -33.34 7.41 -27.34
C ILE B 1099 -33.00 6.49 -26.18
N ARG B 1100 -31.75 6.50 -25.76
CA ARG B 1100 -31.29 5.61 -24.71
C ARG B 1100 -31.96 5.80 -23.35
N LYS B 1101 -32.15 7.04 -22.92
CA LYS B 1101 -32.75 7.29 -21.60
C LYS B 1101 -34.18 6.80 -21.48
N ASN B 1102 -34.94 7.09 -22.52
CA ASN B 1102 -36.35 6.76 -22.65
C ASN B 1102 -36.63 5.85 -23.84
N LYS B 1103 -36.08 6.18 -25.02
CA LYS B 1103 -36.65 5.72 -26.29
C LYS B 1103 -36.71 4.20 -26.37
N ILE B 1104 -35.56 3.51 -26.24
CA ILE B 1104 -35.54 2.07 -26.45
C ILE B 1104 -36.55 1.38 -25.54
N SER B 1105 -36.47 1.67 -24.24
CA SER B 1105 -37.45 1.13 -23.31
C SER B 1105 -38.84 1.77 -23.49
N GLU B 1106 -38.89 2.97 -24.07
CA GLU B 1106 -40.20 3.60 -24.30
C GLU B 1106 -41.06 2.76 -25.21
N ILE B 1107 -40.48 2.22 -26.28
CA ILE B 1107 -41.25 1.39 -27.20
C ILE B 1107 -41.36 -0.04 -26.69
N ASP B 1108 -40.28 -0.56 -26.09
CA ASP B 1108 -40.31 -1.91 -25.55
C ASP B 1108 -41.41 -2.06 -24.50
N ALA B 1109 -41.64 -1.01 -23.71
CA ALA B 1109 -42.77 -1.03 -22.78
C ALA B 1109 -44.09 -1.03 -23.55
N ILE B 1110 -44.17 -0.27 -24.65
CA ILE B 1110 -45.36 -0.29 -25.49
C ILE B 1110 -45.55 -1.68 -26.08
N LEU B 1111 -44.49 -2.26 -26.63
CA LEU B 1111 -44.57 -3.61 -27.16
C LEU B 1111 -44.96 -4.61 -26.07
N LYS B 1112 -44.39 -4.46 -24.88
CA LYS B 1112 -44.66 -5.39 -23.78
C LYS B 1112 -46.15 -5.49 -23.49
N ASN B 1113 -46.79 -4.36 -23.22
CA ASN B 1113 -48.21 -4.36 -22.91
C ASN B 1113 -49.03 -4.88 -24.08
N LEU B 1114 -48.72 -4.39 -25.29
CA LEU B 1114 -49.40 -4.90 -26.48
C LEU B 1114 -49.10 -6.38 -26.70
N ASN B 1115 -47.97 -6.86 -26.19
CA ASN B 1115 -47.66 -8.28 -26.21
C ASN B 1115 -48.22 -9.04 -25.02
N ASP B 1116 -48.79 -8.31 -24.04
CA ASP B 1116 -49.55 -8.93 -22.96
C ASP B 1116 -51.04 -8.64 -23.05
N LYS B 1117 -51.44 -7.67 -23.86
CA LYS B 1117 -52.86 -7.46 -24.16
C LYS B 1117 -53.38 -8.47 -25.17
N LEU B 1118 -52.50 -9.04 -26.00
CA LEU B 1118 -52.93 -10.04 -26.96
C LEU B 1118 -53.46 -11.28 -26.26
N ASN B 1119 -52.96 -11.58 -25.07
CA ASN B 1119 -53.55 -12.62 -24.24
C ASN B 1119 -54.12 -12.01 -22.95
N GLY B 1120 -55.37 -12.32 -22.62
CA GLY B 1120 -56.22 -13.20 -23.39
C GLY B 1120 -57.34 -12.49 -24.12
N TYR B 1121 -57.20 -11.17 -24.30
CA TYR B 1121 -58.28 -10.33 -24.81
C TYR B 1121 -58.76 -10.69 -26.22
N SER B 1122 -57.79 -10.90 -27.09
CA SER B 1122 -58.05 -11.38 -28.43
C SER B 1122 -57.10 -12.51 -28.78
N LYS B 1123 -57.65 -13.66 -29.14
CA LYS B 1123 -56.86 -14.63 -29.85
C LYS B 1123 -57.66 -15.21 -31.00
N GLU B 1124 -57.29 -14.79 -32.21
CA GLU B 1124 -57.71 -15.41 -33.44
C GLU B 1124 -56.55 -15.15 -34.36
N TYR B 1125 -56.25 -16.09 -35.26
CA TYR B 1125 -55.11 -15.88 -36.13
C TYR B 1125 -55.44 -14.65 -36.95
N LYS B 1126 -56.64 -14.62 -37.49
CA LYS B 1126 -57.13 -13.42 -38.13
C LYS B 1126 -57.42 -12.29 -37.15
N GLU B 1127 -58.09 -12.63 -36.05
CA GLU B 1127 -58.70 -11.63 -35.19
C GLU B 1127 -57.67 -10.60 -34.73
N LYS B 1128 -56.44 -11.04 -34.44
CA LYS B 1128 -55.37 -10.11 -34.12
C LYS B 1128 -55.02 -9.23 -35.31
N TYR B 1129 -55.28 -9.62 -36.54
CA TYR B 1129 -54.83 -8.75 -37.62
C TYR B 1129 -55.85 -8.07 -38.47
N ILE B 1130 -56.98 -7.81 -37.86
CA ILE B 1130 -57.82 -6.63 -38.08
C ILE B 1130 -58.17 -5.90 -36.79
N LYS B 1131 -57.84 -6.47 -35.62
CA LYS B 1131 -57.71 -5.62 -34.45
C LYS B 1131 -56.43 -4.81 -34.52
N LYS B 1132 -55.40 -5.37 -35.16
CA LYS B 1132 -54.23 -4.58 -35.52
C LYS B 1132 -54.57 -3.52 -36.55
N LEU B 1133 -55.33 -3.90 -37.59
CA LEU B 1133 -55.74 -2.93 -38.60
C LEU B 1133 -56.62 -1.84 -37.99
N LYS B 1134 -57.51 -2.21 -37.06
CA LYS B 1134 -58.36 -1.23 -36.41
C LYS B 1134 -57.53 -0.20 -35.63
N GLU B 1135 -56.40 -0.62 -35.06
CA GLU B 1135 -55.47 0.33 -34.47
C GLU B 1135 -54.64 1.00 -35.57
N ASN B 1136 -54.36 0.28 -36.66
CA ASN B 1136 -53.51 0.80 -37.73
C ASN B 1136 -54.26 1.82 -38.60
N ASP B 1137 -55.55 1.61 -38.84
CA ASP B 1137 -56.29 2.45 -39.77
C ASP B 1137 -56.46 3.87 -39.21
N ASP B 1138 -57.10 4.72 -40.00
CA ASP B 1138 -57.29 6.15 -39.70
C ASP B 1138 -58.17 6.39 -38.49
N PHE B 1139 -58.46 5.36 -37.69
CA PHE B 1139 -59.25 5.58 -36.49
C PHE B 1139 -58.47 6.33 -35.42
N PHE B 1140 -57.16 6.11 -35.33
CA PHE B 1140 -56.36 6.52 -34.18
C PHE B 1140 -57.09 6.14 -32.89
N ALA B 1141 -57.10 4.82 -32.69
CA ALA B 1141 -57.99 4.14 -31.74
C ALA B 1141 -58.11 4.73 -30.32
N LYS B 1142 -57.01 5.21 -29.75
CA LYS B 1142 -55.72 5.05 -30.37
C LYS B 1142 -55.29 3.59 -30.50
N ASN B 1143 -55.51 2.76 -29.48
CA ASN B 1143 -56.18 3.11 -28.24
C ASN B 1143 -55.31 2.99 -26.99
N ILE B 1144 -55.53 3.89 -26.05
CA ILE B 1144 -54.84 3.85 -24.78
C ILE B 1144 -53.38 4.26 -24.96
N GLN B 1145 -53.09 4.89 -26.08
CA GLN B 1145 -51.79 5.50 -26.28
C GLN B 1145 -50.71 4.49 -26.70
N ASN B 1146 -49.46 4.93 -26.88
CA ASN B 1146 -49.09 6.32 -26.73
C ASN B 1146 -49.01 7.18 -27.99
N LYS B 1147 -48.35 6.69 -29.02
CA LYS B 1147 -48.05 7.57 -30.15
C LYS B 1147 -49.29 8.07 -30.86
N ASN B 1148 -50.20 7.16 -31.17
CA ASN B 1148 -49.92 5.73 -31.09
C ASN B 1148 -49.72 5.03 -32.43
N TYR B 1149 -49.75 5.76 -33.54
CA TYR B 1149 -49.42 5.13 -34.82
C TYR B 1149 -49.00 6.20 -35.83
N LYS B 1150 -48.54 5.72 -36.98
CA LYS B 1150 -47.93 6.50 -38.06
C LYS B 1150 -46.63 7.12 -37.57
N SER B 1151 -46.72 7.94 -36.53
CA SER B 1151 -45.52 8.36 -35.83
C SER B 1151 -44.85 7.20 -35.12
N PHE B 1152 -45.63 6.20 -34.70
CA PHE B 1152 -45.09 5.02 -34.04
C PHE B 1152 -44.21 4.21 -34.98
N GLU B 1153 -44.70 3.97 -36.21
CA GLU B 1153 -43.90 3.24 -37.19
C GLU B 1153 -42.56 3.91 -37.43
N LYS B 1154 -42.57 5.24 -37.58
CA LYS B 1154 -41.31 5.98 -37.65
C LYS B 1154 -40.57 5.95 -36.32
N ASP B 1155 -41.32 5.96 -35.20
CA ASP B 1155 -40.68 5.86 -33.90
C ASP B 1155 -39.94 4.55 -33.74
N TYR B 1156 -40.50 3.46 -34.27
CA TYR B 1156 -39.86 2.16 -34.16
C TYR B 1156 -38.62 2.07 -35.05
N ASN B 1157 -38.72 2.56 -36.29
CA ASN B 1157 -37.61 2.45 -37.22
C ASN B 1157 -36.40 3.26 -36.78
N ARG B 1158 -36.64 4.40 -36.11
CA ARG B 1158 -35.52 5.19 -35.59
C ARG B 1158 -34.73 4.42 -34.55
N VAL B 1159 -35.42 3.65 -33.70
CA VAL B 1159 -34.73 2.86 -32.68
C VAL B 1159 -34.01 1.68 -33.30
N SER B 1160 -34.60 1.08 -34.35
CA SER B 1160 -33.99 -0.09 -34.95
C SER B 1160 -32.68 0.23 -35.64
N GLU B 1161 -32.52 1.45 -36.17
CA GLU B 1161 -31.24 1.85 -36.74
C GLU B 1161 -30.16 1.89 -35.66
N TYR B 1162 -30.42 2.60 -34.57
CA TYR B 1162 -29.46 2.70 -33.48
C TYR B 1162 -29.00 1.33 -33.02
N LYS B 1163 -29.95 0.41 -32.79
CA LYS B 1163 -29.60 -0.92 -32.34
C LYS B 1163 -28.79 -1.67 -33.39
N LYS B 1164 -29.06 -1.42 -34.67
CA LYS B 1164 -28.28 -2.05 -35.72
C LYS B 1164 -26.85 -1.52 -35.74
N ILE B 1165 -26.69 -0.19 -35.68
CA ILE B 1165 -25.35 0.40 -35.69
C ILE B 1165 -24.59 -0.01 -34.42
N ARG B 1166 -25.29 -0.07 -33.29
CA ARG B 1166 -24.66 -0.41 -32.02
C ARG B 1166 -24.01 -1.78 -32.07
N ASP B 1167 -24.66 -2.76 -32.72
CA ASP B 1167 -24.15 -4.13 -32.69
C ASP B 1167 -22.86 -4.28 -33.50
N LEU B 1168 -22.69 -3.48 -34.56
CA LEU B 1168 -21.45 -3.56 -35.33
C LEU B 1168 -20.30 -2.90 -34.57
N VAL B 1169 -20.50 -1.66 -34.13
CA VAL B 1169 -19.41 -0.94 -33.46
C VAL B 1169 -19.13 -1.49 -32.07
N GLU B 1170 -20.12 -2.14 -31.43
CA GLU B 1170 -19.85 -2.82 -30.17
C GLU B 1170 -19.29 -4.22 -30.38
N PHE B 1171 -19.33 -4.72 -31.62
CA PHE B 1171 -18.79 -6.03 -32.00
C PHE B 1171 -19.63 -7.17 -31.44
N ASN B 1172 -20.94 -6.95 -31.33
CA ASN B 1172 -21.82 -7.98 -30.82
C ASN B 1172 -21.89 -9.19 -31.75
N TYR B 1173 -21.73 -8.96 -33.06
CA TYR B 1173 -21.84 -10.07 -34.01
C TYR B 1173 -20.73 -11.09 -33.83
N LEU B 1174 -19.52 -10.62 -33.49
CA LEU B 1174 -18.41 -11.54 -33.24
C LEU B 1174 -18.82 -12.62 -32.25
N ASN B 1175 -19.45 -12.22 -31.15
CA ASN B 1175 -19.93 -13.20 -30.17
C ASN B 1175 -20.95 -14.14 -30.79
N LYS B 1176 -21.76 -13.66 -31.73
CA LYS B 1176 -22.68 -14.54 -32.42
C LYS B 1176 -21.95 -15.48 -33.37
N ILE B 1177 -20.99 -14.95 -34.14
CA ILE B 1177 -20.19 -15.83 -35.01
C ILE B 1177 -19.36 -16.79 -34.16
N GLU B 1178 -18.88 -16.33 -33.01
CA GLU B 1178 -18.28 -17.26 -32.05
C GLU B 1178 -19.30 -18.29 -31.61
N SER B 1179 -20.50 -17.83 -31.27
CA SER B 1179 -21.52 -18.74 -30.75
C SER B 1179 -22.01 -19.70 -31.83
N TYR B 1180 -22.14 -19.24 -33.07
CA TYR B 1180 -22.61 -20.13 -34.12
C TYR B 1180 -21.60 -21.22 -34.44
N LEU B 1181 -20.31 -20.88 -34.45
CA LEU B 1181 -19.33 -21.85 -34.93
C LEU B 1181 -19.13 -23.00 -33.94
N ILE B 1182 -19.26 -22.73 -32.65
CA ILE B 1182 -19.11 -23.81 -31.68
C ILE B 1182 -20.38 -24.64 -31.59
N ASP B 1183 -21.55 -23.99 -31.58
CA ASP B 1183 -22.81 -24.72 -31.56
C ASP B 1183 -22.89 -25.68 -32.74
N ILE B 1184 -22.52 -25.21 -33.93
CA ILE B 1184 -22.62 -26.03 -35.13
C ILE B 1184 -21.62 -27.19 -35.07
N ASN B 1185 -20.36 -26.89 -34.75
CA ASN B 1185 -19.35 -27.95 -34.75
C ASN B 1185 -19.59 -28.93 -33.60
N TRP B 1186 -20.13 -28.47 -32.48
CA TRP B 1186 -20.40 -29.38 -31.38
C TRP B 1186 -21.56 -30.32 -31.70
N LYS B 1187 -22.50 -29.83 -32.50
CA LYS B 1187 -23.68 -30.57 -32.92
C LYS B 1187 -23.50 -31.36 -34.20
N LEU B 1188 -22.36 -31.22 -34.87
CA LEU B 1188 -21.96 -32.14 -35.93
C LEU B 1188 -21.03 -33.20 -35.39
N ALA B 1189 -20.16 -32.84 -34.43
CA ALA B 1189 -19.30 -33.81 -33.78
C ALA B 1189 -20.10 -34.76 -32.88
N ILE B 1190 -21.29 -34.34 -32.44
CA ILE B 1190 -22.19 -35.27 -31.77
C ILE B 1190 -22.52 -36.43 -32.68
N GLN B 1191 -22.85 -36.10 -33.92
CA GLN B 1191 -23.30 -37.06 -34.92
C GLN B 1191 -22.24 -38.08 -35.28
N MSE B 1192 -20.99 -37.65 -35.33
CA MSE B 1192 -19.91 -38.56 -35.68
C MSE B 1192 -19.90 -39.67 -34.65
O MSE B 1192 -19.89 -40.86 -34.98
CB MSE B 1192 -18.57 -37.85 -35.75
CG MSE B 1192 -18.58 -36.67 -36.68
SE MSE B 1192 -19.49 -37.21 -38.29
CE MSE B 1192 -18.01 -37.20 -39.53
N ALA B 1193 -19.86 -39.26 -33.37
CA ALA B 1193 -19.94 -40.22 -32.29
C ALA B 1193 -21.25 -41.00 -32.33
N ARG B 1194 -22.31 -40.41 -32.89
CA ARG B 1194 -23.53 -41.18 -33.13
C ARG B 1194 -23.30 -42.28 -34.14
N PHE B 1195 -22.55 -41.97 -35.21
CA PHE B 1195 -22.30 -42.96 -36.24
C PHE B 1195 -21.34 -44.04 -35.77
N GLU B 1196 -20.35 -43.66 -34.95
CA GLU B 1196 -19.44 -44.65 -34.37
C GLU B 1196 -20.19 -45.63 -33.49
N ARG B 1197 -20.97 -45.10 -32.55
CA ARG B 1197 -21.71 -45.94 -31.61
C ARG B 1197 -22.70 -46.85 -32.32
N ASP B 1198 -23.18 -46.46 -33.52
CA ASP B 1198 -24.09 -47.32 -34.26
C ASP B 1198 -23.36 -48.51 -34.89
N MSE B 1199 -22.16 -48.29 -35.42
CA MSE B 1199 -21.36 -49.36 -36.02
C MSE B 1199 -21.16 -50.51 -35.06
O MSE B 1199 -21.24 -51.67 -35.43
CB MSE B 1199 -20.01 -48.82 -36.50
CG MSE B 1199 -20.12 -47.84 -37.64
SE MSE B 1199 -21.35 -48.49 -39.01
CE MSE B 1199 -20.48 -50.20 -39.40
N HIS B 1200 -20.88 -50.15 -33.80
CA HIS B 1200 -20.86 -51.14 -32.74
C HIS B 1200 -22.18 -51.91 -32.67
N TYR B 1201 -23.30 -51.22 -32.81
CA TYR B 1201 -24.61 -51.89 -32.71
C TYR B 1201 -24.88 -52.77 -33.93
N ILE B 1202 -24.30 -52.43 -35.09
CA ILE B 1202 -24.43 -53.26 -36.28
C ILE B 1202 -23.26 -54.25 -36.31
N VAL B 1203 -22.80 -54.66 -35.13
CA VAL B 1203 -21.89 -55.79 -35.03
C VAL B 1203 -22.39 -56.66 -33.90
N ASN B 1204 -22.60 -56.05 -32.74
CA ASN B 1204 -23.16 -56.76 -31.60
C ASN B 1204 -24.62 -57.11 -31.80
N GLY B 1205 -25.24 -56.66 -32.88
CA GLY B 1205 -26.55 -57.13 -33.28
C GLY B 1205 -26.44 -58.30 -34.24
N LEU B 1206 -25.46 -58.24 -35.14
CA LEU B 1206 -25.21 -59.36 -36.04
C LEU B 1206 -24.56 -60.52 -35.30
N ARG B 1207 -23.61 -60.22 -34.40
CA ARG B 1207 -22.95 -61.27 -33.63
C ARG B 1207 -23.94 -62.01 -32.75
N GLU B 1208 -24.82 -61.28 -32.08
CA GLU B 1208 -25.74 -61.82 -31.11
C GLU B 1208 -26.71 -62.82 -31.72
N LEU B 1209 -27.15 -62.57 -32.93
CA LEU B 1209 -28.06 -63.47 -33.63
C LEU B 1209 -27.33 -64.72 -34.08
N GLY B 1210 -26.38 -64.58 -35.01
CA GLY B 1210 -25.62 -65.71 -35.49
C GLY B 1210 -25.24 -65.58 -36.94
N ILE B 1211 -25.39 -64.38 -37.50
CA ILE B 1211 -25.12 -64.18 -38.92
C ILE B 1211 -23.62 -64.06 -39.17
N ILE B 1212 -22.92 -63.31 -38.34
CA ILE B 1212 -21.47 -63.12 -38.46
C ILE B 1212 -20.82 -63.70 -37.21
N LYS B 1213 -19.70 -64.39 -37.38
CA LYS B 1213 -18.97 -65.01 -36.28
C LYS B 1213 -17.76 -64.15 -35.92
N LEU B 1214 -17.74 -63.64 -34.69
CA LEU B 1214 -16.59 -62.96 -34.14
C LEU B 1214 -15.72 -63.94 -33.37
N SER B 1215 -14.52 -63.49 -32.99
CA SER B 1215 -13.60 -64.34 -32.26
C SER B 1215 -12.61 -63.53 -31.43
N GLY B 1216 -13.12 -62.71 -30.52
CA GLY B 1216 -12.30 -61.93 -29.63
C GLY B 1216 -12.39 -60.44 -29.92
N TYR B 1217 -11.67 -59.68 -29.11
CA TYR B 1217 -11.60 -58.23 -29.25
C TYR B 1217 -10.17 -57.82 -29.56
N ASN B 1218 -10.03 -56.73 -30.29
CA ASN B 1218 -8.72 -56.09 -30.49
C ASN B 1218 -8.67 -54.89 -29.56
N THR B 1219 -8.05 -55.07 -28.40
CA THR B 1219 -8.09 -54.06 -27.35
C THR B 1219 -7.36 -52.80 -27.78
N GLY B 1220 -7.99 -51.65 -27.52
CA GLY B 1220 -7.35 -50.36 -27.75
C GLY B 1220 -7.44 -49.84 -29.16
N ILE B 1221 -8.50 -50.16 -29.91
CA ILE B 1221 -8.56 -49.84 -31.32
C ILE B 1221 -9.86 -49.12 -31.65
N SER B 1222 -10.59 -48.67 -30.62
CA SER B 1222 -11.69 -47.73 -30.79
C SER B 1222 -12.85 -48.22 -31.67
N ARG B 1223 -12.84 -47.85 -32.95
CA ARG B 1223 -14.00 -48.05 -33.81
C ARG B 1223 -14.23 -49.53 -34.09
N ALA B 1224 -15.48 -49.85 -34.44
CA ALA B 1224 -15.98 -51.22 -34.44
C ALA B 1224 -15.95 -51.91 -35.80
N TYR B 1225 -15.56 -51.21 -36.87
CA TYR B 1225 -15.61 -51.92 -38.14
C TYR B 1225 -14.22 -52.01 -38.75
N PRO B 1226 -13.95 -53.07 -39.53
CA PRO B 1226 -12.61 -53.27 -40.07
C PRO B 1226 -12.28 -52.31 -41.21
N LYS B 1227 -10.98 -52.12 -41.41
CA LYS B 1227 -10.44 -51.14 -42.34
C LYS B 1227 -9.89 -51.84 -43.57
N ARG B 1228 -10.14 -51.23 -44.74
CA ARG B 1228 -9.78 -51.85 -46.01
C ARG B 1228 -8.27 -51.85 -46.24
N ASN B 1229 -7.57 -50.84 -45.74
CA ASN B 1229 -6.17 -50.64 -46.08
C ASN B 1229 -5.32 -51.84 -45.65
N GLY B 1230 -4.18 -52.01 -46.32
CA GLY B 1230 -3.22 -53.02 -45.95
C GLY B 1230 -2.83 -52.83 -44.50
N SER B 1231 -2.45 -53.89 -43.78
CA SER B 1231 -2.09 -55.21 -44.32
C SER B 1231 -3.22 -56.04 -44.95
N ASP B 1232 -2.83 -57.17 -45.55
CA ASP B 1232 -3.76 -57.95 -46.36
C ASP B 1232 -4.79 -58.67 -45.50
N GLY B 1233 -4.36 -59.28 -44.40
CA GLY B 1233 -5.30 -59.89 -43.48
C GLY B 1233 -5.85 -58.88 -42.50
N PHE B 1234 -6.77 -58.03 -42.97
CA PHE B 1234 -7.19 -56.88 -42.16
C PHE B 1234 -8.24 -57.24 -41.12
N TYR B 1235 -9.07 -58.26 -41.39
CA TYR B 1235 -10.30 -58.41 -40.62
C TYR B 1235 -10.03 -58.82 -39.18
N THR B 1236 -8.89 -59.46 -38.90
CA THR B 1236 -8.57 -59.87 -37.54
C THR B 1236 -7.82 -58.80 -36.75
N THR B 1237 -7.37 -57.73 -37.41
CA THR B 1237 -6.49 -56.76 -36.77
C THR B 1237 -7.01 -55.33 -36.78
N THR B 1238 -7.58 -54.86 -37.89
CA THR B 1238 -7.90 -53.45 -38.00
C THR B 1238 -9.09 -53.06 -37.12
N ALA B 1239 -10.16 -53.86 -37.12
CA ALA B 1239 -11.34 -53.52 -36.33
C ALA B 1239 -11.09 -53.77 -34.86
N TYR B 1240 -11.87 -53.07 -34.02
CA TYR B 1240 -11.90 -53.40 -32.60
C TYR B 1240 -12.41 -54.80 -32.38
N TYR B 1241 -13.25 -55.29 -33.28
CA TYR B 1241 -13.73 -56.66 -33.24
C TYR B 1241 -12.86 -57.55 -34.12
N LYS B 1242 -12.83 -58.84 -33.80
CA LYS B 1242 -11.85 -59.75 -34.36
C LYS B 1242 -12.31 -60.43 -35.65
N PHE B 1243 -13.60 -60.79 -35.73
CA PHE B 1243 -14.12 -61.59 -36.84
C PHE B 1243 -13.42 -62.94 -36.90
N PHE B 1244 -13.71 -63.73 -37.94
CA PHE B 1244 -13.19 -65.08 -37.97
C PHE B 1244 -12.52 -65.36 -39.32
N ASP B 1245 -13.32 -65.59 -40.34
CA ASP B 1245 -12.83 -65.83 -41.68
C ASP B 1245 -12.95 -64.57 -42.51
N GLU B 1246 -12.37 -64.59 -43.71
CA GLU B 1246 -12.68 -63.54 -44.68
C GLU B 1246 -14.15 -63.56 -45.03
N GLU B 1247 -14.76 -64.75 -45.05
CA GLU B 1247 -16.21 -64.86 -45.24
C GLU B 1247 -16.96 -64.06 -44.19
N SER B 1248 -16.44 -63.99 -42.96
CA SER B 1248 -17.12 -63.26 -41.90
C SER B 1248 -17.22 -61.78 -42.24
N TYR B 1249 -16.12 -61.17 -42.69
CA TYR B 1249 -16.16 -59.78 -43.09
C TYR B 1249 -16.84 -59.60 -44.44
N LYS B 1250 -16.51 -60.44 -45.43
CA LYS B 1250 -17.15 -60.34 -46.73
C LYS B 1250 -18.67 -60.43 -46.60
N LYS B 1251 -19.15 -61.19 -45.61
CA LYS B 1251 -20.56 -61.11 -45.24
C LYS B 1251 -20.87 -59.76 -44.61
N PHE B 1252 -20.25 -59.49 -43.45
CA PHE B 1252 -20.51 -58.27 -42.68
C PHE B 1252 -20.40 -57.01 -43.53
N GLU B 1253 -19.37 -56.93 -44.37
CA GLU B 1253 -19.24 -55.79 -45.27
C GLU B 1253 -20.43 -55.68 -46.21
N LYS B 1254 -20.98 -56.82 -46.64
CA LYS B 1254 -22.14 -56.84 -47.51
C LYS B 1254 -23.45 -56.82 -46.74
N ILE B 1255 -23.43 -57.13 -45.44
CA ILE B 1255 -24.63 -56.95 -44.62
C ILE B 1255 -24.92 -55.45 -44.45
N CYS B 1256 -23.89 -54.67 -44.12
CA CYS B 1256 -24.07 -53.23 -43.96
C CYS B 1256 -24.19 -52.52 -45.29
N TYR B 1257 -23.80 -53.15 -46.40
CA TYR B 1257 -24.16 -52.60 -47.70
C TYR B 1257 -25.65 -52.77 -47.97
N GLY B 1258 -26.28 -53.66 -47.22
CA GLY B 1258 -27.67 -53.96 -47.42
C GLY B 1258 -28.41 -52.68 -47.20
N PHE B 1259 -27.91 -51.91 -46.25
CA PHE B 1259 -28.55 -50.69 -45.80
C PHE B 1259 -27.88 -49.39 -46.23
N GLY B 1260 -26.90 -49.46 -47.13
CA GLY B 1260 -26.25 -48.24 -47.59
C GLY B 1260 -25.10 -47.73 -46.77
N ILE B 1261 -24.57 -48.56 -45.87
CA ILE B 1261 -23.31 -48.22 -45.28
C ILE B 1261 -22.33 -48.99 -46.11
N ASP B 1262 -21.46 -48.26 -46.81
CA ASP B 1262 -20.57 -48.85 -47.78
C ASP B 1262 -19.22 -49.04 -47.10
N LEU B 1263 -18.84 -50.29 -46.90
CA LEU B 1263 -17.52 -50.63 -46.41
C LEU B 1263 -16.79 -51.49 -47.43
N SER B 1264 -17.52 -51.88 -48.47
CA SER B 1264 -17.01 -52.80 -49.48
C SER B 1264 -15.83 -52.25 -50.27
N GLU B 1265 -15.99 -51.02 -50.71
CA GLU B 1265 -14.97 -50.32 -51.48
C GLU B 1265 -13.96 -49.78 -50.47
N ASN B 1266 -12.83 -49.22 -50.89
CA ASN B 1266 -12.64 -48.54 -52.15
C ASN B 1266 -13.55 -47.33 -52.15
N SER B 1267 -13.79 -46.81 -50.95
CA SER B 1267 -14.79 -45.78 -50.66
C SER B 1267 -16.17 -46.38 -50.37
N GLU B 1268 -17.17 -45.52 -50.17
CA GLU B 1268 -16.98 -44.10 -49.94
C GLU B 1268 -16.41 -43.71 -48.57
N ILE B 1269 -16.66 -44.59 -47.61
CA ILE B 1269 -16.82 -44.19 -46.22
C ILE B 1269 -15.64 -43.67 -45.39
N ASN B 1270 -14.43 -44.21 -45.48
CA ASN B 1270 -13.96 -45.24 -46.42
C ASN B 1270 -13.40 -44.77 -47.76
N LYS B 1271 -13.29 -43.46 -47.96
CA LYS B 1271 -12.46 -42.92 -49.01
C LYS B 1271 -11.45 -41.96 -48.38
N PRO B 1272 -10.15 -42.23 -48.52
CA PRO B 1272 -9.20 -41.34 -47.82
C PRO B 1272 -9.39 -39.88 -48.18
N GLU B 1273 -9.85 -39.57 -49.38
CA GLU B 1273 -10.25 -38.20 -49.65
C GLU B 1273 -11.46 -37.85 -48.76
N ASN B 1274 -12.38 -38.80 -48.63
CA ASN B 1274 -13.56 -38.68 -47.80
C ASN B 1274 -13.28 -38.57 -46.31
N GLU B 1275 -12.32 -39.36 -45.85
CA GLU B 1275 -12.06 -39.53 -44.43
C GLU B 1275 -11.66 -38.23 -43.77
N SER B 1276 -11.00 -37.37 -44.52
CA SER B 1276 -10.45 -36.17 -43.92
C SER B 1276 -11.58 -35.38 -43.29
N ILE B 1277 -12.75 -35.39 -43.93
CA ILE B 1277 -13.86 -34.62 -43.39
C ILE B 1277 -14.26 -35.12 -42.01
N ARG B 1278 -14.28 -36.43 -41.82
CA ARG B 1278 -14.67 -37.06 -40.56
C ARG B 1278 -13.74 -36.70 -39.41
N ASN B 1279 -12.45 -36.75 -39.66
CA ASN B 1279 -11.45 -36.29 -38.70
C ASN B 1279 -11.52 -34.77 -38.54
N TYR B 1280 -11.83 -34.06 -39.64
CA TYR B 1280 -11.93 -32.61 -39.63
C TYR B 1280 -12.96 -32.14 -38.60
N ILE B 1281 -14.16 -32.75 -38.62
CA ILE B 1281 -15.22 -32.29 -37.73
C ILE B 1281 -14.93 -32.69 -36.29
N SER B 1282 -14.55 -33.96 -36.07
CA SER B 1282 -14.34 -34.44 -34.71
C SER B 1282 -13.22 -33.69 -34.01
N HIS B 1283 -12.14 -33.39 -34.75
CA HIS B 1283 -11.02 -32.65 -34.17
C HIS B 1283 -11.29 -31.15 -34.11
N PHE B 1284 -12.51 -30.72 -34.44
CA PHE B 1284 -12.94 -29.33 -34.27
C PHE B 1284 -12.11 -28.37 -35.14
N TYR B 1285 -12.15 -28.62 -36.46
CA TYR B 1285 -11.50 -27.70 -37.38
C TYR B 1285 -12.41 -26.58 -37.83
N ILE B 1286 -13.71 -26.71 -37.62
CA ILE B 1286 -14.64 -25.63 -37.97
C ILE B 1286 -14.45 -24.45 -37.02
N VAL B 1287 -14.26 -24.72 -35.72
CA VAL B 1287 -14.08 -23.65 -34.76
C VAL B 1287 -12.68 -23.07 -34.82
N ARG B 1288 -11.68 -23.92 -34.96
CA ARG B 1288 -10.29 -23.47 -35.13
C ARG B 1288 -9.93 -22.81 -36.46
N ASN B 1289 -10.39 -23.39 -37.56
CA ASN B 1289 -9.98 -23.00 -38.90
C ASN B 1289 -11.19 -22.88 -39.82
N PRO B 1290 -12.02 -21.78 -39.61
CA PRO B 1290 -13.37 -21.99 -40.14
C PRO B 1290 -13.57 -22.24 -41.63
N PHE B 1291 -12.92 -21.50 -42.52
CA PHE B 1291 -13.34 -21.56 -43.91
C PHE B 1291 -12.46 -22.27 -44.94
N ALA B 1292 -11.45 -22.98 -44.47
CA ALA B 1292 -10.62 -23.75 -45.35
C ALA B 1292 -11.29 -25.02 -45.86
N ASP B 1293 -10.99 -25.39 -47.10
CA ASP B 1293 -11.37 -26.68 -47.66
C ASP B 1293 -12.85 -26.87 -47.98
N TYR B 1294 -13.72 -26.75 -46.98
CA TYR B 1294 -15.13 -27.04 -47.21
C TYR B 1294 -16.10 -26.03 -46.62
N SER B 1295 -17.18 -25.74 -47.35
CA SER B 1295 -18.21 -24.90 -46.78
C SER B 1295 -18.93 -25.64 -45.67
N ILE B 1296 -19.31 -24.91 -44.62
CA ILE B 1296 -20.01 -25.54 -43.51
C ILE B 1296 -21.34 -26.12 -43.98
N ALA B 1297 -21.90 -25.58 -45.06
CA ALA B 1297 -23.06 -26.22 -45.68
C ALA B 1297 -22.67 -27.49 -46.41
N GLU B 1298 -21.43 -27.55 -46.92
CA GLU B 1298 -20.96 -28.78 -47.57
C GLU B 1298 -20.79 -29.91 -46.58
N GLN B 1299 -20.43 -29.59 -45.33
CA GLN B 1299 -20.33 -30.62 -44.29
C GLN B 1299 -21.72 -31.08 -43.84
N ILE B 1300 -22.63 -30.14 -43.62
CA ILE B 1300 -23.95 -30.48 -43.11
C ILE B 1300 -24.66 -31.48 -44.00
N ASP B 1301 -24.43 -31.40 -45.32
CA ASP B 1301 -25.01 -32.37 -46.24
C ASP B 1301 -24.24 -33.69 -46.23
N ARG B 1302 -22.92 -33.64 -46.06
CA ARG B 1302 -22.15 -34.87 -46.08
C ARG B 1302 -22.39 -35.73 -44.84
N VAL B 1303 -22.66 -35.10 -43.70
CA VAL B 1303 -22.95 -35.90 -42.52
C VAL B 1303 -24.40 -36.38 -42.53
N SER B 1304 -25.32 -35.62 -43.10
CA SER B 1304 -26.70 -36.07 -43.16
C SER B 1304 -26.86 -37.27 -44.09
N ASN B 1305 -25.98 -37.39 -45.09
CA ASN B 1305 -25.96 -38.59 -45.92
C ASN B 1305 -25.34 -39.77 -45.16
N LEU B 1306 -24.34 -39.47 -44.34
CA LEU B 1306 -23.68 -40.52 -43.56
C LEU B 1306 -24.60 -41.17 -42.54
N LEU B 1307 -25.74 -40.52 -42.25
CA LEU B 1307 -26.74 -41.06 -41.35
C LEU B 1307 -27.94 -41.62 -42.10
N SER B 1308 -27.89 -41.68 -43.43
CA SER B 1308 -29.04 -42.07 -44.23
C SER B 1308 -29.33 -43.56 -44.19
N TYR B 1309 -28.61 -44.34 -43.38
CA TYR B 1309 -28.92 -45.76 -43.25
C TYR B 1309 -30.14 -46.03 -42.39
N SER B 1310 -30.59 -45.05 -41.62
CA SER B 1310 -31.77 -45.17 -40.78
C SER B 1310 -32.67 -43.98 -41.01
N THR B 1311 -33.95 -44.24 -41.29
CA THR B 1311 -34.91 -43.16 -41.48
C THR B 1311 -35.26 -42.46 -40.17
N ARG B 1312 -34.80 -42.99 -39.03
CA ARG B 1312 -34.86 -42.24 -37.78
C ARG B 1312 -34.06 -40.95 -37.89
N TYR B 1313 -32.95 -40.98 -38.61
CA TYR B 1313 -32.08 -39.83 -38.78
C TYR B 1313 -32.44 -38.98 -39.99
N ASN B 1314 -33.61 -39.18 -40.57
CA ASN B 1314 -34.02 -38.38 -41.73
C ASN B 1314 -34.15 -36.92 -41.32
N ASN B 1315 -33.33 -36.07 -41.92
CA ASN B 1315 -33.23 -34.65 -41.59
C ASN B 1315 -32.85 -34.43 -40.13
N SER B 1316 -32.25 -35.43 -39.49
CA SER B 1316 -31.81 -35.26 -38.10
C SER B 1316 -30.68 -34.25 -38.02
N THR B 1317 -29.76 -34.27 -38.98
CA THR B 1317 -28.67 -33.31 -38.99
C THR B 1317 -29.18 -31.91 -39.26
N TYR B 1318 -29.97 -31.72 -40.33
CA TYR B 1318 -30.47 -30.39 -40.66
C TYR B 1318 -31.30 -29.82 -39.52
N ALA B 1319 -32.26 -30.59 -39.01
CA ALA B 1319 -33.14 -30.10 -37.98
C ALA B 1319 -32.36 -29.71 -36.72
N SER B 1320 -31.24 -30.38 -36.47
CA SER B 1320 -30.44 -30.03 -35.31
C SER B 1320 -29.54 -28.83 -35.57
N VAL B 1321 -29.07 -28.66 -36.80
CA VAL B 1321 -28.14 -27.58 -37.09
C VAL B 1321 -28.87 -26.24 -37.13
N PHE B 1322 -29.95 -26.16 -37.91
CA PHE B 1322 -30.66 -24.90 -38.05
C PHE B 1322 -31.32 -24.42 -36.76
N GLU B 1323 -31.42 -25.28 -35.74
CA GLU B 1323 -31.85 -24.82 -34.43
C GLU B 1323 -30.76 -24.07 -33.70
N VAL B 1324 -29.60 -23.85 -34.33
CA VAL B 1324 -28.60 -22.96 -33.75
C VAL B 1324 -29.01 -21.50 -33.95
N PHE B 1325 -29.68 -21.20 -35.05
CA PHE B 1325 -30.09 -19.85 -35.38
C PHE B 1325 -31.52 -19.55 -34.96
N LYS B 1326 -32.17 -20.47 -34.26
CA LYS B 1326 -33.55 -20.31 -33.78
C LYS B 1326 -33.74 -18.95 -33.11
N LYS B 1327 -32.68 -18.49 -32.45
CA LYS B 1327 -32.75 -17.25 -31.68
C LYS B 1327 -32.76 -16.02 -32.57
N ASP B 1328 -32.33 -16.13 -33.83
CA ASP B 1328 -32.04 -14.96 -34.63
C ASP B 1328 -32.74 -14.94 -35.99
N VAL B 1329 -33.52 -15.96 -36.33
CA VAL B 1329 -34.31 -15.98 -37.55
C VAL B 1329 -35.66 -16.64 -37.25
N ASN B 1330 -36.47 -16.84 -38.29
CA ASN B 1330 -37.82 -17.37 -38.14
C ASN B 1330 -37.91 -18.70 -38.91
N LEU B 1331 -37.28 -19.74 -38.36
CA LEU B 1331 -37.17 -21.04 -39.02
C LEU B 1331 -38.50 -21.49 -39.63
N ASP B 1332 -38.48 -21.75 -40.94
CA ASP B 1332 -39.65 -22.26 -41.65
C ASP B 1332 -39.67 -23.77 -41.48
N TYR B 1333 -40.26 -24.23 -40.38
CA TYR B 1333 -40.17 -25.64 -40.02
C TYR B 1333 -40.88 -26.52 -41.04
N ASP B 1334 -41.93 -26.01 -41.69
CA ASP B 1334 -42.64 -26.83 -42.68
C ASP B 1334 -41.74 -27.15 -43.88
N GLU B 1335 -40.92 -26.18 -44.30
CA GLU B 1335 -39.97 -26.44 -45.38
C GLU B 1335 -38.82 -27.32 -44.94
N LEU B 1336 -38.64 -27.50 -43.63
CA LEU B 1336 -37.54 -28.30 -43.11
C LEU B 1336 -37.88 -29.78 -43.05
N LYS B 1337 -39.17 -30.14 -43.02
CA LYS B 1337 -39.57 -31.54 -42.99
C LYS B 1337 -39.43 -32.22 -44.35
N LYS B 1338 -39.32 -31.45 -45.43
CA LYS B 1338 -39.28 -32.00 -46.78
C LYS B 1338 -37.84 -32.19 -47.24
N LYS B 1339 -37.66 -33.14 -48.16
CA LYS B 1339 -36.33 -33.54 -48.58
C LYS B 1339 -35.61 -32.43 -49.35
N PHE B 1340 -34.33 -32.24 -49.04
CA PHE B 1340 -33.48 -31.31 -49.77
C PHE B 1340 -32.03 -31.61 -49.43
N LYS B 1341 -31.12 -30.98 -50.17
CA LYS B 1341 -29.73 -30.88 -49.78
C LYS B 1341 -29.26 -29.47 -50.11
N LEU B 1342 -28.46 -28.88 -49.21
CA LEU B 1342 -28.00 -27.51 -49.43
C LEU B 1342 -26.80 -27.47 -50.36
N ILE B 1343 -25.84 -28.37 -50.14
CA ILE B 1343 -24.52 -28.20 -50.74
C ILE B 1343 -24.54 -28.22 -52.25
N GLY B 1344 -25.29 -29.13 -52.84
CA GLY B 1344 -25.32 -29.27 -54.28
C GLY B 1344 -26.50 -28.57 -54.94
N ASN B 1345 -26.24 -27.43 -55.55
CA ASN B 1345 -27.24 -26.65 -56.31
C ASN B 1345 -28.37 -26.28 -55.33
N ASN B 1346 -29.61 -26.40 -55.78
CA ASN B 1346 -30.80 -26.05 -55.01
C ASN B 1346 -30.98 -24.56 -54.73
N ASP B 1347 -30.27 -23.75 -55.47
CA ASP B 1347 -30.03 -22.35 -55.18
C ASP B 1347 -31.31 -21.64 -54.77
N ILE B 1348 -31.16 -20.66 -53.88
CA ILE B 1348 -32.32 -19.95 -53.37
C ILE B 1348 -33.28 -20.84 -52.61
N LEU B 1349 -32.75 -21.93 -52.08
CA LEU B 1349 -33.53 -22.86 -51.29
C LEU B 1349 -34.03 -22.17 -50.07
N GLU B 1350 -33.25 -21.21 -49.59
CA GLU B 1350 -33.37 -20.73 -48.24
C GLU B 1350 -34.52 -19.76 -48.07
N ARG B 1351 -35.70 -20.33 -48.14
CA ARG B 1351 -36.88 -19.83 -47.47
C ARG B 1351 -37.03 -20.58 -46.15
N LEU B 1352 -36.05 -21.41 -45.82
CA LEU B 1352 -36.03 -22.14 -44.54
C LEU B 1352 -35.94 -21.15 -43.42
N MSE B 1353 -35.09 -20.16 -43.61
CA MSE B 1353 -34.92 -19.11 -42.65
C MSE B 1353 -35.38 -17.90 -43.36
O MSE B 1353 -34.95 -17.63 -44.49
CB MSE B 1353 -33.46 -18.91 -42.25
CG MSE B 1353 -32.46 -19.97 -42.69
SE MSE B 1353 -30.68 -19.47 -42.02
CE MSE B 1353 -31.32 -18.60 -40.38
N LYS B 1354 -36.24 -17.14 -42.72
CA LYS B 1354 -36.70 -15.91 -43.31
C LYS B 1354 -36.50 -14.89 -42.22
N PRO B 1355 -36.36 -13.55 -42.63
CA PRO B 1355 -35.98 -12.65 -41.53
C PRO B 1355 -36.99 -12.70 -40.41
N LYS B 1356 -36.49 -12.67 -39.18
CA LYS B 1356 -37.32 -12.81 -38.00
C LYS B 1356 -38.21 -11.61 -37.73
N LYS B 1357 -39.36 -11.89 -37.15
CA LYS B 1357 -40.39 -10.89 -36.92
C LYS B 1357 -40.80 -10.93 -35.45
N VAL B 1358 -41.18 -9.79 -34.92
CA VAL B 1358 -41.39 -9.69 -33.51
C VAL B 1358 -42.40 -8.60 -33.22
N SER B 1359 -42.77 -8.50 -31.94
CA SER B 1359 -43.92 -7.78 -31.48
C SER B 1359 -45.03 -8.67 -31.93
N VAL B 1360 -46.26 -8.31 -31.64
CA VAL B 1360 -47.38 -9.11 -32.12
C VAL B 1360 -47.90 -8.45 -33.40
N LEU B 1361 -47.00 -7.78 -34.10
CA LEU B 1361 -47.35 -7.06 -35.30
C LEU B 1361 -46.41 -7.49 -36.40
N GLU B 1362 -45.58 -8.46 -36.08
CA GLU B 1362 -44.67 -9.10 -37.01
C GLU B 1362 -43.61 -8.15 -37.56
N LEU B 1363 -43.08 -7.28 -36.70
CA LEU B 1363 -42.06 -6.32 -37.11
C LEU B 1363 -40.76 -6.99 -37.54
N GLU B 1364 -40.04 -6.34 -38.45
CA GLU B 1364 -38.81 -6.87 -39.00
C GLU B 1364 -37.78 -7.08 -37.92
N SER B 1365 -37.73 -6.13 -36.98
CA SER B 1365 -36.96 -6.25 -35.74
C SER B 1365 -35.53 -5.75 -35.78
N TYR B 1366 -35.05 -5.32 -36.93
CA TYR B 1366 -33.70 -4.78 -37.06
C TYR B 1366 -32.76 -5.92 -37.32
N ASN B 1367 -31.90 -5.76 -38.29
CA ASN B 1367 -30.87 -6.73 -38.57
C ASN B 1367 -31.46 -8.07 -38.85
N SER B 1368 -32.70 -8.09 -39.34
CA SER B 1368 -33.26 -9.32 -39.86
C SER B 1368 -32.57 -9.72 -41.15
N ASP B 1369 -32.40 -8.73 -42.03
CA ASP B 1369 -31.70 -8.89 -43.29
C ASP B 1369 -30.21 -9.16 -43.10
N TYR B 1370 -29.60 -8.52 -42.12
CA TYR B 1370 -28.16 -8.60 -41.91
C TYR B 1370 -27.77 -9.93 -41.27
N ILE B 1371 -28.34 -10.24 -40.10
CA ILE B 1371 -27.96 -11.46 -39.41
C ILE B 1371 -28.32 -12.69 -40.23
N LYS B 1372 -29.44 -12.63 -40.96
CA LYS B 1372 -29.83 -13.77 -41.79
C LYS B 1372 -28.89 -13.94 -42.96
N ASN B 1373 -28.53 -12.84 -43.63
CA ASN B 1373 -27.56 -12.93 -44.71
C ASN B 1373 -26.17 -13.23 -44.17
N LEU B 1374 -25.85 -12.68 -43.00
CA LEU B 1374 -24.57 -13.00 -42.36
C LEU B 1374 -24.45 -14.50 -42.10
N ILE B 1375 -25.56 -15.13 -41.69
CA ILE B 1375 -25.59 -16.59 -41.58
C ILE B 1375 -25.39 -17.22 -42.95
N ILE B 1376 -26.10 -16.70 -43.95
CA ILE B 1376 -26.00 -17.25 -45.30
C ILE B 1376 -24.56 -17.21 -45.80
N GLU B 1377 -23.84 -16.11 -45.52
CA GLU B 1377 -22.44 -16.04 -45.89
C GLU B 1377 -21.61 -17.06 -45.12
N LEU B 1378 -21.90 -17.25 -43.82
CA LEU B 1378 -21.08 -18.11 -42.98
C LEU B 1378 -21.17 -19.57 -43.43
N LEU B 1379 -22.37 -20.02 -43.81
CA LEU B 1379 -22.53 -21.40 -44.25
C LEU B 1379 -21.91 -21.61 -45.63
N THR B 1380 -22.14 -20.68 -46.55
CA THR B 1380 -21.67 -20.79 -47.93
C THR B 1380 -20.24 -20.32 -48.11
N LYS B 1381 -19.60 -19.79 -47.07
CA LYS B 1381 -18.21 -19.36 -47.17
C LYS B 1381 -17.31 -20.57 -47.37
N ILE B 1382 -16.45 -20.51 -48.38
CA ILE B 1382 -15.63 -21.66 -48.78
C ILE B 1382 -14.16 -21.27 -48.83
N GLU B 1383 -13.82 -20.09 -49.31
CA GLU B 1383 -12.40 -19.82 -49.38
C GLU B 1383 -11.92 -18.95 -48.26
#